data_8F9X
#
_entry.id   8F9X
#
_cell.length_a   68.080
_cell.length_b   68.080
_cell.length_c   446.501
_cell.angle_alpha   90.00
_cell.angle_beta   90.00
_cell.angle_gamma   120.00
#
_symmetry.space_group_name_H-M   'P 32'
#
loop_
_entity.id
_entity.type
_entity.pdbx_description
1 polymer 'Cyclase family protein'
2 non-polymer 'ZINC ION'
3 non-polymer 2-[BIS-(2-HYDROXY-ETHYL)-AMINO]-2-HYDROXYMETHYL-PROPANE-1,3-DIOL
4 non-polymer 1,2-ETHANEDIOL
5 non-polymer 2-AMINO-2-HYDROXYMETHYL-PROPANE-1,3-DIOL
6 non-polymer 'TETRAETHYLENE GLYCOL'
7 water water
#
_entity_poly.entity_id   1
_entity_poly.type   'polypeptide(L)'
_entity_poly.pdbx_seq_one_letter_code
;MAGIGEVRDMTHVYDADFPTYFGAPGIEAVQNFNFKEHGFNLFTLTLNEHTGTHVDAPLHFSADGQSVDEIPVGNLVCPL
CVVHIHEKAAADADAQVTPDDLKAWISAHGPIPDGACVAMHSGWAGKTGGAGYRNADSEGKMHFPGFHVEAAQMLIEETG
AVAMAVDTLSLDHGPSADFATHYAWLPTNRYGIENLANLDKVPASGATLIVGAPNHRGGSGGPARIFAMV
;
_entity_poly.pdbx_strand_id   A,B,C,D,E,F,G,H,I,J
#
loop_
_chem_comp.id
_chem_comp.type
_chem_comp.name
_chem_comp.formula
BTB non-polymer 2-[BIS-(2-HYDROXY-ETHYL)-AMINO]-2-HYDROXYMETHYL-PROPANE-1,3-DIOL 'C8 H19 N O5'
EDO non-polymer 1,2-ETHANEDIOL 'C2 H6 O2'
PG4 non-polymer 'TETRAETHYLENE GLYCOL' 'C8 H18 O5'
TRS non-polymer 2-AMINO-2-HYDROXYMETHYL-PROPANE-1,3-DIOL 'C4 H12 N O3 1'
ZN non-polymer 'ZINC ION' 'Zn 2'
#
# COMPACT_ATOMS: atom_id res chain seq x y z
N MET A 1 -4.13 0.73 -2.62
CA MET A 1 -3.04 -0.24 -2.72
C MET A 1 -2.69 -0.50 -4.19
N ALA A 2 -1.42 -0.24 -4.54
CA ALA A 2 -0.95 -0.42 -5.91
C ALA A 2 0.39 -1.12 -5.89
N GLY A 3 0.55 -2.10 -6.78
CA GLY A 3 1.80 -2.84 -6.85
C GLY A 3 2.10 -3.70 -5.66
N ILE A 4 1.13 -3.94 -4.78
CA ILE A 4 1.34 -4.74 -3.58
C ILE A 4 1.33 -6.21 -3.98
N GLY A 5 2.50 -6.85 -3.91
CA GLY A 5 2.62 -8.25 -4.24
C GLY A 5 2.56 -9.14 -3.02
N GLU A 6 3.56 -9.04 -2.15
CA GLU A 6 3.62 -9.81 -0.93
C GLU A 6 4.22 -8.95 0.18
N VAL A 7 4.17 -9.47 1.40
CA VAL A 7 4.74 -8.81 2.57
C VAL A 7 5.67 -9.79 3.27
N ARG A 8 6.86 -9.32 3.65
CA ARG A 8 7.85 -10.16 4.30
C ARG A 8 7.97 -9.79 5.76
N ASP A 9 8.03 -10.81 6.61
CA ASP A 9 8.20 -10.62 8.05
C ASP A 9 9.67 -10.39 8.36
N MET A 10 9.98 -9.27 9.00
CA MET A 10 11.35 -8.90 9.34
C MET A 10 11.68 -9.22 10.80
N THR A 11 10.98 -10.20 11.37
CA THR A 11 11.08 -10.50 12.80
C THR A 11 11.61 -11.91 13.01
N HIS A 12 12.45 -12.06 14.03
CA HIS A 12 12.88 -13.36 14.50
C HIS A 12 11.91 -13.89 15.54
N VAL A 13 11.85 -15.21 15.65
CA VAL A 13 11.07 -15.86 16.70
C VAL A 13 11.98 -15.96 17.92
N TYR A 14 11.65 -15.20 18.96
CA TYR A 14 12.47 -15.11 20.15
C TYR A 14 11.93 -16.01 21.25
N ASP A 15 12.84 -16.65 21.98
CA ASP A 15 12.50 -17.50 23.11
C ASP A 15 13.58 -17.32 24.18
N ALA A 16 13.58 -18.21 25.18
CA ALA A 16 14.53 -18.11 26.27
C ALA A 16 15.96 -18.36 25.83
N ASP A 17 16.16 -19.07 24.72
CA ASP A 17 17.49 -19.38 24.21
C ASP A 17 17.88 -18.48 23.05
N PHE A 18 17.59 -17.19 23.13
CA PHE A 18 17.88 -16.25 22.07
C PHE A 18 19.06 -15.35 22.43
N PRO A 19 19.89 -14.98 21.46
CA PRO A 19 21.07 -14.15 21.77
C PRO A 19 20.66 -12.77 22.25
N THR A 20 21.25 -12.34 23.36
CA THR A 20 21.05 -11.01 23.90
C THR A 20 22.40 -10.34 24.12
N TYR A 21 22.38 -9.01 24.24
CA TYR A 21 23.62 -8.27 24.43
C TYR A 21 24.31 -8.69 25.73
N PHE A 22 23.54 -8.99 26.77
CA PHE A 22 24.10 -9.39 28.05
C PHE A 22 24.43 -10.87 28.14
N GLY A 23 23.76 -11.71 27.35
CA GLY A 23 24.08 -13.12 27.33
C GLY A 23 23.32 -13.97 28.31
N ALA A 24 22.08 -13.61 28.63
CA ALA A 24 21.23 -14.36 29.54
C ALA A 24 19.87 -14.56 28.90
N PRO A 25 19.11 -15.57 29.32
CA PRO A 25 17.75 -15.75 28.80
C PRO A 25 16.88 -14.53 29.05
N GLY A 26 16.58 -13.79 27.99
CA GLY A 26 15.80 -12.57 28.10
C GLY A 26 14.32 -12.74 28.29
N ILE A 27 13.83 -13.97 28.44
CA ILE A 27 12.41 -14.22 28.65
C ILE A 27 12.26 -15.59 29.31
N GLU A 28 11.34 -15.67 30.27
CA GLU A 28 11.04 -16.90 30.98
C GLU A 28 9.53 -17.07 31.00
N ALA A 29 9.03 -17.97 30.16
CA ALA A 29 7.60 -18.22 30.07
C ALA A 29 7.18 -19.30 31.07
N VAL A 30 5.94 -19.21 31.54
CA VAL A 30 5.36 -20.20 32.44
C VAL A 30 3.90 -20.39 32.06
N GLN A 31 3.55 -21.62 31.69
CA GLN A 31 2.18 -21.95 31.30
C GLN A 31 1.33 -22.12 32.56
N ASN A 32 0.52 -21.10 32.87
CA ASN A 32 -0.32 -21.17 34.06
C ASN A 32 -1.43 -22.20 33.88
N PHE A 33 -2.31 -21.99 32.91
CA PHE A 33 -3.39 -22.92 32.60
C PHE A 33 -3.02 -23.73 31.37
N ASN A 34 -3.32 -25.02 31.42
CA ASN A 34 -3.12 -25.91 30.29
C ASN A 34 -4.47 -26.36 29.75
N PHE A 35 -4.45 -26.84 28.49
CA PHE A 35 -5.71 -27.18 27.83
C PHE A 35 -6.37 -28.39 28.46
N LYS A 36 -5.59 -29.36 28.92
CA LYS A 36 -6.17 -30.59 29.43
C LYS A 36 -6.76 -30.40 30.83
N GLU A 37 -6.01 -29.78 31.73
CA GLU A 37 -6.44 -29.62 33.11
C GLU A 37 -7.25 -28.35 33.35
N HIS A 38 -7.30 -27.42 32.39
CA HIS A 38 -8.02 -26.18 32.61
C HIS A 38 -8.90 -25.75 31.43
N GLY A 39 -8.77 -26.37 30.26
CA GLY A 39 -9.61 -26.05 29.12
C GLY A 39 -8.99 -25.10 28.12
N PHE A 40 -7.96 -24.34 28.52
CA PHE A 40 -7.34 -23.38 27.62
C PHE A 40 -5.88 -23.20 28.04
N ASN A 41 -5.09 -22.65 27.12
CA ASN A 41 -3.68 -22.39 27.35
C ASN A 41 -3.44 -20.91 27.56
N LEU A 42 -2.60 -20.57 28.54
CA LEU A 42 -2.27 -19.19 28.83
C LEU A 42 -0.91 -19.17 29.51
N PHE A 43 -0.01 -18.33 29.00
CA PHE A 43 1.35 -18.22 29.52
C PHE A 43 1.54 -16.87 30.22
N THR A 44 2.46 -16.85 31.16
CA THR A 44 2.90 -15.62 31.82
C THR A 44 4.34 -15.35 31.43
N LEU A 45 4.59 -14.20 30.81
CA LEU A 45 5.88 -13.88 30.23
C LEU A 45 6.63 -12.91 31.15
N THR A 46 7.75 -13.35 31.70
CA THR A 46 8.69 -12.50 32.41
C THR A 46 9.88 -12.29 31.49
N LEU A 47 9.99 -11.11 30.91
CA LEU A 47 10.93 -10.88 29.82
C LEU A 47 11.61 -9.52 29.98
N ASN A 48 12.77 -9.40 29.34
CA ASN A 48 13.47 -8.14 29.21
C ASN A 48 12.98 -7.42 27.96
N GLU A 49 13.08 -6.09 27.97
CA GLU A 49 12.60 -5.31 26.84
C GLU A 49 13.44 -5.52 25.60
N HIS A 50 14.75 -5.52 25.74
CA HIS A 50 15.65 -5.63 24.60
C HIS A 50 15.95 -7.11 24.32
N THR A 51 14.92 -7.78 23.81
CA THR A 51 14.99 -9.19 23.44
C THR A 51 14.41 -9.39 22.05
N GLY A 52 15.11 -10.16 21.24
CA GLY A 52 14.67 -10.40 19.87
C GLY A 52 14.62 -9.11 19.07
N THR A 53 13.83 -9.16 17.99
CA THR A 53 13.59 -7.97 17.18
C THR A 53 12.81 -6.96 18.01
N HIS A 54 13.50 -5.97 18.55
CA HIS A 54 12.91 -4.97 19.42
C HIS A 54 13.28 -3.58 18.94
N VAL A 55 12.70 -2.57 19.60
CA VAL A 55 12.89 -1.18 19.25
C VAL A 55 13.38 -0.43 20.47
N ASP A 56 14.49 0.29 20.33
CA ASP A 56 15.00 1.13 21.40
C ASP A 56 14.27 2.46 21.37
N ALA A 57 13.48 2.73 22.41
CA ALA A 57 12.80 4.01 22.51
C ALA A 57 13.80 5.11 22.85
N PRO A 58 13.48 6.36 22.55
CA PRO A 58 14.36 7.48 22.97
C PRO A 58 14.66 7.48 24.45
N LEU A 59 13.71 7.06 25.29
CA LEU A 59 13.94 6.99 26.73
C LEU A 59 14.96 5.92 27.13
N HIS A 60 15.35 5.04 26.20
CA HIS A 60 16.32 4.01 26.52
C HIS A 60 17.67 4.60 26.88
N PHE A 61 17.99 5.77 26.34
CA PHE A 61 19.29 6.41 26.59
C PHE A 61 19.13 7.91 26.79
N SER A 62 18.08 8.31 27.51
CA SER A 62 17.84 9.73 27.78
C SER A 62 17.16 9.84 29.14
N ALA A 63 16.83 11.08 29.51
CA ALA A 63 16.19 11.35 30.80
C ALA A 63 14.67 11.39 30.68
N ASP A 64 14.14 12.19 29.75
CA ASP A 64 12.70 12.33 29.58
C ASP A 64 12.31 12.15 28.11
N GLY A 65 13.11 11.41 27.35
CA GLY A 65 12.80 11.16 25.96
C GLY A 65 11.54 10.32 25.79
N GLN A 66 11.12 10.19 24.54
CA GLN A 66 9.92 9.44 24.23
C GLN A 66 10.03 7.99 24.67
N SER A 67 8.92 7.44 25.14
CA SER A 67 8.81 6.02 25.46
C SER A 67 8.19 5.29 24.28
N VAL A 68 8.10 3.96 24.40
CA VAL A 68 7.59 3.15 23.29
C VAL A 68 6.16 3.53 22.95
N ASP A 69 5.36 3.91 23.96
CA ASP A 69 3.99 4.34 23.72
C ASP A 69 3.90 5.77 23.20
N GLU A 70 4.96 6.56 23.34
CA GLU A 70 4.97 7.93 22.90
C GLU A 70 5.51 8.11 21.48
N ILE A 71 5.99 7.03 20.85
CA ILE A 71 6.45 7.09 19.47
C ILE A 71 5.23 7.29 18.57
N PRO A 72 5.21 8.32 17.74
CA PRO A 72 4.04 8.56 16.87
C PRO A 72 3.84 7.41 15.89
N VAL A 73 2.57 7.11 15.61
CA VAL A 73 2.25 6.05 14.66
C VAL A 73 2.80 6.38 13.28
N GLY A 74 2.82 7.66 12.91
CA GLY A 74 3.41 8.06 11.65
C GLY A 74 4.89 7.76 11.57
N ASN A 75 5.60 7.86 12.69
CA ASN A 75 7.01 7.52 12.75
C ASN A 75 7.25 6.01 12.76
N LEU A 76 6.18 5.20 12.76
CA LEU A 76 6.32 3.76 12.68
C LEU A 76 6.23 3.25 11.24
N VAL A 77 5.54 3.99 10.37
CA VAL A 77 5.47 3.68 8.95
C VAL A 77 6.46 4.59 8.24
N CYS A 78 7.55 4.02 7.73
CA CYS A 78 8.64 4.80 7.17
C CYS A 78 9.14 4.15 5.90
N PRO A 79 9.57 4.94 4.92
CA PRO A 79 10.30 4.38 3.78
C PRO A 79 11.56 3.68 4.25
N LEU A 80 11.87 2.55 3.61
CA LEU A 80 13.00 1.72 4.00
C LEU A 80 14.20 2.01 3.11
N CYS A 81 15.32 2.35 3.74
CA CYS A 81 16.59 2.56 3.05
C CYS A 81 17.59 1.55 3.59
N VAL A 82 17.94 0.57 2.77
CA VAL A 82 18.83 -0.53 3.16
C VAL A 82 20.18 -0.31 2.52
N VAL A 83 21.23 -0.28 3.33
CA VAL A 83 22.60 -0.18 2.85
C VAL A 83 23.28 -1.53 3.14
N HIS A 84 23.84 -2.13 2.10
CA HIS A 84 24.45 -3.46 2.22
C HIS A 84 25.94 -3.31 2.51
N ILE A 85 26.36 -3.84 3.65
CA ILE A 85 27.78 -3.83 4.03
C ILE A 85 28.23 -5.26 4.31
N HIS A 86 27.58 -6.23 3.66
CA HIS A 86 27.91 -7.63 3.94
C HIS A 86 29.28 -8.01 3.41
N GLU A 87 29.67 -7.46 2.25
CA GLU A 87 30.99 -7.75 1.71
C GLU A 87 32.08 -7.28 2.67
N LYS A 88 31.88 -6.13 3.32
CA LYS A 88 32.86 -5.62 4.26
C LYS A 88 32.90 -6.45 5.53
N ALA A 89 31.74 -6.78 6.08
CA ALA A 89 31.68 -7.55 7.33
C ALA A 89 32.13 -8.98 7.17
N ALA A 90 32.29 -9.46 5.94
CA ALA A 90 32.76 -10.83 5.72
C ALA A 90 34.16 -11.04 6.30
N ALA A 91 34.98 -9.99 6.32
CA ALA A 91 36.31 -10.08 6.91
C ALA A 91 36.29 -9.57 8.34
N ASP A 92 36.27 -8.25 8.51
CA ASP A 92 36.17 -7.66 9.83
C ASP A 92 34.75 -7.80 10.35
N ALA A 93 34.60 -8.52 11.47
CA ALA A 93 33.29 -8.68 12.08
C ALA A 93 32.80 -7.40 12.76
N ASP A 94 33.53 -6.30 12.65
CA ASP A 94 33.18 -5.04 13.29
C ASP A 94 33.17 -3.90 12.28
N ALA A 95 32.70 -4.18 11.08
CA ALA A 95 32.57 -3.15 10.06
C ALA A 95 31.40 -2.24 10.38
N GLN A 96 31.66 -0.93 10.45
CA GLN A 96 30.63 0.05 10.74
C GLN A 96 30.21 0.78 9.47
N VAL A 97 28.98 1.27 9.46
CA VAL A 97 28.44 2.02 8.34
C VAL A 97 29.06 3.41 8.38
N THR A 98 30.09 3.63 7.57
CA THR A 98 30.73 4.93 7.51
C THR A 98 29.81 5.93 6.80
N PRO A 99 29.99 7.23 7.04
CA PRO A 99 29.21 8.22 6.30
C PRO A 99 29.41 8.14 4.80
N ASP A 100 30.58 7.68 4.34
CA ASP A 100 30.77 7.46 2.91
C ASP A 100 29.88 6.33 2.40
N ASP A 101 29.56 5.36 3.25
CA ASP A 101 28.60 4.33 2.85
C ASP A 101 27.22 4.91 2.64
N LEU A 102 26.85 5.94 3.41
CA LEU A 102 25.58 6.61 3.18
C LEU A 102 25.59 7.39 1.87
N LYS A 103 26.69 8.12 1.60
CA LYS A 103 26.77 8.90 0.37
C LYS A 103 26.70 8.02 -0.86
N ALA A 104 27.37 6.87 -0.83
CA ALA A 104 27.30 5.94 -1.95
C ALA A 104 25.89 5.45 -2.19
N TRP A 105 25.09 5.32 -1.12
CA TRP A 105 23.69 4.96 -1.28
C TRP A 105 22.88 6.09 -1.91
N ILE A 106 23.23 7.34 -1.59
CA ILE A 106 22.49 8.48 -2.15
C ILE A 106 22.70 8.56 -3.65
N SER A 107 23.94 8.44 -4.11
CA SER A 107 24.22 8.50 -5.53
C SER A 107 23.68 7.29 -6.29
N ALA A 108 23.34 6.21 -5.59
CA ALA A 108 22.84 4.99 -6.21
C ALA A 108 21.33 4.89 -6.21
N HIS A 109 20.67 5.30 -5.13
CA HIS A 109 19.23 5.16 -5.01
C HIS A 109 18.48 6.45 -4.72
N GLY A 110 19.23 7.50 -4.40
CA GLY A 110 18.63 8.82 -4.18
C GLY A 110 18.72 9.31 -2.75
N PRO A 111 17.93 10.33 -2.39
CA PRO A 111 17.95 10.89 -1.04
C PRO A 111 17.26 10.03 0.02
N ILE A 112 17.78 10.08 1.23
CA ILE A 112 17.16 9.34 2.37
C ILE A 112 15.99 10.15 2.91
N PRO A 113 16.12 11.46 3.19
CA PRO A 113 15.06 12.24 3.83
C PRO A 113 13.58 11.97 3.55
N ASP A 114 12.70 12.36 4.48
CA ASP A 114 11.22 12.25 4.34
C ASP A 114 10.72 11.05 5.15
N GLY A 115 11.10 10.98 6.44
CA GLY A 115 10.63 9.91 7.33
C GLY A 115 11.21 8.56 6.98
N ALA A 116 12.49 8.49 6.70
CA ALA A 116 13.06 7.22 6.22
C ALA A 116 13.67 6.37 7.30
N CYS A 117 13.53 5.05 7.17
CA CYS A 117 14.25 4.15 8.06
C CYS A 117 15.51 3.67 7.36
N VAL A 118 16.66 3.97 7.95
CA VAL A 118 17.95 3.59 7.39
C VAL A 118 18.33 2.23 8.01
N ALA A 119 18.11 1.16 7.27
CA ALA A 119 18.41 -0.19 7.73
C ALA A 119 19.80 -0.61 7.25
N MET A 120 20.48 -1.39 8.08
CA MET A 120 21.81 -1.91 7.78
C MET A 120 21.72 -3.40 7.53
N HIS A 121 22.08 -3.82 6.32
CA HIS A 121 22.12 -5.23 5.95
C HIS A 121 23.58 -5.67 5.94
N SER A 122 24.04 -6.24 7.04
CA SER A 122 25.40 -6.73 7.17
C SER A 122 25.49 -8.24 7.04
N GLY A 123 24.37 -8.93 6.85
CA GLY A 123 24.39 -10.38 6.73
C GLY A 123 24.56 -11.12 8.04
N TRP A 124 24.18 -10.51 9.16
CA TRP A 124 24.35 -11.11 10.47
C TRP A 124 23.09 -11.84 10.96
N ALA A 125 21.95 -11.65 10.28
CA ALA A 125 20.71 -12.27 10.75
C ALA A 125 20.76 -13.79 10.68
N GLY A 126 21.56 -14.35 9.78
CA GLY A 126 21.70 -15.79 9.68
C GLY A 126 22.58 -16.42 10.73
N LYS A 127 23.17 -15.62 11.62
CA LYS A 127 24.06 -16.12 12.66
C LYS A 127 23.34 -16.40 13.96
N THR A 128 22.01 -16.24 13.99
CA THR A 128 21.25 -16.46 15.22
C THR A 128 21.30 -17.90 15.69
N GLY A 129 21.55 -18.84 14.80
CA GLY A 129 21.60 -20.25 15.17
C GLY A 129 22.97 -20.69 15.65
N GLY A 130 23.75 -19.75 16.18
CA GLY A 130 25.08 -20.07 16.66
C GLY A 130 25.67 -18.91 17.42
N ALA A 131 26.91 -19.08 17.84
CA ALA A 131 27.63 -18.07 18.60
C ALA A 131 28.22 -16.97 17.72
N GLY A 132 27.97 -17.01 16.40
CA GLY A 132 28.47 -15.96 15.53
C GLY A 132 27.68 -14.67 15.57
N TYR A 133 26.42 -14.74 16.03
CA TYR A 133 25.61 -13.53 16.15
C TYR A 133 26.25 -12.55 17.12
N ARG A 134 26.55 -13.02 18.33
CA ARG A 134 27.33 -12.18 19.25
C ARG A 134 28.77 -12.08 18.80
N ASN A 135 29.35 -13.19 18.34
CA ASN A 135 30.74 -13.24 17.86
C ASN A 135 31.71 -12.77 18.94
N ALA A 136 31.44 -13.17 20.18
CA ALA A 136 32.30 -12.78 21.29
C ALA A 136 33.65 -13.48 21.19
N ASP A 137 34.71 -12.75 21.54
CA ASP A 137 36.05 -13.30 21.51
C ASP A 137 36.27 -14.22 22.70
N SER A 138 37.49 -14.76 22.82
CA SER A 138 37.84 -15.58 23.97
C SER A 138 37.87 -14.77 25.26
N GLU A 139 37.99 -13.45 25.17
CA GLU A 139 38.01 -12.59 26.36
C GLU A 139 36.60 -12.24 26.84
N GLY A 140 35.64 -12.14 25.92
CA GLY A 140 34.28 -11.81 26.30
C GLY A 140 33.70 -10.64 25.52
N LYS A 141 34.56 -9.89 24.84
CA LYS A 141 34.12 -8.75 24.06
C LYS A 141 33.46 -9.23 22.77
N MET A 142 32.26 -8.74 22.50
CA MET A 142 31.54 -9.14 21.30
C MET A 142 32.09 -8.40 20.09
N HIS A 143 31.93 -9.01 18.90
CA HIS A 143 32.49 -8.48 17.66
C HIS A 143 31.42 -8.60 16.56
N PHE A 144 30.47 -7.68 16.58
CA PHE A 144 29.44 -7.64 15.56
C PHE A 144 29.37 -6.24 14.94
N PRO A 145 28.92 -6.14 13.70
CA PRO A 145 28.88 -4.83 13.04
C PRO A 145 27.88 -3.88 13.69
N GLY A 146 28.00 -2.61 13.33
CA GLY A 146 27.11 -1.60 13.83
C GLY A 146 27.16 -0.36 12.96
N PHE A 147 26.62 0.73 13.51
CA PHE A 147 26.61 2.02 12.83
C PHE A 147 27.76 2.87 13.34
N HIS A 148 28.47 3.51 12.42
CA HIS A 148 29.49 4.49 12.82
C HIS A 148 28.79 5.75 13.33
N VAL A 149 29.24 6.23 14.48
CA VAL A 149 28.60 7.39 15.11
C VAL A 149 28.60 8.60 14.19
N GLU A 150 29.61 8.70 13.32
CA GLU A 150 29.63 9.79 12.35
C GLU A 150 28.48 9.66 11.35
N ALA A 151 28.07 8.44 11.03
CA ALA A 151 26.93 8.26 10.12
C ALA A 151 25.64 8.72 10.78
N ALA A 152 25.48 8.46 12.08
CA ALA A 152 24.30 8.94 12.79
C ALA A 152 24.28 10.46 12.84
N GLN A 153 25.46 11.09 12.97
CA GLN A 153 25.52 12.54 12.96
C GLN A 153 25.18 13.12 11.59
N MET A 154 25.51 12.39 10.52
CA MET A 154 25.16 12.85 9.18
C MET A 154 23.67 12.67 8.92
N LEU A 155 23.06 11.62 9.48
CA LEU A 155 21.63 11.40 9.26
C LEU A 155 20.78 12.47 9.95
N ILE A 156 21.24 12.97 11.10
CA ILE A 156 20.50 14.04 11.77
C ILE A 156 20.80 15.39 11.12
N GLU A 157 22.07 15.63 10.77
CA GLU A 157 22.45 16.92 10.20
C GLU A 157 21.92 17.07 8.78
N GLU A 158 22.12 16.05 7.94
CA GLU A 158 21.87 16.18 6.51
C GLU A 158 20.61 15.50 6.02
N THR A 159 20.04 14.57 6.79
CA THR A 159 18.81 13.88 6.40
C THR A 159 17.72 14.14 7.43
N GLY A 160 16.55 13.57 7.17
CA GLY A 160 15.42 13.67 8.08
C GLY A 160 14.92 12.31 8.50
N ALA A 161 15.83 11.34 8.56
CA ALA A 161 15.46 9.99 8.95
C ALA A 161 15.05 9.95 10.42
N VAL A 162 13.85 9.40 10.68
CA VAL A 162 13.34 9.31 12.05
C VAL A 162 13.73 8.00 12.73
N ALA A 163 14.32 7.07 12.01
CA ALA A 163 14.67 5.78 12.60
C ALA A 163 15.79 5.14 11.79
N MET A 164 16.47 4.19 12.42
CA MET A 164 17.51 3.39 11.79
C MET A 164 17.42 1.97 12.33
N ALA A 165 17.94 1.03 11.55
CA ALA A 165 17.81 -0.39 11.88
C ALA A 165 19.14 -1.11 11.71
N VAL A 166 19.39 -2.08 12.59
CA VAL A 166 20.53 -2.98 12.48
C VAL A 166 20.02 -4.41 12.51
N ASP A 167 20.91 -5.35 12.22
CA ASP A 167 20.57 -6.77 12.22
C ASP A 167 21.36 -7.52 13.29
N THR A 168 21.70 -6.85 14.38
CA THR A 168 22.40 -7.48 15.49
C THR A 168 21.83 -6.93 16.80
N LEU A 169 22.63 -7.00 17.86
CA LEU A 169 22.13 -6.75 19.20
C LEU A 169 22.02 -5.26 19.53
N SER A 170 22.82 -4.42 18.88
CA SER A 170 22.83 -3.00 19.21
C SER A 170 23.20 -2.18 17.98
N LEU A 171 22.81 -0.90 18.02
CA LEU A 171 23.18 0.02 16.95
C LEU A 171 24.68 0.27 16.93
N ASP A 172 25.34 0.19 18.07
CA ASP A 172 26.78 0.27 18.14
C ASP A 172 27.40 -1.07 17.79
N HIS A 173 28.60 -1.03 17.21
CA HIS A 173 29.28 -2.27 16.90
C HIS A 173 29.71 -2.98 18.19
N GLY A 174 30.22 -4.19 18.04
CA GLY A 174 30.55 -5.06 19.15
C GLY A 174 31.39 -4.45 20.25
N PRO A 175 32.63 -4.05 19.91
CA PRO A 175 33.55 -3.57 20.95
C PRO A 175 33.16 -2.25 21.61
N SER A 176 32.04 -1.64 21.24
CA SER A 176 31.65 -0.38 21.85
C SER A 176 31.31 -0.59 23.32
N ALA A 177 31.90 0.23 24.19
CA ALA A 177 31.68 0.16 25.62
C ALA A 177 30.85 1.30 26.18
N ASP A 178 30.93 2.49 25.59
CA ASP A 178 30.13 3.62 26.02
C ASP A 178 28.81 3.75 25.27
N PHE A 179 28.63 2.97 24.19
CA PHE A 179 27.42 3.00 23.36
C PHE A 179 27.20 4.41 22.79
N ALA A 180 28.11 4.78 21.87
CA ALA A 180 28.11 6.12 21.32
C ALA A 180 26.88 6.38 20.45
N THR A 181 26.56 5.43 19.55
CA THR A 181 25.43 5.64 18.65
C THR A 181 24.10 5.66 19.41
N HIS A 182 24.00 4.92 20.52
CA HIS A 182 22.81 4.98 21.35
C HIS A 182 22.63 6.36 21.96
N TYR A 183 23.75 7.02 22.32
CA TYR A 183 23.68 8.33 22.95
C TYR A 183 23.55 9.46 21.94
N ALA A 184 23.90 9.23 20.67
CA ALA A 184 23.85 10.26 19.65
C ALA A 184 22.58 10.22 18.81
N TRP A 185 21.71 9.25 19.04
CA TRP A 185 20.52 9.08 18.21
C TRP A 185 19.23 9.06 19.03
N LEU A 186 19.21 8.31 20.13
CA LEU A 186 18.00 8.17 20.94
C LEU A 186 17.60 9.46 21.66
N PRO A 187 18.53 10.21 22.29
CA PRO A 187 18.13 11.45 22.96
C PRO A 187 17.51 12.49 22.03
N THR A 188 17.74 12.40 20.72
CA THR A 188 17.16 13.34 19.76
C THR A 188 15.76 12.95 19.32
N ASN A 189 15.06 12.11 20.10
CA ASN A 189 13.74 11.61 19.75
C ASN A 189 13.77 10.89 18.40
N ARG A 190 14.72 9.98 18.27
CA ARG A 190 14.85 9.11 17.10
C ARG A 190 15.12 7.71 17.60
N TYR A 191 14.33 6.74 17.15
CA TYR A 191 14.41 5.38 17.68
C TYR A 191 15.18 4.46 16.74
N GLY A 192 15.64 3.35 17.30
CA GLY A 192 16.38 2.38 16.53
C GLY A 192 15.77 1.00 16.66
N ILE A 193 16.05 0.17 15.65
CA ILE A 193 15.60 -1.22 15.61
C ILE A 193 16.83 -2.11 15.74
N GLU A 194 16.72 -3.13 16.58
CA GLU A 194 17.81 -4.07 16.79
C GLU A 194 17.32 -5.49 16.56
N ASN A 195 18.23 -6.35 16.10
CA ASN A 195 17.94 -7.76 15.81
C ASN A 195 16.90 -7.90 14.71
N LEU A 196 17.04 -7.11 13.65
CA LEU A 196 16.16 -7.24 12.50
C LEU A 196 16.56 -8.45 11.67
N ALA A 197 15.64 -8.90 10.82
CA ALA A 197 15.84 -10.08 10.01
C ALA A 197 15.34 -9.83 8.59
N ASN A 198 15.77 -10.70 7.68
CA ASN A 198 15.26 -10.79 6.31
C ASN A 198 15.52 -9.53 5.48
N LEU A 199 16.51 -8.72 5.86
CA LEU A 199 16.84 -7.54 5.05
C LEU A 199 17.36 -7.91 3.68
N ASP A 200 17.80 -9.15 3.48
CA ASP A 200 18.23 -9.64 2.18
C ASP A 200 17.08 -9.94 1.24
N LYS A 201 15.84 -9.87 1.72
CA LYS A 201 14.66 -10.18 0.91
C LYS A 201 13.87 -8.94 0.53
N VAL A 202 14.40 -7.75 0.79
CA VAL A 202 13.72 -6.50 0.45
C VAL A 202 14.62 -5.71 -0.50
N PRO A 203 14.06 -4.87 -1.36
CA PRO A 203 14.91 -4.03 -2.22
C PRO A 203 15.66 -3.00 -1.41
N ALA A 204 16.75 -2.49 -2.00
CA ALA A 204 17.56 -1.49 -1.33
C ALA A 204 16.78 -0.20 -1.09
N SER A 205 15.82 0.11 -1.95
CA SER A 205 15.02 1.31 -1.81
C SER A 205 13.62 1.03 -2.34
N GLY A 206 12.72 1.99 -2.13
CA GLY A 206 11.36 1.87 -2.60
C GLY A 206 10.45 0.99 -1.77
N ALA A 207 10.89 0.57 -0.58
CA ALA A 207 10.09 -0.28 0.29
C ALA A 207 9.63 0.52 1.50
N THR A 208 8.53 0.05 2.09
CA THR A 208 7.94 0.67 3.27
C THR A 208 8.05 -0.29 4.45
N LEU A 209 8.77 0.12 5.49
CA LEU A 209 8.97 -0.69 6.68
C LEU A 209 7.92 -0.31 7.72
N ILE A 210 7.03 -1.23 8.04
CA ILE A 210 6.01 -1.02 9.06
C ILE A 210 6.49 -1.66 10.35
N VAL A 211 6.72 -0.84 11.37
CA VAL A 211 7.29 -1.28 12.64
C VAL A 211 6.15 -1.48 13.62
N GLY A 212 5.95 -2.73 14.06
CA GLY A 212 4.96 -3.02 15.07
C GLY A 212 5.53 -2.93 16.47
N ALA A 213 6.03 -1.75 16.83
CA ALA A 213 6.63 -1.56 18.14
C ALA A 213 5.58 -1.59 19.23
N PRO A 214 5.92 -2.11 20.40
CA PRO A 214 4.95 -2.15 21.50
C PRO A 214 4.63 -0.75 22.01
N ASN A 215 3.51 -0.64 22.72
CA ASN A 215 3.09 0.64 23.28
C ASN A 215 2.70 0.53 24.75
N HIS A 216 3.34 -0.39 25.48
CA HIS A 216 3.11 -0.46 26.92
C HIS A 216 3.55 0.84 27.57
N ARG A 217 2.74 1.32 28.52
CA ARG A 217 2.93 2.66 29.07
C ARG A 217 4.23 2.75 29.84
N GLY A 218 5.09 3.68 29.44
CA GLY A 218 6.35 3.91 30.11
C GLY A 218 7.37 2.80 29.91
N GLY A 219 7.78 2.59 28.67
CA GLY A 219 8.75 1.55 28.36
C GLY A 219 9.85 2.09 27.48
N SER A 220 11.07 1.61 27.73
CA SER A 220 12.23 1.97 26.93
C SER A 220 12.42 1.05 25.73
N GLY A 221 11.69 -0.05 25.65
CA GLY A 221 11.84 -0.96 24.54
C GLY A 221 10.84 -2.10 24.65
N GLY A 222 11.01 -3.07 23.76
CA GLY A 222 10.13 -4.22 23.73
C GLY A 222 10.14 -4.89 22.37
N PRO A 223 9.98 -6.21 22.36
CA PRO A 223 9.95 -6.95 21.09
C PRO A 223 8.84 -6.44 20.18
N ALA A 224 9.14 -6.38 18.89
CA ALA A 224 8.21 -5.84 17.90
C ALA A 224 8.02 -6.86 16.78
N ARG A 225 7.10 -6.54 15.88
CA ARG A 225 6.82 -7.35 14.69
C ARG A 225 6.91 -6.43 13.48
N ILE A 226 7.95 -6.61 12.67
CA ILE A 226 8.26 -5.70 11.58
C ILE A 226 7.89 -6.34 10.25
N PHE A 227 7.51 -5.51 9.30
CA PHE A 227 7.14 -5.97 7.96
C PHE A 227 7.61 -4.95 6.93
N ALA A 228 7.68 -5.39 5.68
CA ALA A 228 8.09 -4.55 4.56
C ALA A 228 7.22 -4.85 3.36
N MET A 229 6.78 -3.79 2.67
CA MET A 229 5.93 -3.94 1.49
C MET A 229 6.45 -3.11 0.33
N VAL A 230 5.58 -2.27 -0.24
CA VAL A 230 5.93 -1.44 -1.39
C VAL A 230 5.86 0.03 -0.99
N GLY B 3 -0.48 2.06 -2.32
CA GLY B 3 0.22 1.30 -1.31
C GLY B 3 0.60 2.13 -0.09
N ILE B 4 1.20 3.29 -0.33
CA ILE B 4 1.62 4.17 0.75
C ILE B 4 0.52 5.17 1.05
N GLY B 5 -0.70 4.68 1.23
CA GLY B 5 -1.84 5.54 1.55
C GLY B 5 -1.83 6.03 2.99
N GLU B 6 -3.01 6.05 3.60
CA GLU B 6 -3.20 6.59 4.95
C GLU B 6 -3.43 5.43 5.92
N VAL B 7 -2.56 5.32 6.91
CA VAL B 7 -2.62 4.22 7.88
C VAL B 7 -3.28 4.73 9.15
N ARG B 8 -3.85 3.79 9.92
CA ARG B 8 -4.50 4.09 11.19
C ARG B 8 -4.02 3.10 12.24
N ASP B 9 -3.79 3.61 13.45
CA ASP B 9 -3.41 2.76 14.57
C ASP B 9 -4.65 2.13 15.20
N MET B 10 -4.54 0.84 15.53
CA MET B 10 -5.65 0.09 16.09
C MET B 10 -5.31 -0.52 17.45
N THR B 11 -4.24 -0.06 18.09
CA THR B 11 -3.74 -0.64 19.32
C THR B 11 -4.02 0.29 20.50
N HIS B 12 -4.53 -0.27 21.59
CA HIS B 12 -4.68 0.48 22.82
C HIS B 12 -3.32 0.68 23.48
N VAL B 13 -3.24 1.70 24.35
CA VAL B 13 -2.08 1.93 25.19
C VAL B 13 -2.41 1.32 26.55
N TYR B 14 -1.87 0.14 26.82
CA TYR B 14 -2.23 -0.61 28.01
C TYR B 14 -1.16 -0.48 29.10
N ASP B 15 -1.58 -0.70 30.33
CA ASP B 15 -0.68 -0.64 31.47
C ASP B 15 -1.28 -1.50 32.59
N ALA B 16 -0.94 -1.18 33.84
CA ALA B 16 -1.48 -1.93 34.96
C ALA B 16 -2.95 -1.63 35.19
N ASP B 17 -3.36 -0.38 34.95
CA ASP B 17 -4.75 0.02 35.13
C ASP B 17 -5.65 -0.41 33.96
N PHE B 18 -5.10 -1.06 32.94
CA PHE B 18 -5.92 -1.50 31.83
C PHE B 18 -6.85 -2.61 32.28
N PRO B 19 -8.12 -2.56 31.90
CA PRO B 19 -9.09 -3.58 32.33
C PRO B 19 -8.79 -4.93 31.66
N THR B 20 -8.46 -5.92 32.47
CA THR B 20 -8.23 -7.27 32.00
C THR B 20 -9.49 -8.12 32.22
N TYR B 21 -9.48 -9.31 31.63
CA TYR B 21 -10.62 -10.21 31.80
C TYR B 21 -10.80 -10.62 33.25
N PHE B 22 -9.68 -10.86 33.95
CA PHE B 22 -9.75 -11.27 35.35
C PHE B 22 -10.00 -10.11 36.29
N GLY B 23 -9.98 -8.87 35.80
CA GLY B 23 -10.18 -7.69 36.62
C GLY B 23 -8.91 -7.13 37.22
N ALA B 24 -7.99 -8.02 37.61
CA ALA B 24 -6.73 -7.61 38.19
C ALA B 24 -5.79 -7.10 37.09
N PRO B 25 -4.77 -6.31 37.47
CA PRO B 25 -3.78 -5.88 36.47
C PRO B 25 -3.09 -7.06 35.81
N GLY B 26 -2.69 -6.86 34.56
CA GLY B 26 -2.10 -7.94 33.79
C GLY B 26 -0.67 -7.72 33.37
N ILE B 27 -0.06 -6.63 33.84
CA ILE B 27 1.33 -6.34 33.50
C ILE B 27 1.93 -5.46 34.60
N GLU B 28 3.14 -5.82 35.03
CA GLU B 28 3.89 -5.01 35.97
C GLU B 28 5.29 -4.76 35.41
N ALA B 29 5.91 -3.68 35.87
CA ALA B 29 7.22 -3.28 35.39
C ALA B 29 8.17 -3.12 36.57
N VAL B 30 9.43 -3.50 36.36
CA VAL B 30 10.49 -3.32 37.35
C VAL B 30 11.64 -2.60 36.65
N GLN B 31 11.98 -1.41 37.14
CA GLN B 31 13.06 -0.62 36.56
C GLN B 31 14.39 -1.27 36.92
N ASN B 32 14.97 -1.98 35.96
CA ASN B 32 16.25 -2.64 36.22
C ASN B 32 17.39 -1.64 36.25
N PHE B 33 17.34 -0.63 35.37
CA PHE B 33 18.38 0.43 35.31
C PHE B 33 17.72 1.78 35.01
N ASN B 34 18.20 2.86 35.63
CA ASN B 34 17.67 4.23 35.40
C ASN B 34 18.79 5.13 34.90
N PHE B 35 18.45 6.20 34.17
CA PHE B 35 19.46 7.09 33.56
C PHE B 35 20.27 7.81 34.62
N LYS B 36 19.67 8.04 35.79
CA LYS B 36 20.37 8.82 36.83
C LYS B 36 21.58 8.05 37.34
N GLU B 37 21.41 6.80 37.73
CA GLU B 37 22.55 6.08 38.35
C GLU B 37 23.26 5.21 37.33
N HIS B 38 22.67 4.98 36.17
CA HIS B 38 23.29 4.01 35.24
C HIS B 38 23.47 4.63 33.86
N GLY B 39 22.66 5.62 33.55
CA GLY B 39 22.78 6.25 32.24
C GLY B 39 21.92 5.65 31.16
N PHE B 40 21.04 4.72 31.49
CA PHE B 40 20.12 4.13 30.52
C PHE B 40 18.94 3.54 31.27
N ASN B 41 17.84 3.35 30.54
CA ASN B 41 16.60 2.84 31.12
C ASN B 41 16.28 1.46 30.57
N LEU B 42 15.88 0.56 31.47
CA LEU B 42 15.53 -0.80 31.11
C LEU B 42 14.55 -1.35 32.13
N PHE B 43 13.45 -1.93 31.66
CA PHE B 43 12.44 -2.52 32.51
C PHE B 43 12.37 -4.03 32.27
N THR B 44 12.00 -4.76 33.32
CA THR B 44 11.78 -6.21 33.24
C THR B 44 10.30 -6.45 33.52
N LEU B 45 9.56 -6.82 32.48
CA LEU B 45 8.11 -6.90 32.56
C LEU B 45 7.65 -8.32 32.92
N THR B 46 6.47 -8.38 33.53
CA THR B 46 5.77 -9.64 33.79
C THR B 46 4.39 -9.50 33.18
N LEU B 47 4.16 -10.16 32.05
CA LEU B 47 2.99 -9.89 31.21
C LEU B 47 2.11 -11.12 31.13
N ASN B 48 0.83 -10.93 31.47
CA ASN B 48 -0.23 -11.90 31.16
C ASN B 48 -0.58 -11.70 29.69
N GLU B 49 -0.07 -12.58 28.82
CA GLU B 49 -0.10 -12.34 27.38
C GLU B 49 -1.51 -12.13 26.84
N HIS B 50 -2.54 -12.53 27.57
CA HIS B 50 -3.92 -12.31 27.12
C HIS B 50 -4.53 -11.10 27.81
N THR B 51 -3.85 -9.97 27.70
CA THR B 51 -4.31 -8.70 28.22
C THR B 51 -4.02 -7.62 27.18
N GLY B 52 -4.82 -6.56 27.20
CA GLY B 52 -4.66 -5.47 26.25
C GLY B 52 -5.01 -5.91 24.84
N THR B 53 -4.61 -5.05 23.89
CA THR B 53 -4.79 -5.37 22.47
C THR B 53 -3.85 -6.51 22.11
N HIS B 54 -4.40 -7.72 22.05
CA HIS B 54 -3.60 -8.93 21.89
C HIS B 54 -4.29 -9.87 20.92
N VAL B 55 -3.55 -10.88 20.48
CA VAL B 55 -4.01 -11.85 19.49
C VAL B 55 -4.30 -13.16 20.20
N ASP B 56 -5.45 -13.76 19.89
CA ASP B 56 -5.81 -15.08 20.40
C ASP B 56 -5.39 -16.12 19.38
N ALA B 57 -4.25 -16.76 19.62
CA ALA B 57 -3.75 -17.78 18.71
C ALA B 57 -4.59 -19.05 18.84
N PRO B 58 -4.54 -19.92 17.82
CA PRO B 58 -5.25 -21.21 17.94
C PRO B 58 -4.85 -22.02 19.15
N LEU B 59 -3.59 -21.94 19.58
CA LEU B 59 -3.14 -22.67 20.76
C LEU B 59 -3.88 -22.23 22.02
N HIS B 60 -4.44 -21.02 22.04
CA HIS B 60 -5.14 -20.54 23.22
C HIS B 60 -6.25 -21.50 23.63
N PHE B 61 -6.92 -22.12 22.66
CA PHE B 61 -8.05 -23.01 22.91
C PHE B 61 -7.90 -24.31 22.13
N SER B 62 -6.73 -24.94 22.23
CA SER B 62 -6.47 -26.19 21.53
C SER B 62 -5.25 -26.87 22.12
N ALA B 63 -5.19 -28.20 21.96
CA ALA B 63 -4.08 -28.98 22.50
C ALA B 63 -2.84 -28.88 21.63
N ASP B 64 -3.01 -28.88 20.31
CA ASP B 64 -1.89 -28.91 19.38
C ASP B 64 -2.16 -28.00 18.20
N GLY B 65 -2.74 -26.83 18.46
CA GLY B 65 -2.99 -25.86 17.42
C GLY B 65 -1.74 -25.05 17.11
N GLN B 66 -1.95 -23.94 16.40
CA GLN B 66 -0.87 -23.06 15.99
C GLN B 66 -0.57 -22.07 17.10
N SER B 67 0.72 -21.90 17.42
CA SER B 67 1.14 -20.87 18.35
C SER B 67 1.25 -19.54 17.62
N VAL B 68 1.63 -18.49 18.35
CA VAL B 68 1.69 -17.16 17.76
C VAL B 68 2.75 -17.07 16.68
N ASP B 69 3.85 -17.81 16.83
CA ASP B 69 4.92 -17.79 15.84
C ASP B 69 4.60 -18.64 14.62
N GLU B 70 3.65 -19.57 14.74
CA GLU B 70 3.33 -20.48 13.64
C GLU B 70 2.27 -19.93 12.70
N ILE B 71 1.59 -18.84 13.07
CA ILE B 71 0.63 -18.20 12.19
C ILE B 71 1.36 -17.59 11.01
N PRO B 72 1.02 -17.95 9.78
CA PRO B 72 1.75 -17.43 8.62
C PRO B 72 1.53 -15.93 8.43
N VAL B 73 2.49 -15.32 7.73
CA VAL B 73 2.42 -13.88 7.49
C VAL B 73 1.19 -13.51 6.68
N GLY B 74 0.76 -14.40 5.77
CA GLY B 74 -0.43 -14.14 4.98
C GLY B 74 -1.67 -13.94 5.80
N ASN B 75 -1.69 -14.41 7.04
CA ASN B 75 -2.81 -14.21 7.95
C ASN B 75 -2.66 -12.97 8.82
N LEU B 76 -1.53 -12.26 8.72
CA LEU B 76 -1.32 -11.04 9.48
C LEU B 76 -1.65 -9.79 8.68
N VAL B 77 -1.80 -9.90 7.37
CA VAL B 77 -2.24 -8.80 6.51
C VAL B 77 -3.64 -9.16 6.04
N CYS B 78 -4.66 -8.59 6.68
CA CYS B 78 -6.03 -9.01 6.44
C CYS B 78 -6.84 -7.88 5.82
N PRO B 79 -7.66 -8.17 4.81
CA PRO B 79 -8.68 -7.21 4.39
C PRO B 79 -9.68 -6.99 5.52
N LEU B 80 -9.94 -5.71 5.81
CA LEU B 80 -10.75 -5.34 6.97
C LEU B 80 -12.22 -5.34 6.61
N CYS B 81 -13.03 -6.02 7.42
CA CYS B 81 -14.49 -6.05 7.28
C CYS B 81 -15.08 -5.74 8.65
N VAL B 82 -15.47 -4.48 8.84
CA VAL B 82 -15.97 -4.01 10.13
C VAL B 82 -17.48 -4.11 10.14
N VAL B 83 -18.02 -4.85 11.11
CA VAL B 83 -19.45 -5.07 11.25
C VAL B 83 -19.96 -4.12 12.33
N HIS B 84 -20.78 -3.15 11.94
CA HIS B 84 -21.33 -2.17 12.87
C HIS B 84 -22.56 -2.76 13.57
N ILE B 85 -22.46 -2.93 14.89
CA ILE B 85 -23.61 -3.35 15.68
C ILE B 85 -23.76 -2.40 16.86
N HIS B 86 -23.06 -1.27 16.82
CA HIS B 86 -23.14 -0.31 17.91
C HIS B 86 -24.54 0.26 18.05
N GLU B 87 -25.30 0.34 16.95
CA GLU B 87 -26.70 0.71 17.04
C GLU B 87 -27.48 -0.32 17.84
N LYS B 88 -27.22 -1.61 17.59
CA LYS B 88 -27.86 -2.67 18.38
C LYS B 88 -27.26 -2.76 19.77
N ALA B 89 -25.96 -2.46 19.92
CA ALA B 89 -25.32 -2.54 21.22
C ALA B 89 -25.80 -1.43 22.15
N ALA B 90 -26.25 -0.31 21.60
CA ALA B 90 -26.74 0.79 22.44
C ALA B 90 -27.98 0.37 23.23
N ALA B 91 -28.85 -0.42 22.62
CA ALA B 91 -30.05 -0.90 23.30
C ALA B 91 -29.82 -2.16 24.09
N ASP B 92 -28.96 -3.06 23.61
CA ASP B 92 -28.65 -4.32 24.28
C ASP B 92 -27.15 -4.39 24.52
N ALA B 93 -26.74 -4.29 25.79
CA ALA B 93 -25.33 -4.35 26.13
C ALA B 93 -24.73 -5.70 25.77
N ASP B 94 -25.53 -6.77 25.81
CA ASP B 94 -25.09 -8.10 25.43
C ASP B 94 -25.37 -8.40 23.96
N ALA B 95 -25.37 -7.39 23.10
CA ALA B 95 -25.59 -7.62 21.68
C ALA B 95 -24.45 -8.43 21.09
N GLN B 96 -24.81 -9.38 20.23
CA GLN B 96 -23.83 -10.26 19.58
C GLN B 96 -23.95 -10.12 18.08
N VAL B 97 -22.82 -10.31 17.40
CA VAL B 97 -22.80 -10.36 15.94
C VAL B 97 -23.52 -11.63 15.52
N THR B 98 -24.83 -11.55 15.33
CA THR B 98 -25.63 -12.68 14.92
C THR B 98 -25.45 -12.95 13.43
N PRO B 99 -25.77 -14.16 12.97
CA PRO B 99 -25.71 -14.43 11.52
C PRO B 99 -26.45 -13.41 10.68
N ASP B 100 -27.48 -12.77 11.23
CA ASP B 100 -28.18 -11.71 10.52
C ASP B 100 -27.37 -10.43 10.44
N ASP B 101 -26.40 -10.23 11.33
CA ASP B 101 -25.62 -9.00 11.33
C ASP B 101 -24.68 -8.95 10.14
N LEU B 102 -23.90 -10.00 9.93
CA LEU B 102 -22.97 -10.04 8.80
C LEU B 102 -23.65 -10.29 7.48
N LYS B 103 -24.90 -10.79 7.48
CA LYS B 103 -25.63 -10.93 6.23
C LYS B 103 -25.95 -9.56 5.64
N ALA B 104 -26.23 -8.56 6.49
CA ALA B 104 -26.46 -7.21 6.00
C ALA B 104 -25.19 -6.54 5.53
N TRP B 105 -24.02 -7.03 5.97
CA TRP B 105 -22.75 -6.48 5.50
C TRP B 105 -22.53 -6.79 4.02
N ILE B 106 -23.00 -7.95 3.56
CA ILE B 106 -22.87 -8.30 2.14
C ILE B 106 -23.74 -7.39 1.29
N SER B 107 -24.93 -7.04 1.81
CA SER B 107 -25.91 -6.25 1.07
C SER B 107 -25.58 -4.76 1.04
N ALA B 108 -24.32 -4.38 1.25
CA ALA B 108 -23.94 -2.97 1.22
C ALA B 108 -22.47 -2.82 0.83
N HIS B 109 -21.71 -3.92 0.89
CA HIS B 109 -20.29 -3.87 0.59
C HIS B 109 -19.80 -4.99 -0.30
N GLY B 110 -20.59 -6.04 -0.54
CA GLY B 110 -20.17 -7.14 -1.38
C GLY B 110 -19.58 -8.29 -0.59
N PRO B 111 -18.99 -9.26 -1.29
CA PRO B 111 -18.52 -10.47 -0.61
C PRO B 111 -17.33 -10.22 0.28
N ILE B 112 -17.11 -11.15 1.21
CA ILE B 112 -15.99 -11.10 2.15
C ILE B 112 -14.76 -11.69 1.48
N PRO B 113 -13.66 -10.95 1.37
CA PRO B 113 -12.47 -11.47 0.70
C PRO B 113 -11.84 -12.63 1.49
N ASP B 114 -10.98 -13.36 0.80
CA ASP B 114 -10.29 -14.50 1.40
C ASP B 114 -9.14 -14.02 2.28
N GLY B 115 -8.90 -14.76 3.36
CA GLY B 115 -7.88 -14.37 4.31
C GLY B 115 -8.17 -13.05 5.01
N ALA B 116 -9.44 -12.74 5.19
CA ALA B 116 -9.86 -11.47 5.77
C ALA B 116 -10.10 -11.59 7.26
N CYS B 117 -10.13 -10.43 7.92
CA CYS B 117 -10.42 -10.35 9.35
C CYS B 117 -11.78 -9.69 9.55
N VAL B 118 -12.64 -10.34 10.31
CA VAL B 118 -13.98 -9.84 10.60
C VAL B 118 -13.95 -9.18 11.97
N ALA B 119 -14.14 -7.87 12.00
CA ALA B 119 -14.06 -7.10 13.23
C ALA B 119 -15.45 -6.61 13.63
N MET B 120 -15.75 -6.64 14.92
CA MET B 120 -17.03 -6.19 15.45
C MET B 120 -16.93 -4.74 15.90
N HIS B 121 -17.76 -3.88 15.32
CA HIS B 121 -17.86 -2.49 15.74
C HIS B 121 -19.11 -2.33 16.59
N SER B 122 -18.93 -2.35 17.90
CA SER B 122 -20.03 -2.18 18.85
C SER B 122 -19.92 -0.89 19.65
N GLY B 123 -19.02 0.02 19.25
CA GLY B 123 -18.82 1.24 20.01
C GLY B 123 -18.39 0.99 21.44
N TRP B 124 -17.56 -0.01 21.66
CA TRP B 124 -17.16 -0.42 23.00
C TRP B 124 -15.71 -0.08 23.33
N ALA B 125 -14.92 0.35 22.36
CA ALA B 125 -13.50 0.62 22.57
C ALA B 125 -13.25 2.00 23.15
N GLY B 126 -14.14 2.49 24.01
CA GLY B 126 -13.99 3.80 24.60
C GLY B 126 -14.11 3.80 26.11
N LYS B 127 -14.36 2.63 26.69
CA LYS B 127 -14.51 2.49 28.13
C LYS B 127 -13.28 1.93 28.82
N THR B 128 -12.17 1.76 28.09
CA THR B 128 -10.97 1.16 28.65
C THR B 128 -10.31 2.04 29.71
N GLY B 129 -10.74 3.28 29.87
CA GLY B 129 -10.19 4.17 30.87
C GLY B 129 -10.91 4.18 32.20
N GLY B 130 -11.90 3.31 32.39
CA GLY B 130 -12.65 3.27 33.63
C GLY B 130 -13.05 1.86 33.98
N ALA B 131 -13.74 1.73 35.11
CA ALA B 131 -14.19 0.43 35.61
C ALA B 131 -15.40 -0.10 34.86
N GLY B 132 -15.90 0.63 33.86
CA GLY B 132 -17.05 0.20 33.08
C GLY B 132 -16.72 -0.61 31.84
N TYR B 133 -15.44 -0.90 31.60
CA TYR B 133 -15.08 -1.71 30.45
C TYR B 133 -15.47 -3.17 30.64
N ARG B 134 -15.20 -3.72 31.83
CA ARG B 134 -15.63 -5.08 32.14
C ARG B 134 -17.14 -5.14 32.38
N ASN B 135 -17.70 -4.10 32.99
CA ASN B 135 -19.11 -4.08 33.37
C ASN B 135 -19.45 -5.27 34.25
N ALA B 136 -18.63 -5.49 35.27
CA ALA B 136 -18.85 -6.60 36.19
C ALA B 136 -20.15 -6.40 36.96
N ASP B 137 -20.85 -7.50 37.21
CA ASP B 137 -22.12 -7.46 37.93
C ASP B 137 -21.86 -7.64 39.42
N SER B 138 -22.93 -7.74 40.20
CA SER B 138 -22.80 -7.94 41.64
C SER B 138 -22.17 -9.29 41.97
N GLU B 139 -22.22 -10.25 41.05
CA GLU B 139 -21.61 -11.56 41.23
C GLU B 139 -20.30 -11.70 40.45
N GLY B 140 -19.74 -10.59 39.95
CA GLY B 140 -18.54 -10.66 39.14
C GLY B 140 -18.76 -11.14 37.73
N LYS B 141 -19.97 -10.97 37.19
CA LYS B 141 -20.31 -11.43 35.86
C LYS B 141 -20.20 -10.24 34.90
N MET B 142 -19.23 -10.32 33.99
CA MET B 142 -18.99 -9.22 33.05
C MET B 142 -20.01 -9.24 31.93
N HIS B 143 -20.38 -8.04 31.46
CA HIS B 143 -21.40 -7.87 30.43
C HIS B 143 -20.83 -6.95 29.35
N PHE B 144 -20.54 -7.51 28.18
CA PHE B 144 -20.07 -6.72 27.05
C PHE B 144 -20.37 -7.49 25.77
N PRO B 145 -20.46 -6.81 24.63
CA PRO B 145 -20.79 -7.48 23.38
C PRO B 145 -19.72 -8.48 22.97
N GLY B 146 -20.07 -9.30 21.98
CA GLY B 146 -19.15 -10.29 21.48
C GLY B 146 -19.69 -10.95 20.23
N PHE B 147 -19.12 -12.10 19.90
CA PHE B 147 -19.52 -12.86 18.73
C PHE B 147 -20.39 -14.03 19.12
N HIS B 148 -21.29 -14.42 18.21
CA HIS B 148 -22.10 -15.61 18.40
C HIS B 148 -21.41 -16.82 17.78
N VAL B 149 -21.60 -17.97 18.41
CA VAL B 149 -20.94 -19.18 17.94
C VAL B 149 -21.47 -19.60 16.57
N GLU B 150 -22.78 -19.42 16.34
CA GLU B 150 -23.35 -19.81 15.07
C GLU B 150 -22.91 -18.87 13.95
N ALA B 151 -22.77 -17.57 14.26
CA ALA B 151 -22.19 -16.66 13.29
C ALA B 151 -20.70 -16.90 13.11
N ALA B 152 -20.04 -17.44 14.14
CA ALA B 152 -18.64 -17.84 13.99
C ALA B 152 -18.52 -19.00 13.01
N GLN B 153 -19.36 -20.03 13.18
CA GLN B 153 -19.34 -21.15 12.25
C GLN B 153 -19.80 -20.75 10.86
N MET B 154 -20.62 -19.70 10.76
CA MET B 154 -21.00 -19.16 9.45
C MET B 154 -19.78 -18.64 8.70
N LEU B 155 -18.80 -18.09 9.42
CA LEU B 155 -17.56 -17.62 8.82
C LEU B 155 -16.57 -18.73 8.54
N ILE B 156 -16.95 -19.98 8.81
CA ILE B 156 -16.08 -21.13 8.52
C ILE B 156 -16.52 -21.85 7.25
N GLU B 157 -17.83 -21.86 6.97
CA GLU B 157 -18.35 -22.65 5.86
C GLU B 157 -18.49 -21.85 4.56
N GLU B 158 -18.70 -20.53 4.65
CA GLU B 158 -19.06 -19.75 3.48
C GLU B 158 -18.15 -18.54 3.25
N THR B 159 -16.93 -18.54 3.78
CA THR B 159 -15.98 -17.48 3.49
C THR B 159 -14.57 -17.96 3.81
N GLY B 160 -13.59 -17.18 3.36
CA GLY B 160 -12.21 -17.48 3.62
C GLY B 160 -11.61 -16.66 4.74
N ALA B 161 -12.46 -16.21 5.67
CA ALA B 161 -11.98 -15.41 6.78
C ALA B 161 -11.03 -16.22 7.66
N VAL B 162 -9.98 -15.56 8.12
CA VAL B 162 -8.96 -16.21 8.93
C VAL B 162 -8.85 -15.62 10.33
N ALA B 163 -9.30 -14.38 10.55
CA ALA B 163 -9.20 -13.74 11.84
C ALA B 163 -10.56 -13.22 12.28
N MET B 164 -10.79 -13.22 13.59
CA MET B 164 -11.99 -12.69 14.20
C MET B 164 -11.58 -11.64 15.23
N ALA B 165 -11.91 -10.38 14.96
CA ALA B 165 -11.50 -9.27 15.81
C ALA B 165 -12.70 -8.69 16.53
N VAL B 166 -12.49 -8.25 17.77
CA VAL B 166 -13.53 -7.65 18.58
C VAL B 166 -12.94 -6.44 19.30
N ASP B 167 -13.79 -5.41 19.47
CA ASP B 167 -13.40 -4.24 20.24
C ASP B 167 -13.62 -4.43 21.73
N THR B 168 -14.05 -5.61 22.16
CA THR B 168 -14.30 -5.92 23.55
C THR B 168 -13.17 -6.81 24.09
N LEU B 169 -13.37 -7.35 25.30
CA LEU B 169 -12.35 -8.12 25.98
C LEU B 169 -12.25 -9.55 25.48
N SER B 170 -13.28 -10.07 24.82
CA SER B 170 -13.29 -11.47 24.41
C SER B 170 -14.09 -11.62 23.13
N LEU B 171 -13.83 -12.73 22.43
CA LEU B 171 -14.57 -13.04 21.22
C LEU B 171 -16.03 -13.35 21.54
N ASP B 172 -16.26 -14.25 22.48
CA ASP B 172 -17.60 -14.45 23.01
C ASP B 172 -17.94 -13.32 23.98
N HIS B 173 -19.23 -13.04 24.13
CA HIS B 173 -19.67 -11.94 24.97
C HIS B 173 -19.31 -12.21 26.44
N GLY B 174 -19.56 -11.20 27.28
CA GLY B 174 -19.23 -11.28 28.68
C GLY B 174 -19.80 -12.49 29.40
N PRO B 175 -21.14 -12.61 29.41
CA PRO B 175 -21.76 -13.72 30.14
C PRO B 175 -21.64 -15.07 29.46
N SER B 176 -20.47 -15.38 28.90
CA SER B 176 -20.24 -16.64 28.21
C SER B 176 -19.39 -17.53 29.11
N ALA B 177 -20.05 -18.41 29.87
CA ALA B 177 -19.34 -19.36 30.72
C ALA B 177 -18.79 -20.55 29.93
N ASP B 178 -19.12 -20.66 28.65
CA ASP B 178 -18.67 -21.78 27.82
C ASP B 178 -17.68 -21.39 26.74
N PHE B 179 -17.76 -20.15 26.24
CA PHE B 179 -16.90 -19.67 25.16
C PHE B 179 -17.05 -20.54 23.91
N ALA B 180 -18.30 -20.67 23.46
CA ALA B 180 -18.59 -21.48 22.28
C ALA B 180 -18.02 -20.86 21.01
N THR B 181 -17.91 -19.52 20.97
CA THR B 181 -17.26 -18.88 19.84
C THR B 181 -15.77 -19.16 19.82
N HIS B 182 -15.14 -19.21 20.99
CA HIS B 182 -13.71 -19.49 21.07
C HIS B 182 -13.41 -20.91 20.59
N TYR B 183 -14.16 -21.90 21.10
CA TYR B 183 -13.94 -23.28 20.71
C TYR B 183 -14.33 -23.55 19.26
N ALA B 184 -14.98 -22.60 18.58
CA ALA B 184 -15.38 -22.78 17.20
C ALA B 184 -14.41 -22.13 16.22
N TRP B 185 -13.86 -20.96 16.57
CA TRP B 185 -13.01 -20.21 15.65
C TRP B 185 -11.52 -20.45 15.85
N LEU B 186 -11.08 -20.77 17.06
CA LEU B 186 -9.65 -20.93 17.33
C LEU B 186 -9.12 -22.31 16.97
N PRO B 187 -9.78 -23.42 17.37
CA PRO B 187 -9.21 -24.75 17.05
C PRO B 187 -9.06 -25.03 15.57
N THR B 188 -9.77 -24.29 14.70
CA THR B 188 -9.67 -24.54 13.26
C THR B 188 -8.50 -23.79 12.65
N ASN B 189 -7.45 -23.56 13.44
CA ASN B 189 -6.22 -22.89 13.02
C ASN B 189 -6.44 -21.43 12.62
N ARG B 190 -7.65 -20.91 12.81
CA ARG B 190 -7.89 -19.48 12.70
C ARG B 190 -7.63 -18.82 14.04
N TYR B 191 -7.13 -17.58 13.99
CA TYR B 191 -6.80 -16.85 15.20
C TYR B 191 -7.82 -15.75 15.45
N GLY B 192 -7.76 -15.21 16.67
CA GLY B 192 -8.66 -14.15 17.07
C GLY B 192 -7.90 -12.94 17.57
N ILE B 193 -8.59 -11.82 17.56
CA ILE B 193 -8.05 -10.54 18.03
C ILE B 193 -9.06 -9.93 18.99
N GLU B 194 -8.57 -9.44 20.13
CA GLU B 194 -9.42 -8.82 21.13
C GLU B 194 -8.88 -7.44 21.48
N ASN B 195 -9.77 -6.60 21.99
CA ASN B 195 -9.43 -5.23 22.40
C ASN B 195 -8.87 -4.42 21.24
N LEU B 196 -9.60 -4.42 20.12
CA LEU B 196 -9.21 -3.65 18.95
C LEU B 196 -9.69 -2.21 19.10
N ALA B 197 -8.80 -1.25 18.88
CA ALA B 197 -9.04 0.16 19.14
C ALA B 197 -9.21 0.93 17.83
N ASN B 198 -9.98 2.01 17.88
CA ASN B 198 -10.13 2.96 16.78
C ASN B 198 -10.87 2.36 15.59
N LEU B 199 -11.82 1.45 15.83
CA LEU B 199 -12.62 0.91 14.74
C LEU B 199 -13.56 1.97 14.14
N ASP B 200 -13.80 3.06 14.86
CA ASP B 200 -14.60 4.16 14.35
C ASP B 200 -13.85 5.06 13.39
N LYS B 201 -12.56 4.81 13.18
CA LYS B 201 -11.74 5.63 12.29
C LYS B 201 -11.37 4.91 11.00
N VAL B 202 -11.90 3.72 10.77
CA VAL B 202 -11.64 2.96 9.55
C VAL B 202 -12.96 2.67 8.86
N PRO B 203 -13.00 2.63 7.52
CA PRO B 203 -14.25 2.27 6.84
C PRO B 203 -14.60 0.81 7.06
N ALA B 204 -15.91 0.52 6.95
CA ALA B 204 -16.38 -0.83 7.20
C ALA B 204 -15.83 -1.81 6.18
N SER B 205 -15.49 -1.34 4.98
CA SER B 205 -14.92 -2.19 3.95
C SER B 205 -13.91 -1.40 3.14
N GLY B 206 -12.88 -2.11 2.66
CA GLY B 206 -11.84 -1.53 1.84
C GLY B 206 -10.50 -1.43 2.54
N ALA B 207 -10.51 -1.21 3.86
CA ALA B 207 -9.27 -1.08 4.61
C ALA B 207 -8.54 -2.43 4.66
N THR B 208 -7.24 -2.35 4.93
CA THR B 208 -6.39 -3.53 5.05
C THR B 208 -5.76 -3.53 6.44
N LEU B 209 -6.01 -4.58 7.20
CA LEU B 209 -5.48 -4.69 8.55
C LEU B 209 -4.07 -5.25 8.53
N ILE B 210 -3.22 -4.71 9.39
CA ILE B 210 -1.82 -5.14 9.53
C ILE B 210 -1.66 -5.60 10.98
N VAL B 211 -1.71 -6.91 11.20
CA VAL B 211 -1.69 -7.48 12.54
C VAL B 211 -0.25 -7.83 12.88
N GLY B 212 0.38 -6.97 13.67
CA GLY B 212 1.73 -7.24 14.14
C GLY B 212 1.74 -8.19 15.32
N ALA B 213 1.37 -9.45 15.06
CA ALA B 213 1.27 -10.43 16.13
C ALA B 213 2.66 -10.72 16.71
N PRO B 214 2.75 -10.94 18.02
CA PRO B 214 4.05 -11.32 18.61
C PRO B 214 4.45 -12.72 18.15
N ASN B 215 5.68 -13.09 18.49
CA ASN B 215 6.17 -14.41 18.14
C ASN B 215 7.19 -14.88 19.18
N HIS B 216 6.74 -15.06 20.42
CA HIS B 216 7.48 -15.82 21.40
C HIS B 216 7.06 -17.28 21.28
N ARG B 217 8.03 -18.17 21.09
CA ARG B 217 7.73 -19.53 20.69
C ARG B 217 6.90 -20.26 21.75
N GLY B 218 5.83 -20.91 21.31
CA GLY B 218 4.95 -21.64 22.20
C GLY B 218 3.89 -20.81 22.88
N GLY B 219 3.75 -19.54 22.51
CA GLY B 219 2.80 -18.68 23.19
C GLY B 219 1.38 -18.86 22.68
N SER B 220 0.42 -18.74 23.60
CA SER B 220 -0.99 -18.83 23.26
C SER B 220 -1.58 -17.51 22.82
N GLY B 221 -0.91 -16.41 23.10
CA GLY B 221 -1.40 -15.09 22.72
C GLY B 221 -0.27 -14.09 22.79
N GLY B 222 -0.62 -12.86 23.13
CA GLY B 222 0.36 -11.80 23.28
C GLY B 222 -0.08 -10.50 22.64
N PRO B 223 0.29 -9.38 23.25
CA PRO B 223 -0.06 -8.07 22.69
C PRO B 223 0.53 -7.90 21.30
N ALA B 224 -0.22 -7.21 20.44
CA ALA B 224 0.15 -7.05 19.04
C ALA B 224 -0.13 -5.62 18.60
N ARG B 225 0.86 -4.98 18.01
CA ARG B 225 0.70 -3.65 17.43
C ARG B 225 0.01 -3.80 16.08
N ILE B 226 -1.23 -3.33 15.99
CA ILE B 226 -2.08 -3.53 14.82
C ILE B 226 -2.27 -2.20 14.11
N PHE B 227 -2.08 -2.20 12.80
CA PHE B 227 -2.30 -1.04 11.95
C PHE B 227 -3.47 -1.29 11.01
N ALA B 228 -3.91 -0.22 10.35
CA ALA B 228 -5.00 -0.32 9.38
C ALA B 228 -4.75 0.69 8.27
N MET B 229 -4.38 0.18 7.09
CA MET B 229 -4.11 1.02 5.93
C MET B 229 -5.45 1.38 5.28
N VAL B 230 -5.91 2.60 5.53
CA VAL B 230 -7.16 3.07 4.95
C VAL B 230 -6.90 3.63 3.56
N GLY C 5 -19.27 -35.48 -35.24
CA GLY C 5 -20.09 -35.71 -36.43
C GLY C 5 -19.34 -36.36 -37.57
N GLU C 6 -18.97 -35.54 -38.56
CA GLU C 6 -18.30 -36.03 -39.75
C GLU C 6 -16.88 -36.49 -39.42
N VAL C 7 -16.49 -37.65 -39.95
CA VAL C 7 -15.19 -38.26 -39.67
C VAL C 7 -14.54 -38.66 -40.99
N ARG C 8 -13.22 -38.48 -41.06
CA ARG C 8 -12.41 -38.94 -42.18
C ARG C 8 -11.46 -40.04 -41.72
N ASP C 9 -11.04 -40.86 -42.69
CA ASP C 9 -10.06 -41.91 -42.44
C ASP C 9 -8.70 -41.45 -42.95
N MET C 10 -7.65 -41.77 -42.19
CA MET C 10 -6.30 -41.30 -42.51
C MET C 10 -5.30 -42.44 -42.64
N THR C 11 -5.76 -43.69 -42.63
CA THR C 11 -4.89 -44.86 -42.62
C THR C 11 -4.95 -45.57 -43.97
N HIS C 12 -3.78 -45.91 -44.51
CA HIS C 12 -3.70 -46.72 -45.71
C HIS C 12 -4.00 -48.17 -45.39
N VAL C 13 -4.71 -48.85 -46.30
CA VAL C 13 -4.90 -50.28 -46.20
C VAL C 13 -3.57 -50.96 -46.49
N TYR C 14 -2.84 -51.32 -45.44
CA TYR C 14 -1.50 -51.86 -45.62
C TYR C 14 -1.54 -53.35 -45.93
N ASP C 15 -0.76 -53.76 -46.92
CA ASP C 15 -0.70 -55.15 -47.36
C ASP C 15 0.73 -55.63 -47.44
N ALA C 16 0.94 -56.82 -48.04
CA ALA C 16 2.29 -57.35 -48.17
C ALA C 16 3.12 -56.58 -49.20
N ASP C 17 2.48 -55.92 -50.15
CA ASP C 17 3.18 -55.17 -51.18
C ASP C 17 3.14 -53.66 -50.93
N PHE C 18 2.84 -53.25 -49.71
CA PHE C 18 2.86 -51.83 -49.40
C PHE C 18 4.30 -51.33 -49.28
N PRO C 19 4.61 -50.17 -49.85
CA PRO C 19 5.99 -49.67 -49.80
C PRO C 19 6.45 -49.43 -48.37
N THR C 20 7.60 -50.01 -48.02
CA THR C 20 8.20 -49.84 -46.72
C THR C 20 9.59 -49.22 -46.88
N TYR C 21 10.12 -48.69 -45.77
CA TYR C 21 11.41 -48.03 -45.81
C TYR C 21 12.54 -49.03 -46.07
N PHE C 22 12.61 -50.09 -45.27
CA PHE C 22 13.68 -51.07 -45.43
C PHE C 22 13.56 -51.87 -46.73
N GLY C 23 12.36 -51.96 -47.30
CA GLY C 23 12.18 -52.66 -48.55
C GLY C 23 11.46 -54.00 -48.39
N ALA C 24 11.92 -54.80 -47.44
CA ALA C 24 11.32 -56.11 -47.22
C ALA C 24 9.91 -55.96 -46.65
N PRO C 25 8.98 -56.83 -47.04
CA PRO C 25 7.62 -56.75 -46.48
C PRO C 25 7.64 -56.96 -44.97
N GLY C 26 6.86 -56.15 -44.27
CA GLY C 26 6.81 -56.23 -42.82
C GLY C 26 5.50 -56.80 -42.29
N ILE C 27 4.80 -57.56 -43.13
CA ILE C 27 3.56 -58.20 -42.72
C ILE C 27 3.41 -59.49 -43.51
N GLU C 28 3.20 -60.60 -42.79
CA GLU C 28 2.96 -61.89 -43.40
C GLU C 28 1.96 -62.66 -42.55
N ALA C 29 0.85 -63.04 -43.15
CA ALA C 29 -0.23 -63.73 -42.46
C ALA C 29 -0.16 -65.23 -42.72
N VAL C 30 -0.64 -66.00 -41.74
CA VAL C 30 -0.74 -67.45 -41.86
C VAL C 30 -2.12 -67.88 -41.40
N GLN C 31 -2.83 -68.63 -42.24
CA GLN C 31 -4.17 -69.10 -41.92
C GLN C 31 -4.10 -70.18 -40.86
N ASN C 32 -4.96 -70.08 -39.86
CA ASN C 32 -4.88 -70.94 -38.68
C ASN C 32 -6.27 -71.38 -38.28
N PHE C 33 -6.34 -72.57 -37.67
CA PHE C 33 -7.58 -73.21 -37.20
C PHE C 33 -8.49 -73.63 -38.36
N ASN C 34 -9.33 -74.62 -38.11
CA ASN C 34 -10.32 -75.07 -39.07
C ASN C 34 -11.67 -74.42 -38.74
N PHE C 35 -12.74 -74.94 -39.33
CA PHE C 35 -14.07 -74.36 -39.18
C PHE C 35 -15.02 -75.30 -38.43
N LYS C 36 -15.34 -76.45 -39.01
CA LYS C 36 -16.44 -77.25 -38.48
C LYS C 36 -16.10 -77.99 -37.20
N GLU C 37 -14.92 -77.78 -36.64
CA GLU C 37 -14.59 -78.34 -35.34
C GLU C 37 -14.95 -77.39 -34.20
N HIS C 38 -14.79 -76.08 -34.43
CA HIS C 38 -15.22 -75.08 -33.46
C HIS C 38 -15.87 -73.90 -34.20
N GLY C 39 -15.09 -73.20 -35.02
CA GLY C 39 -15.63 -72.11 -35.80
C GLY C 39 -14.78 -70.85 -35.75
N PHE C 40 -13.76 -70.85 -34.89
CA PHE C 40 -12.91 -69.68 -34.72
C PHE C 40 -11.92 -69.61 -35.87
N ASN C 41 -12.24 -68.78 -36.87
CA ASN C 41 -11.34 -68.56 -37.99
C ASN C 41 -10.32 -67.49 -37.61
N LEU C 42 -9.05 -67.87 -37.57
CA LEU C 42 -8.02 -67.01 -37.02
C LEU C 42 -6.78 -67.02 -37.89
N PHE C 43 -6.09 -65.87 -37.92
CA PHE C 43 -4.85 -65.71 -38.65
C PHE C 43 -3.76 -65.29 -37.68
N THR C 44 -2.55 -65.81 -37.88
CA THR C 44 -1.39 -65.33 -37.14
C THR C 44 -0.57 -64.42 -38.05
N LEU C 45 -0.07 -63.34 -37.47
CA LEU C 45 0.56 -62.28 -38.23
C LEU C 45 2.03 -62.16 -37.84
N THR C 46 2.78 -61.41 -38.65
CA THR C 46 4.19 -61.12 -38.39
C THR C 46 4.43 -59.67 -38.81
N LEU C 47 4.25 -58.76 -37.85
CA LEU C 47 4.29 -57.33 -38.11
C LEU C 47 5.66 -56.75 -37.79
N ASN C 48 6.21 -55.97 -38.71
CA ASN C 48 7.31 -55.07 -38.39
C ASN C 48 6.73 -53.79 -37.81
N GLU C 49 7.30 -53.33 -36.70
CA GLU C 49 6.71 -52.22 -35.95
C GLU C 49 6.61 -50.94 -36.77
N HIS C 50 7.37 -50.81 -37.86
CA HIS C 50 7.38 -49.60 -38.68
C HIS C 50 7.09 -50.00 -40.12
N THR C 51 5.81 -50.18 -40.42
CA THR C 51 5.34 -50.51 -41.77
C THR C 51 4.03 -49.79 -42.01
N GLY C 52 3.95 -49.07 -43.13
CA GLY C 52 2.74 -48.34 -43.46
C GLY C 52 2.42 -47.28 -42.42
N THR C 53 1.13 -46.98 -42.29
CA THR C 53 0.67 -46.01 -41.32
C THR C 53 0.90 -46.53 -39.90
N HIS C 54 2.05 -46.21 -39.33
CA HIS C 54 2.42 -46.65 -37.99
C HIS C 54 2.75 -45.44 -37.11
N VAL C 55 3.17 -45.70 -35.89
CA VAL C 55 3.47 -44.68 -34.90
C VAL C 55 4.92 -44.81 -34.48
N ASP C 56 5.65 -43.70 -34.49
CA ASP C 56 7.02 -43.66 -33.99
C ASP C 56 6.97 -43.24 -32.53
N ALA C 57 7.03 -44.21 -31.63
CA ALA C 57 7.09 -43.92 -30.21
C ALA C 57 8.44 -43.29 -29.87
N PRO C 58 8.53 -42.59 -28.73
CA PRO C 58 9.83 -42.07 -28.30
C PRO C 58 10.88 -43.16 -28.12
N LEU C 59 10.47 -44.40 -27.86
CA LEU C 59 11.43 -45.49 -27.72
C LEU C 59 12.07 -45.86 -29.06
N HIS C 60 11.46 -45.46 -30.18
CA HIS C 60 11.94 -45.89 -31.49
C HIS C 60 13.36 -45.39 -31.77
N PHE C 61 13.76 -44.27 -31.18
CA PHE C 61 15.09 -43.72 -31.40
C PHE C 61 15.76 -43.35 -30.07
N SER C 62 15.49 -44.11 -29.02
CA SER C 62 16.08 -43.88 -27.71
C SER C 62 15.98 -45.16 -26.90
N ALA C 63 16.59 -45.13 -25.71
CA ALA C 63 16.48 -46.24 -24.76
C ALA C 63 15.57 -45.92 -23.58
N ASP C 64 15.53 -44.67 -23.14
CA ASP C 64 14.68 -44.25 -22.04
C ASP C 64 13.33 -43.71 -22.49
N GLY C 65 13.12 -43.54 -23.79
CA GLY C 65 11.88 -42.98 -24.28
C GLY C 65 10.69 -43.88 -24.01
N GLN C 66 9.50 -43.27 -24.06
CA GLN C 66 8.27 -44.00 -23.82
C GLN C 66 7.95 -44.94 -24.97
N SER C 67 7.29 -46.04 -24.64
CA SER C 67 6.82 -46.98 -25.65
C SER C 67 5.40 -46.60 -26.09
N VAL C 68 4.87 -47.34 -27.06
CA VAL C 68 3.57 -47.01 -27.63
C VAL C 68 2.47 -47.11 -26.59
N ASP C 69 2.60 -48.03 -25.64
CA ASP C 69 1.61 -48.15 -24.57
C ASP C 69 1.75 -47.07 -23.51
N GLU C 70 2.95 -46.50 -23.36
CA GLU C 70 3.20 -45.48 -22.35
C GLU C 70 2.94 -44.07 -22.85
N ILE C 71 2.53 -43.91 -24.10
CA ILE C 71 2.11 -42.59 -24.60
C ILE C 71 0.78 -42.22 -23.97
N PRO C 72 0.62 -41.02 -23.43
CA PRO C 72 -0.66 -40.64 -22.82
C PRO C 72 -1.79 -40.70 -23.83
N VAL C 73 -2.96 -41.17 -23.36
CA VAL C 73 -4.13 -41.26 -24.23
C VAL C 73 -4.54 -39.87 -24.71
N GLY C 74 -4.46 -38.87 -23.83
CA GLY C 74 -4.77 -37.51 -24.24
C GLY C 74 -3.85 -37.01 -25.33
N ASN C 75 -2.59 -37.48 -25.34
CA ASN C 75 -1.65 -37.12 -26.38
C ASN C 75 -1.96 -37.78 -27.71
N LEU C 76 -2.93 -38.69 -27.75
CA LEU C 76 -3.34 -39.34 -28.99
C LEU C 76 -4.53 -38.67 -29.65
N VAL C 77 -5.06 -37.61 -29.05
CA VAL C 77 -6.16 -36.82 -29.61
C VAL C 77 -5.62 -35.40 -29.74
N CYS C 78 -5.24 -35.01 -30.96
CA CYS C 78 -4.54 -33.75 -31.15
C CYS C 78 -5.27 -32.86 -32.15
N PRO C 79 -5.36 -31.57 -31.87
CA PRO C 79 -5.86 -30.62 -32.88
C PRO C 79 -4.93 -30.60 -34.09
N LEU C 80 -5.44 -31.06 -35.23
CA LEU C 80 -4.61 -31.24 -36.40
C LEU C 80 -4.18 -29.90 -36.99
N CYS C 81 -2.93 -29.85 -37.47
CA CYS C 81 -2.36 -28.66 -38.09
C CYS C 81 -1.66 -29.12 -39.37
N VAL C 82 -2.38 -29.09 -40.49
CA VAL C 82 -1.86 -29.58 -41.76
C VAL C 82 -1.03 -28.49 -42.42
N VAL C 83 0.23 -28.81 -42.70
CA VAL C 83 1.15 -27.90 -43.39
C VAL C 83 1.18 -28.27 -44.86
N HIS C 84 0.94 -27.30 -45.73
CA HIS C 84 0.81 -27.53 -47.17
C HIS C 84 2.14 -27.21 -47.83
N ILE C 85 2.99 -28.23 -47.98
CA ILE C 85 4.25 -28.11 -48.72
C ILE C 85 4.24 -28.93 -50.00
N HIS C 86 3.12 -29.57 -50.34
CA HIS C 86 3.02 -30.33 -51.58
C HIS C 86 3.37 -29.47 -52.80
N GLU C 87 3.17 -28.16 -52.70
CA GLU C 87 3.48 -27.26 -53.80
C GLU C 87 4.97 -27.19 -54.07
N LYS C 88 5.79 -27.23 -53.03
CA LYS C 88 7.24 -27.28 -53.17
C LYS C 88 7.78 -28.70 -53.19
N ALA C 89 6.92 -29.70 -53.03
CA ALA C 89 7.37 -31.09 -53.05
C ALA C 89 7.51 -31.62 -54.47
N ALA C 90 6.70 -31.15 -55.41
CA ALA C 90 6.80 -31.61 -56.78
C ALA C 90 8.05 -31.06 -57.47
N ALA C 91 8.48 -29.86 -57.09
CA ALA C 91 9.69 -29.29 -57.68
C ALA C 91 10.92 -30.09 -57.27
N ASP C 92 11.02 -30.43 -55.98
CA ASP C 92 12.11 -31.26 -55.47
C ASP C 92 11.50 -32.36 -54.60
N ALA C 93 11.69 -33.61 -55.02
CA ALA C 93 11.15 -34.74 -54.26
C ALA C 93 11.76 -34.85 -52.87
N ASP C 94 12.91 -34.20 -52.64
CA ASP C 94 13.55 -34.18 -51.32
C ASP C 94 13.20 -32.91 -50.55
N ALA C 95 11.98 -32.39 -50.73
CA ALA C 95 11.58 -31.19 -50.03
C ALA C 95 11.59 -31.39 -48.52
N GLN C 96 11.61 -30.28 -47.80
CA GLN C 96 11.69 -30.32 -46.34
C GLN C 96 10.82 -29.22 -45.75
N VAL C 97 10.04 -29.58 -44.73
CA VAL C 97 9.34 -28.56 -43.94
C VAL C 97 10.38 -27.81 -43.12
N THR C 98 10.47 -26.51 -43.33
CA THR C 98 11.45 -25.67 -42.68
C THR C 98 10.73 -24.59 -41.86
N PRO C 99 11.45 -23.93 -40.94
CA PRO C 99 10.84 -22.78 -40.24
C PRO C 99 10.29 -21.73 -41.19
N ASP C 100 10.86 -21.60 -42.40
CA ASP C 100 10.24 -20.75 -43.41
C ASP C 100 8.85 -21.24 -43.76
N ASP C 101 8.61 -22.55 -43.69
CA ASP C 101 7.30 -23.12 -43.94
C ASP C 101 6.40 -23.11 -42.70
N LEU C 102 6.98 -23.12 -41.51
CA LEU C 102 6.18 -23.15 -40.28
C LEU C 102 5.77 -21.77 -39.80
N LYS C 103 6.66 -20.78 -39.90
CA LYS C 103 6.35 -19.43 -39.44
C LYS C 103 5.26 -18.76 -40.27
N ALA C 104 4.85 -19.37 -41.40
CA ALA C 104 3.78 -18.84 -42.21
C ALA C 104 2.41 -19.36 -41.79
N TRP C 105 2.33 -20.63 -41.37
CA TRP C 105 1.06 -21.18 -40.92
C TRP C 105 0.56 -20.46 -39.67
N ILE C 106 1.49 -20.08 -38.78
CA ILE C 106 1.10 -19.40 -37.55
C ILE C 106 0.48 -18.04 -37.87
N SER C 107 0.98 -17.37 -38.91
CA SER C 107 0.44 -16.08 -39.30
C SER C 107 -0.86 -16.19 -40.08
N ALA C 108 -1.12 -17.32 -40.73
CA ALA C 108 -2.33 -17.49 -41.52
C ALA C 108 -3.48 -18.07 -40.70
N HIS C 109 -3.19 -19.02 -39.81
CA HIS C 109 -4.23 -19.70 -39.04
C HIS C 109 -4.22 -19.37 -37.56
N GLY C 110 -3.09 -18.93 -37.00
CA GLY C 110 -3.02 -18.59 -35.60
C GLY C 110 -1.93 -19.35 -34.87
N PRO C 111 -1.81 -19.11 -33.57
CA PRO C 111 -0.77 -19.80 -32.79
C PRO C 111 -1.00 -21.31 -32.79
N ILE C 112 0.10 -22.05 -32.75
CA ILE C 112 0.05 -23.51 -32.73
C ILE C 112 -0.57 -23.96 -31.42
N PRO C 113 -1.68 -24.68 -31.44
CA PRO C 113 -2.29 -25.14 -30.20
C PRO C 113 -1.38 -26.09 -29.44
N ASP C 114 -1.60 -26.16 -28.13
CA ASP C 114 -0.81 -27.06 -27.29
C ASP C 114 -1.22 -28.50 -27.57
N GLY C 115 -0.21 -29.39 -27.60
CA GLY C 115 -0.47 -30.79 -27.90
C GLY C 115 -1.04 -31.04 -29.27
N ALA C 116 -0.73 -30.18 -30.24
CA ALA C 116 -1.24 -30.33 -31.59
C ALA C 116 -0.43 -31.38 -32.35
N CYS C 117 -0.86 -31.66 -33.57
CA CYS C 117 -0.17 -32.59 -34.46
C CYS C 117 0.17 -31.86 -35.76
N VAL C 118 1.46 -31.67 -36.00
CA VAL C 118 1.93 -30.96 -37.19
C VAL C 118 2.03 -32.00 -38.31
N ALA C 119 1.02 -32.01 -39.18
CA ALA C 119 0.99 -32.96 -40.29
C ALA C 119 1.56 -32.32 -41.55
N MET C 120 2.35 -33.09 -42.29
CA MET C 120 2.98 -32.64 -43.51
C MET C 120 2.20 -33.15 -44.71
N HIS C 121 1.68 -32.22 -45.52
CA HIS C 121 1.01 -32.56 -46.78
C HIS C 121 2.00 -32.29 -47.90
N SER C 122 2.58 -33.37 -48.44
CA SER C 122 3.51 -33.26 -49.56
C SER C 122 2.99 -33.93 -50.82
N GLY C 123 1.72 -34.31 -50.86
CA GLY C 123 1.18 -34.99 -52.02
C GLY C 123 1.78 -36.35 -52.28
N TRP C 124 2.16 -37.07 -51.21
CA TRP C 124 2.85 -38.34 -51.34
C TRP C 124 1.95 -39.54 -51.06
N ALA C 125 0.87 -39.36 -50.29
CA ALA C 125 0.04 -40.50 -49.91
C ALA C 125 -0.65 -41.13 -51.12
N GLY C 126 -0.87 -40.35 -52.18
CA GLY C 126 -1.46 -40.89 -53.38
C GLY C 126 -0.54 -41.68 -54.27
N LYS C 127 0.71 -41.89 -53.84
CA LYS C 127 1.70 -42.62 -54.62
C LYS C 127 1.99 -44.00 -54.06
N THR C 128 1.18 -44.48 -53.10
CA THR C 128 1.43 -45.77 -52.48
C THR C 128 1.27 -46.92 -53.47
N GLY C 129 0.50 -46.74 -54.53
CA GLY C 129 0.29 -47.79 -55.50
C GLY C 129 1.51 -48.09 -56.34
N GLY C 130 2.04 -47.08 -57.02
CA GLY C 130 3.18 -47.24 -57.90
C GLY C 130 4.49 -47.23 -57.14
N ALA C 131 5.56 -46.95 -57.88
CA ALA C 131 6.91 -46.89 -57.32
C ALA C 131 7.32 -45.49 -56.88
N GLY C 132 6.48 -44.49 -57.12
CA GLY C 132 6.82 -43.12 -56.73
C GLY C 132 6.88 -42.91 -55.23
N TYR C 133 6.27 -43.79 -54.45
CA TYR C 133 6.31 -43.65 -53.00
C TYR C 133 7.72 -43.90 -52.46
N ARG C 134 8.35 -45.00 -52.90
CA ARG C 134 9.72 -45.25 -52.51
C ARG C 134 10.67 -44.24 -53.16
N ASN C 135 10.45 -43.93 -54.44
CA ASN C 135 11.29 -42.99 -55.19
C ASN C 135 12.75 -43.40 -55.18
N ALA C 136 13.01 -44.70 -55.17
CA ALA C 136 14.38 -45.20 -55.19
C ALA C 136 15.04 -44.88 -56.53
N ASP C 137 16.28 -44.42 -56.47
CA ASP C 137 17.01 -44.03 -57.66
C ASP C 137 17.87 -45.20 -58.14
N SER C 138 18.92 -44.91 -58.91
CA SER C 138 19.81 -45.96 -59.41
C SER C 138 20.76 -46.50 -58.36
N GLU C 139 20.84 -45.86 -57.20
CA GLU C 139 21.70 -46.33 -56.11
C GLU C 139 20.90 -46.78 -54.89
N GLY C 140 19.58 -46.76 -54.95
CA GLY C 140 18.74 -47.22 -53.87
C GLY C 140 18.33 -46.17 -52.87
N LYS C 141 19.02 -45.02 -52.85
CA LYS C 141 18.69 -43.96 -51.90
C LYS C 141 17.37 -43.32 -52.28
N MET C 142 16.41 -43.36 -51.36
CA MET C 142 15.06 -42.88 -51.62
C MET C 142 15.06 -41.35 -51.77
N HIS C 143 13.93 -40.83 -52.27
CA HIS C 143 13.77 -39.41 -52.55
C HIS C 143 12.33 -39.00 -52.25
N PHE C 144 12.00 -38.93 -50.97
CA PHE C 144 10.68 -38.47 -50.54
C PHE C 144 10.84 -37.34 -49.54
N PRO C 145 9.85 -36.45 -49.42
CA PRO C 145 9.97 -35.32 -48.50
C PRO C 145 10.01 -35.73 -47.04
N GLY C 146 10.12 -34.74 -46.16
CA GLY C 146 10.19 -35.00 -44.73
C GLY C 146 10.52 -33.74 -43.94
N PHE C 147 10.25 -33.76 -42.64
CA PHE C 147 10.51 -32.59 -41.81
C PHE C 147 12.01 -32.35 -41.68
N HIS C 148 12.38 -31.08 -41.55
CA HIS C 148 13.76 -30.69 -41.32
C HIS C 148 14.04 -30.61 -39.83
N VAL C 149 15.30 -30.83 -39.46
CA VAL C 149 15.68 -30.89 -38.05
C VAL C 149 15.45 -29.55 -37.38
N GLU C 150 15.69 -28.45 -38.10
CA GLU C 150 15.40 -27.12 -37.55
C GLU C 150 13.91 -26.91 -37.38
N ALA C 151 13.09 -27.57 -38.20
CA ALA C 151 11.65 -27.46 -38.06
C ALA C 151 11.16 -28.04 -36.74
N ALA C 152 11.72 -29.19 -36.35
CA ALA C 152 11.32 -29.81 -35.09
C ALA C 152 11.82 -29.02 -33.90
N GLN C 153 13.03 -28.46 -33.99
CA GLN C 153 13.64 -27.79 -32.85
C GLN C 153 12.83 -26.56 -32.44
N MET C 154 12.28 -25.84 -33.41
CA MET C 154 11.40 -24.71 -33.08
C MET C 154 10.10 -25.20 -32.46
N LEU C 155 9.62 -26.38 -32.87
CA LEU C 155 8.42 -26.95 -32.27
C LEU C 155 8.64 -27.41 -30.85
N ILE C 156 9.88 -27.71 -30.46
CA ILE C 156 10.15 -28.16 -29.10
C ILE C 156 10.07 -26.97 -28.13
N GLU C 157 10.60 -25.82 -28.54
CA GLU C 157 10.74 -24.68 -27.65
C GLU C 157 9.56 -23.71 -27.74
N GLU C 158 9.18 -23.31 -28.95
CA GLU C 158 8.19 -22.25 -29.10
C GLU C 158 6.78 -22.73 -28.78
N THR C 159 6.46 -24.00 -29.05
CA THR C 159 5.14 -24.54 -28.78
C THR C 159 5.28 -25.85 -28.00
N GLY C 160 4.13 -26.45 -27.68
CA GLY C 160 4.12 -27.68 -26.93
C GLY C 160 3.37 -28.81 -27.62
N ALA C 161 3.49 -28.89 -28.93
CA ALA C 161 2.86 -29.98 -29.68
C ALA C 161 3.45 -31.32 -29.25
N VAL C 162 2.67 -32.38 -29.47
CA VAL C 162 3.06 -33.71 -29.03
C VAL C 162 3.23 -34.70 -30.18
N ALA C 163 2.73 -34.41 -31.37
CA ALA C 163 2.78 -35.35 -32.48
C ALA C 163 3.24 -34.64 -33.75
N MET C 164 3.99 -35.36 -34.58
CA MET C 164 4.46 -34.86 -35.87
C MET C 164 4.16 -35.91 -36.93
N ALA C 165 3.20 -35.61 -37.79
CA ALA C 165 2.73 -36.55 -38.80
C ALA C 165 3.28 -36.19 -40.17
N VAL C 166 3.56 -37.22 -40.98
CA VAL C 166 4.02 -37.07 -42.34
C VAL C 166 3.21 -38.00 -43.23
N ASP C 167 3.12 -37.64 -44.52
CA ASP C 167 2.50 -38.49 -45.51
C ASP C 167 3.54 -39.30 -46.30
N THR C 168 4.75 -39.45 -45.76
CA THR C 168 5.82 -40.18 -46.37
C THR C 168 6.28 -41.30 -45.44
N LEU C 169 7.38 -41.97 -45.82
CA LEU C 169 7.85 -43.12 -45.07
C LEU C 169 8.50 -42.69 -43.75
N SER C 170 9.30 -41.64 -43.78
CA SER C 170 10.08 -41.23 -42.62
C SER C 170 9.76 -39.79 -42.23
N LEU C 171 10.02 -39.47 -40.96
CA LEU C 171 9.90 -38.08 -40.51
C LEU C 171 10.95 -37.20 -41.18
N ASP C 172 12.13 -37.76 -41.44
CA ASP C 172 13.12 -37.09 -42.27
C ASP C 172 12.86 -37.40 -43.74
N HIS C 173 13.49 -36.61 -44.61
CA HIS C 173 13.29 -36.81 -46.04
C HIS C 173 14.04 -38.07 -46.51
N GLY C 174 13.97 -38.31 -47.81
CA GLY C 174 14.51 -39.52 -48.40
C GLY C 174 15.97 -39.78 -48.11
N PRO C 175 16.86 -38.99 -48.72
CA PRO C 175 18.30 -39.25 -48.60
C PRO C 175 18.88 -38.91 -47.24
N SER C 176 18.06 -38.94 -46.19
CA SER C 176 18.54 -38.66 -44.84
C SER C 176 19.45 -39.79 -44.37
N ALA C 177 20.68 -39.44 -43.98
CA ALA C 177 21.66 -40.42 -43.54
C ALA C 177 21.85 -40.42 -42.02
N ASP C 178 21.15 -39.56 -41.30
CA ASP C 178 21.32 -39.45 -39.85
C ASP C 178 20.03 -39.45 -39.06
N PHE C 179 18.87 -39.22 -39.69
CA PHE C 179 17.59 -39.15 -39.00
C PHE C 179 17.62 -38.09 -37.89
N ALA C 180 18.06 -36.88 -38.27
CA ALA C 180 18.20 -35.81 -37.29
C ALA C 180 16.86 -35.42 -36.68
N THR C 181 15.80 -35.44 -37.49
CA THR C 181 14.46 -35.16 -36.95
C THR C 181 14.03 -36.24 -35.97
N HIS C 182 14.39 -37.49 -36.23
CA HIS C 182 14.06 -38.57 -35.30
C HIS C 182 14.79 -38.39 -33.98
N TYR C 183 16.07 -38.04 -34.02
CA TYR C 183 16.86 -37.86 -32.81
C TYR C 183 16.56 -36.56 -32.08
N ALA C 184 15.77 -35.67 -32.67
CA ALA C 184 15.43 -34.39 -32.05
C ALA C 184 14.01 -34.34 -31.50
N TRP C 185 13.07 -35.02 -32.15
CA TRP C 185 11.66 -34.99 -31.76
C TRP C 185 11.28 -36.14 -30.85
N LEU C 186 11.80 -37.35 -31.12
CA LEU C 186 11.39 -38.51 -30.33
C LEU C 186 11.96 -38.50 -28.91
N PRO C 187 13.26 -38.24 -28.68
CA PRO C 187 13.79 -38.31 -27.31
C PRO C 187 13.13 -37.35 -26.33
N THR C 188 12.42 -36.32 -26.81
CA THR C 188 11.73 -35.37 -25.95
C THR C 188 10.33 -35.84 -25.56
N ASN C 189 10.09 -37.15 -25.56
CA ASN C 189 8.78 -37.72 -25.23
C ASN C 189 7.69 -37.18 -26.16
N ARG C 190 8.04 -36.98 -27.42
CA ARG C 190 7.10 -36.56 -28.46
C ARG C 190 7.12 -37.61 -29.55
N TYR C 191 5.96 -38.18 -29.86
CA TYR C 191 5.89 -39.26 -30.83
C TYR C 191 5.62 -38.72 -32.23
N GLY C 192 5.84 -39.59 -33.22
CA GLY C 192 5.66 -39.20 -34.60
C GLY C 192 4.80 -40.21 -35.35
N ILE C 193 4.23 -39.74 -36.44
CA ILE C 193 3.38 -40.55 -37.32
C ILE C 193 4.01 -40.56 -38.71
N GLU C 194 3.93 -41.70 -39.38
CA GLU C 194 4.46 -41.84 -40.72
C GLU C 194 3.44 -42.54 -41.62
N ASN C 195 3.47 -42.18 -42.90
CA ASN C 195 2.56 -42.73 -43.91
C ASN C 195 1.10 -42.42 -43.57
N LEU C 196 0.82 -41.14 -43.35
CA LEU C 196 -0.55 -40.69 -43.11
C LEU C 196 -1.24 -40.42 -44.45
N ALA C 197 -2.47 -40.91 -44.58
CA ALA C 197 -3.25 -40.79 -45.80
C ALA C 197 -4.30 -39.70 -45.67
N ASN C 198 -4.82 -39.26 -46.81
CA ASN C 198 -5.97 -38.35 -46.89
C ASN C 198 -5.71 -37.01 -46.19
N LEU C 199 -4.46 -36.55 -46.19
CA LEU C 199 -4.18 -35.23 -45.63
C LEU C 199 -4.67 -34.11 -46.55
N ASP C 200 -4.94 -34.41 -47.82
CA ASP C 200 -5.49 -33.43 -48.74
C ASP C 200 -6.98 -33.22 -48.57
N LYS C 201 -7.66 -34.08 -47.79
CA LYS C 201 -9.09 -33.99 -47.57
C LYS C 201 -9.44 -33.57 -46.15
N VAL C 202 -8.51 -32.93 -45.45
CA VAL C 202 -8.76 -32.44 -44.09
C VAL C 202 -8.36 -30.98 -44.03
N PRO C 203 -9.02 -30.16 -43.21
CA PRO C 203 -8.63 -28.75 -43.12
C PRO C 203 -7.31 -28.59 -42.36
N ALA C 204 -6.60 -27.51 -42.71
CA ALA C 204 -5.33 -27.23 -42.05
C ALA C 204 -5.51 -26.91 -40.57
N SER C 205 -6.66 -26.34 -40.20
CA SER C 205 -6.95 -26.02 -38.82
C SER C 205 -8.42 -26.30 -38.54
N GLY C 206 -8.73 -26.60 -37.29
CA GLY C 206 -10.08 -26.90 -36.85
C GLY C 206 -10.40 -28.37 -36.75
N ALA C 207 -9.61 -29.23 -37.40
CA ALA C 207 -9.85 -30.66 -37.38
C ALA C 207 -9.13 -31.31 -36.20
N THR C 208 -9.71 -32.40 -35.71
CA THR C 208 -9.15 -33.17 -34.61
C THR C 208 -8.73 -34.55 -35.11
N LEU C 209 -7.48 -34.92 -34.83
CA LEU C 209 -6.93 -36.19 -35.27
C LEU C 209 -7.01 -37.20 -34.14
N ILE C 210 -7.70 -38.31 -34.38
CA ILE C 210 -7.82 -39.40 -33.42
C ILE C 210 -6.77 -40.44 -33.79
N VAL C 211 -5.72 -40.54 -32.99
CA VAL C 211 -4.60 -41.43 -33.26
C VAL C 211 -4.79 -42.69 -32.42
N GLY C 212 -5.23 -43.76 -33.07
CA GLY C 212 -5.37 -45.04 -32.40
C GLY C 212 -4.06 -45.79 -32.33
N ALA C 213 -3.08 -45.22 -31.64
CA ALA C 213 -1.76 -45.83 -31.57
C ALA C 213 -1.84 -47.16 -30.84
N PRO C 214 -1.11 -48.18 -31.28
CA PRO C 214 -1.13 -49.47 -30.59
C PRO C 214 -0.52 -49.34 -29.20
N ASN C 215 -0.77 -50.36 -28.37
CA ASN C 215 -0.30 -50.36 -27.00
C ASN C 215 0.17 -51.76 -26.59
N HIS C 216 1.15 -52.27 -27.33
CA HIS C 216 1.86 -53.47 -26.91
C HIS C 216 3.01 -53.05 -26.01
N ARG C 217 3.10 -53.69 -24.84
CA ARG C 217 4.02 -53.26 -23.79
C ARG C 217 5.46 -53.22 -24.30
N GLY C 218 6.11 -52.07 -24.12
CA GLY C 218 7.51 -51.91 -24.50
C GLY C 218 7.77 -52.00 -25.98
N GLY C 219 6.96 -51.29 -26.78
CA GLY C 219 7.07 -51.32 -28.22
C GLY C 219 7.53 -49.97 -28.77
N SER C 220 8.50 -50.03 -29.68
CA SER C 220 9.02 -48.83 -30.31
C SER C 220 8.07 -48.29 -31.37
N GLY C 221 7.12 -49.09 -31.82
CA GLY C 221 6.21 -48.64 -32.85
C GLY C 221 5.13 -49.68 -33.11
N GLY C 222 4.36 -49.43 -34.18
CA GLY C 222 3.29 -50.31 -34.55
C GLY C 222 2.26 -49.60 -35.40
N PRO C 223 1.62 -50.33 -36.31
CA PRO C 223 0.56 -49.73 -37.13
C PRO C 223 -0.58 -49.23 -36.26
N ALA C 224 -1.29 -48.22 -36.77
CA ALA C 224 -2.34 -47.58 -36.00
C ALA C 224 -3.45 -47.14 -36.94
N ARG C 225 -4.69 -47.22 -36.46
CA ARG C 225 -5.84 -46.69 -37.17
C ARG C 225 -6.07 -45.26 -36.71
N ILE C 226 -5.99 -44.32 -37.65
CA ILE C 226 -6.03 -42.89 -37.34
C ILE C 226 -7.25 -42.27 -38.01
N PHE C 227 -8.05 -41.57 -37.23
CA PHE C 227 -9.24 -40.89 -37.70
C PHE C 227 -9.04 -39.38 -37.65
N ALA C 228 -9.96 -38.66 -38.29
CA ALA C 228 -9.95 -37.20 -38.30
C ALA C 228 -11.36 -36.70 -38.09
N MET C 229 -11.58 -35.98 -36.99
CA MET C 229 -12.89 -35.42 -36.70
C MET C 229 -13.07 -34.09 -37.40
N VAL C 230 -14.24 -33.90 -38.00
CA VAL C 230 -14.56 -32.65 -38.70
C VAL C 230 -15.69 -31.94 -37.97
N GLU D 6 -13.28 -34.92 -24.16
CA GLU D 6 -12.70 -35.86 -23.21
C GLU D 6 -12.76 -37.29 -23.75
N VAL D 7 -11.65 -38.01 -23.63
CA VAL D 7 -11.48 -39.33 -24.22
C VAL D 7 -11.10 -40.32 -23.13
N ARG D 8 -11.81 -41.43 -23.07
CA ARG D 8 -11.47 -42.54 -22.18
C ARG D 8 -10.94 -43.69 -23.03
N ASP D 9 -9.72 -44.12 -22.74
CA ASP D 9 -9.13 -45.25 -23.45
C ASP D 9 -9.76 -46.55 -22.95
N MET D 10 -10.30 -47.34 -23.87
CA MET D 10 -10.96 -48.59 -23.54
C MET D 10 -10.12 -49.81 -23.93
N THR D 11 -8.83 -49.61 -24.22
CA THR D 11 -7.97 -50.65 -24.75
C THR D 11 -7.05 -51.19 -23.65
N HIS D 12 -6.86 -52.50 -23.66
CA HIS D 12 -5.92 -53.14 -22.75
C HIS D 12 -4.50 -53.03 -23.29
N VAL D 13 -3.53 -53.16 -22.39
CA VAL D 13 -2.12 -53.25 -22.75
C VAL D 13 -1.78 -54.72 -22.90
N TYR D 14 -1.61 -55.18 -24.14
CA TYR D 14 -1.39 -56.58 -24.44
C TYR D 14 0.10 -56.86 -24.62
N ASP D 15 0.53 -58.02 -24.13
CA ASP D 15 1.91 -58.47 -24.30
C ASP D 15 1.88 -59.99 -24.47
N ALA D 16 3.07 -60.60 -24.47
CA ALA D 16 3.17 -62.04 -24.67
C ALA D 16 2.46 -62.82 -23.56
N ASP D 17 2.38 -62.24 -22.36
CA ASP D 17 1.79 -62.91 -21.20
C ASP D 17 0.33 -62.55 -21.01
N PHE D 18 -0.33 -62.01 -22.02
CA PHE D 18 -1.74 -61.66 -21.89
C PHE D 18 -2.61 -62.89 -22.13
N PRO D 19 -3.66 -63.09 -21.32
CA PRO D 19 -4.51 -64.27 -21.49
C PRO D 19 -5.27 -64.23 -22.80
N THR D 20 -5.28 -65.35 -23.51
CA THR D 20 -5.93 -65.47 -24.80
C THR D 20 -7.12 -66.42 -24.71
N TYR D 21 -7.65 -66.80 -25.87
CA TYR D 21 -8.83 -67.68 -25.90
C TYR D 21 -8.47 -69.15 -25.76
N PHE D 22 -7.24 -69.54 -26.11
CA PHE D 22 -6.84 -70.93 -26.07
C PHE D 22 -5.80 -71.24 -25.00
N GLY D 23 -5.18 -70.22 -24.41
CA GLY D 23 -4.20 -70.43 -23.36
C GLY D 23 -2.75 -70.40 -23.79
N ALA D 24 -2.46 -70.02 -25.03
CA ALA D 24 -1.12 -69.94 -25.55
C ALA D 24 -0.68 -68.49 -25.68
N PRO D 25 0.62 -68.21 -25.68
CA PRO D 25 1.09 -66.82 -25.88
C PRO D 25 0.57 -66.26 -27.19
N GLY D 26 -0.20 -65.17 -27.09
CA GLY D 26 -0.88 -64.64 -28.25
C GLY D 26 0.00 -63.82 -29.18
N ILE D 27 1.03 -63.17 -28.63
CA ILE D 27 1.91 -62.32 -29.43
C ILE D 27 3.35 -62.62 -29.04
N GLU D 28 4.19 -62.83 -30.04
CA GLU D 28 5.61 -63.06 -29.86
C GLU D 28 6.40 -61.88 -30.44
N ALA D 29 7.29 -61.31 -29.63
CA ALA D 29 8.06 -60.14 -30.01
C ALA D 29 9.54 -60.45 -29.99
N VAL D 30 10.26 -60.01 -31.02
CA VAL D 30 11.71 -60.16 -31.13
C VAL D 30 12.29 -58.79 -31.42
N GLN D 31 13.29 -58.38 -30.64
CA GLN D 31 13.94 -57.09 -30.80
C GLN D 31 15.12 -57.25 -31.74
N ASN D 32 15.04 -56.63 -32.92
CA ASN D 32 16.12 -56.72 -33.89
C ASN D 32 17.23 -55.72 -33.61
N PHE D 33 16.86 -54.48 -33.27
CA PHE D 33 17.82 -53.42 -33.04
C PHE D 33 17.57 -52.78 -31.68
N ASN D 34 18.66 -52.31 -31.06
CA ASN D 34 18.58 -51.61 -29.80
C ASN D 34 19.33 -50.29 -29.91
N PHE D 35 18.98 -49.32 -29.07
CA PHE D 35 19.58 -47.97 -29.21
C PHE D 35 21.00 -47.98 -28.70
N LYS D 36 21.28 -48.75 -27.66
CA LYS D 36 22.63 -48.71 -27.09
C LYS D 36 23.68 -49.23 -28.06
N GLU D 37 23.28 -50.00 -29.07
CA GLU D 37 24.21 -50.53 -30.06
C GLU D 37 23.90 -50.04 -31.47
N HIS D 38 22.66 -50.13 -31.92
CA HIS D 38 22.30 -49.73 -33.27
C HIS D 38 21.78 -48.30 -33.36
N GLY D 39 21.53 -47.64 -32.23
CA GLY D 39 21.09 -46.27 -32.23
C GLY D 39 19.59 -46.07 -32.28
N PHE D 40 18.81 -47.15 -32.33
CA PHE D 40 17.35 -47.04 -32.37
C PHE D 40 16.76 -48.40 -32.03
N ASN D 41 15.61 -48.38 -31.36
CA ASN D 41 14.92 -49.59 -30.97
C ASN D 41 13.89 -49.98 -32.02
N LEU D 42 13.80 -51.29 -32.28
CA LEU D 42 12.82 -51.81 -33.23
C LEU D 42 12.53 -53.26 -32.87
N PHE D 43 11.27 -53.64 -33.02
CA PHE D 43 10.82 -54.99 -32.71
C PHE D 43 10.07 -55.57 -33.90
N THR D 44 9.97 -56.90 -33.91
CA THR D 44 9.16 -57.62 -34.89
C THR D 44 8.12 -58.43 -34.13
N LEU D 45 6.84 -58.14 -34.39
CA LEU D 45 5.76 -58.77 -33.66
C LEU D 45 5.26 -60.01 -34.41
N THR D 46 4.78 -60.99 -33.64
CA THR D 46 4.15 -62.20 -34.19
C THR D 46 2.92 -62.46 -33.32
N LEU D 47 1.79 -61.89 -33.72
CA LEU D 47 0.59 -61.86 -32.90
C LEU D 47 -0.53 -62.69 -33.53
N ASN D 48 -1.55 -62.93 -32.72
CA ASN D 48 -2.76 -63.61 -33.15
C ASN D 48 -3.90 -62.60 -33.19
N GLU D 49 -4.68 -62.61 -34.27
CA GLU D 49 -5.67 -61.58 -34.51
C GLU D 49 -6.75 -61.52 -33.43
N HIS D 50 -6.88 -62.55 -32.60
CA HIS D 50 -7.90 -62.51 -31.56
C HIS D 50 -7.27 -62.66 -30.18
N THR D 51 -6.35 -61.76 -29.87
CA THR D 51 -5.71 -61.66 -28.57
C THR D 51 -5.77 -60.21 -28.11
N GLY D 52 -6.09 -60.01 -26.84
CA GLY D 52 -6.27 -58.66 -26.33
C GLY D 52 -7.51 -58.01 -26.92
N THR D 53 -7.63 -56.71 -26.63
CA THR D 53 -8.72 -55.92 -27.17
C THR D 53 -8.68 -55.93 -28.69
N HIS D 54 -9.51 -56.76 -29.31
CA HIS D 54 -9.49 -56.94 -30.76
C HIS D 54 -10.91 -56.82 -31.31
N VAL D 55 -11.00 -56.97 -32.62
CA VAL D 55 -12.28 -56.91 -33.34
C VAL D 55 -12.53 -58.27 -33.96
N ASP D 56 -13.81 -58.63 -34.08
CA ASP D 56 -14.24 -59.80 -34.83
C ASP D 56 -14.92 -59.30 -36.09
N ALA D 57 -14.18 -59.25 -37.19
CA ALA D 57 -14.74 -58.81 -38.45
C ALA D 57 -15.85 -59.76 -38.88
N PRO D 58 -16.79 -59.27 -39.70
CA PRO D 58 -17.87 -60.16 -40.18
C PRO D 58 -17.36 -61.42 -40.88
N LEU D 59 -16.08 -61.47 -41.26
CA LEU D 59 -15.46 -62.66 -41.81
C LEU D 59 -15.00 -63.64 -40.74
N HIS D 60 -15.01 -63.22 -39.47
CA HIS D 60 -14.52 -64.08 -38.39
C HIS D 60 -15.34 -65.37 -38.27
N PHE D 61 -16.62 -65.33 -38.64
CA PHE D 61 -17.48 -66.50 -38.54
C PHE D 61 -18.36 -66.64 -39.78
N SER D 62 -17.79 -66.38 -40.95
CA SER D 62 -18.48 -66.56 -42.22
C SER D 62 -17.45 -66.48 -43.34
N ALA D 63 -17.87 -66.88 -44.53
CA ALA D 63 -17.05 -66.76 -45.73
C ALA D 63 -17.50 -65.61 -46.63
N ASP D 64 -18.55 -64.88 -46.23
CA ASP D 64 -19.07 -63.76 -47.00
C ASP D 64 -18.98 -62.43 -46.29
N GLY D 65 -18.73 -62.42 -44.97
CA GLY D 65 -18.71 -61.18 -44.24
C GLY D 65 -17.56 -60.29 -44.59
N GLN D 66 -17.68 -59.02 -44.20
CA GLN D 66 -16.65 -58.03 -44.48
C GLN D 66 -15.38 -58.33 -43.70
N SER D 67 -14.25 -57.87 -44.23
CA SER D 67 -12.99 -57.91 -43.51
C SER D 67 -12.84 -56.64 -42.67
N VAL D 68 -11.78 -56.59 -41.86
CA VAL D 68 -11.55 -55.44 -41.01
C VAL D 68 -11.36 -54.18 -41.85
N ASP D 69 -10.53 -54.28 -42.90
CA ASP D 69 -10.33 -53.15 -43.79
C ASP D 69 -11.57 -52.81 -44.59
N GLU D 70 -12.49 -53.76 -44.76
CA GLU D 70 -13.70 -53.54 -45.55
C GLU D 70 -14.84 -52.92 -44.75
N ILE D 71 -14.74 -52.90 -43.42
CA ILE D 71 -15.74 -52.21 -42.60
C ILE D 71 -15.64 -50.73 -42.90
N PRO D 72 -16.71 -50.09 -43.36
CA PRO D 72 -16.64 -48.65 -43.66
C PRO D 72 -16.47 -47.83 -42.40
N VAL D 73 -15.89 -46.63 -42.58
CA VAL D 73 -15.60 -45.77 -41.44
C VAL D 73 -16.87 -45.30 -40.75
N GLY D 74 -18.02 -45.36 -41.43
CA GLY D 74 -19.26 -44.98 -40.81
C GLY D 74 -19.65 -45.89 -39.65
N ASN D 75 -19.25 -47.16 -39.72
CA ASN D 75 -19.54 -48.11 -38.65
C ASN D 75 -18.42 -48.18 -37.62
N LEU D 76 -17.45 -47.27 -37.67
CA LEU D 76 -16.37 -47.21 -36.69
C LEU D 76 -16.57 -46.10 -35.67
N VAL D 77 -17.55 -45.22 -35.88
CA VAL D 77 -17.93 -44.20 -34.91
C VAL D 77 -19.40 -44.46 -34.59
N CYS D 78 -19.66 -45.05 -33.42
CA CYS D 78 -21.00 -45.49 -33.09
C CYS D 78 -21.42 -44.99 -31.71
N PRO D 79 -22.70 -44.65 -31.53
CA PRO D 79 -23.19 -44.33 -30.18
C PRO D 79 -23.10 -45.56 -29.28
N LEU D 80 -22.34 -45.41 -28.20
CA LEU D 80 -22.11 -46.55 -27.28
C LEU D 80 -23.31 -46.77 -26.38
N CYS D 81 -23.78 -48.01 -26.33
CA CYS D 81 -24.86 -48.44 -25.44
C CYS D 81 -24.32 -49.54 -24.54
N VAL D 82 -24.14 -49.24 -23.26
CA VAL D 82 -23.56 -50.23 -22.32
C VAL D 82 -24.67 -50.90 -21.54
N VAL D 83 -24.64 -52.23 -21.49
CA VAL D 83 -25.63 -53.01 -20.71
C VAL D 83 -24.95 -53.47 -19.43
N HIS D 84 -25.58 -53.23 -18.28
CA HIS D 84 -24.99 -53.56 -16.96
C HIS D 84 -25.53 -54.90 -16.50
N ILE D 85 -24.67 -55.92 -16.38
CA ILE D 85 -25.12 -57.28 -15.96
C ILE D 85 -24.06 -57.84 -15.02
N HIS D 86 -23.31 -56.95 -14.37
CA HIS D 86 -22.20 -57.41 -13.51
C HIS D 86 -22.72 -57.99 -12.20
N GLU D 87 -23.91 -57.59 -11.79
CA GLU D 87 -24.48 -58.19 -10.56
C GLU D 87 -24.82 -59.65 -10.88
N LYS D 88 -25.45 -59.89 -12.03
CA LYS D 88 -25.74 -61.27 -12.47
C LYS D 88 -24.43 -62.01 -12.62
N ALA D 89 -23.45 -61.33 -13.18
CA ALA D 89 -22.22 -62.06 -13.42
C ALA D 89 -21.34 -62.19 -12.18
N ALA D 90 -21.63 -61.44 -11.13
CA ALA D 90 -20.81 -61.51 -9.92
C ALA D 90 -20.83 -62.90 -9.31
N ALA D 91 -21.97 -63.58 -9.38
CA ALA D 91 -22.07 -64.95 -8.86
C ALA D 91 -22.07 -65.95 -10.01
N ASP D 92 -23.10 -65.91 -10.85
CA ASP D 92 -23.19 -66.77 -12.02
C ASP D 92 -22.13 -66.33 -13.02
N ALA D 93 -20.98 -67.01 -12.99
CA ALA D 93 -19.87 -66.62 -13.86
C ALA D 93 -20.24 -66.72 -15.34
N ASP D 94 -21.09 -67.68 -15.70
CA ASP D 94 -21.54 -67.84 -17.08
C ASP D 94 -22.89 -67.16 -17.30
N ALA D 95 -23.03 -65.93 -16.82
CA ALA D 95 -24.27 -65.20 -16.97
C ALA D 95 -24.48 -64.79 -18.43
N GLN D 96 -25.74 -64.55 -18.77
CA GLN D 96 -26.15 -64.23 -20.13
C GLN D 96 -26.88 -62.90 -20.17
N VAL D 97 -26.73 -62.17 -21.28
CA VAL D 97 -27.46 -60.93 -21.49
C VAL D 97 -28.76 -61.31 -22.20
N THR D 98 -29.79 -61.58 -21.40
CA THR D 98 -31.07 -62.02 -21.93
C THR D 98 -31.74 -60.89 -22.72
N PRO D 99 -32.64 -61.24 -23.65
CA PRO D 99 -33.38 -60.19 -24.37
C PRO D 99 -34.22 -59.32 -23.46
N ASP D 100 -34.58 -59.79 -22.26
CA ASP D 100 -35.29 -58.95 -21.31
C ASP D 100 -34.36 -57.91 -20.70
N ASP D 101 -33.06 -58.20 -20.63
CA ASP D 101 -32.11 -57.20 -20.14
C ASP D 101 -32.04 -55.99 -21.07
N LEU D 102 -32.26 -56.20 -22.36
CA LEU D 102 -32.30 -55.07 -23.28
C LEU D 102 -33.51 -54.19 -23.02
N LYS D 103 -34.68 -54.80 -22.81
CA LYS D 103 -35.87 -54.03 -22.50
C LYS D 103 -35.69 -53.24 -21.20
N ALA D 104 -35.03 -53.84 -20.20
CA ALA D 104 -34.74 -53.12 -18.97
C ALA D 104 -33.80 -51.94 -19.24
N TRP D 105 -32.86 -52.11 -20.17
CA TRP D 105 -31.97 -51.00 -20.53
C TRP D 105 -32.70 -49.97 -21.38
N ILE D 106 -33.52 -50.43 -22.32
CA ILE D 106 -34.25 -49.51 -23.20
C ILE D 106 -35.25 -48.69 -22.40
N SER D 107 -35.89 -49.31 -21.41
CA SER D 107 -36.86 -48.61 -20.57
C SER D 107 -36.23 -47.57 -19.66
N ALA D 108 -34.91 -47.44 -19.67
CA ALA D 108 -34.21 -46.46 -18.83
C ALA D 108 -33.42 -45.43 -19.62
N HIS D 109 -32.96 -45.75 -20.83
CA HIS D 109 -32.12 -44.85 -21.60
C HIS D 109 -32.72 -44.55 -22.99
N GLY D 110 -34.01 -44.83 -23.17
CA GLY D 110 -34.66 -44.52 -24.43
C GLY D 110 -34.39 -45.54 -25.50
N PRO D 111 -34.53 -45.14 -26.76
CA PRO D 111 -34.37 -46.07 -27.88
C PRO D 111 -32.90 -46.34 -28.17
N ILE D 112 -32.68 -47.13 -29.22
CA ILE D 112 -31.33 -47.47 -29.68
C ILE D 112 -31.19 -46.99 -31.12
N PRO D 113 -30.36 -46.00 -31.40
CA PRO D 113 -30.24 -45.48 -32.76
C PRO D 113 -29.54 -46.47 -33.69
N ASP D 114 -29.77 -46.29 -34.97
CA ASP D 114 -29.15 -47.14 -35.97
C ASP D 114 -27.67 -46.82 -36.10
N GLY D 115 -26.89 -47.83 -36.51
CA GLY D 115 -25.46 -47.66 -36.61
C GLY D 115 -24.75 -47.55 -35.29
N ALA D 116 -25.39 -47.97 -34.20
CA ALA D 116 -24.83 -47.85 -32.87
C ALA D 116 -23.99 -49.07 -32.53
N CYS D 117 -23.51 -49.14 -31.28
CA CYS D 117 -22.74 -50.27 -30.80
C CYS D 117 -23.21 -50.61 -29.40
N VAL D 118 -23.65 -51.85 -29.21
CA VAL D 118 -24.09 -52.32 -27.90
C VAL D 118 -22.89 -52.88 -27.16
N ALA D 119 -22.81 -52.57 -25.86
CA ALA D 119 -21.70 -53.02 -25.04
C ALA D 119 -22.21 -53.71 -23.79
N MET D 120 -21.41 -54.67 -23.30
CA MET D 120 -21.73 -55.43 -22.10
C MET D 120 -20.66 -55.15 -21.05
N HIS D 121 -21.09 -54.60 -19.92
CA HIS D 121 -20.20 -54.37 -18.78
C HIS D 121 -20.56 -55.40 -17.72
N SER D 122 -19.76 -56.47 -17.64
CA SER D 122 -19.93 -57.52 -16.66
C SER D 122 -18.89 -57.45 -15.55
N GLY D 123 -18.05 -56.41 -15.53
CA GLY D 123 -17.01 -56.32 -14.53
C GLY D 123 -15.95 -57.39 -14.63
N TRP D 124 -15.76 -57.96 -15.81
CA TRP D 124 -14.79 -59.04 -15.99
C TRP D 124 -13.41 -58.54 -16.37
N ALA D 125 -13.27 -57.30 -16.82
CA ALA D 125 -11.97 -56.77 -17.22
C ALA D 125 -11.02 -56.60 -16.05
N GLY D 126 -11.54 -56.56 -14.82
CA GLY D 126 -10.70 -56.39 -13.66
C GLY D 126 -10.17 -57.70 -13.09
N LYS D 127 -10.02 -58.71 -13.96
CA LYS D 127 -9.52 -60.01 -13.55
C LYS D 127 -8.38 -60.51 -14.44
N THR D 128 -7.81 -59.65 -15.28
CA THR D 128 -6.74 -60.05 -16.18
C THR D 128 -5.40 -60.21 -15.48
N GLY D 129 -5.28 -59.77 -14.21
CA GLY D 129 -4.03 -59.89 -13.49
C GLY D 129 -3.65 -61.31 -13.12
N GLY D 130 -4.56 -62.27 -13.28
CA GLY D 130 -4.27 -63.64 -12.94
C GLY D 130 -4.94 -64.64 -13.87
N ALA D 131 -5.75 -65.54 -13.30
CA ALA D 131 -6.43 -66.56 -14.06
C ALA D 131 -7.95 -66.49 -14.00
N GLY D 132 -8.52 -65.62 -13.14
CA GLY D 132 -9.95 -65.49 -13.04
C GLY D 132 -10.61 -64.86 -14.27
N TYR D 133 -9.82 -64.36 -15.21
CA TYR D 133 -10.39 -63.80 -16.43
C TYR D 133 -10.88 -64.88 -17.37
N ARG D 134 -10.08 -65.95 -17.55
CA ARG D 134 -10.51 -67.06 -18.38
C ARG D 134 -11.46 -67.98 -17.62
N ASN D 135 -11.24 -68.15 -16.32
CA ASN D 135 -12.07 -68.99 -15.46
C ASN D 135 -12.08 -70.44 -15.95
N ALA D 136 -10.88 -71.01 -16.03
CA ALA D 136 -10.72 -72.38 -16.49
C ALA D 136 -11.00 -73.36 -15.35
N ASP D 137 -10.81 -74.64 -15.63
CA ASP D 137 -11.02 -75.68 -14.63
C ASP D 137 -10.16 -76.91 -14.90
N SER D 138 -10.70 -78.09 -14.65
CA SER D 138 -9.98 -79.34 -14.86
C SER D 138 -10.16 -79.92 -16.25
N GLU D 139 -10.95 -79.27 -17.11
CA GLU D 139 -11.16 -79.73 -18.47
C GLU D 139 -10.95 -78.64 -19.51
N GLY D 140 -10.35 -77.52 -19.13
CA GLY D 140 -10.11 -76.43 -20.04
C GLY D 140 -11.32 -75.62 -20.42
N LYS D 141 -12.49 -75.91 -19.83
CA LYS D 141 -13.71 -75.18 -20.14
C LYS D 141 -13.72 -73.83 -19.42
N MET D 142 -14.21 -72.81 -20.11
CA MET D 142 -14.22 -71.46 -19.59
C MET D 142 -15.63 -71.03 -19.23
N HIS D 143 -15.74 -70.10 -18.26
CA HIS D 143 -17.03 -69.61 -17.78
C HIS D 143 -16.94 -68.10 -17.64
N PHE D 144 -17.25 -67.39 -18.72
CA PHE D 144 -17.30 -65.93 -18.71
C PHE D 144 -18.58 -65.47 -19.40
N PRO D 145 -19.14 -64.34 -18.99
CA PRO D 145 -20.41 -63.87 -19.56
C PRO D 145 -20.26 -63.55 -21.05
N GLY D 146 -21.41 -63.35 -21.67
CA GLY D 146 -21.44 -63.02 -23.09
C GLY D 146 -22.85 -62.65 -23.50
N PHE D 147 -23.01 -62.43 -24.81
CA PHE D 147 -24.30 -62.04 -25.38
C PHE D 147 -25.09 -63.28 -25.76
N HIS D 148 -26.32 -63.38 -25.25
CA HIS D 148 -27.21 -64.44 -25.66
C HIS D 148 -27.55 -64.29 -27.14
N VAL D 149 -27.69 -65.43 -27.83
CA VAL D 149 -27.95 -65.39 -29.26
C VAL D 149 -29.32 -64.77 -29.55
N GLU D 150 -30.29 -64.94 -28.65
CA GLU D 150 -31.60 -64.36 -28.87
C GLU D 150 -31.58 -62.85 -28.69
N ALA D 151 -30.70 -62.34 -27.82
CA ALA D 151 -30.56 -60.89 -27.68
C ALA D 151 -29.96 -60.28 -28.94
N ALA D 152 -28.97 -60.95 -29.55
CA ALA D 152 -28.39 -60.44 -30.77
C ALA D 152 -29.42 -60.36 -31.89
N GLN D 153 -30.24 -61.40 -32.04
CA GLN D 153 -31.31 -61.37 -33.04
C GLN D 153 -32.30 -60.25 -32.76
N MET D 154 -32.55 -59.94 -31.48
CA MET D 154 -33.41 -58.82 -31.15
C MET D 154 -32.88 -57.51 -31.71
N LEU D 155 -31.55 -57.37 -31.78
CA LEU D 155 -30.96 -56.16 -32.34
C LEU D 155 -30.99 -56.15 -33.86
N ILE D 156 -31.03 -57.33 -34.49
CA ILE D 156 -31.10 -57.38 -35.94
C ILE D 156 -32.50 -57.00 -36.42
N GLU D 157 -33.54 -57.44 -35.71
CA GLU D 157 -34.90 -57.31 -36.20
C GLU D 157 -35.50 -55.94 -35.90
N GLU D 158 -35.11 -55.31 -34.80
CA GLU D 158 -35.72 -54.05 -34.37
C GLU D 158 -34.83 -52.85 -34.66
N THR D 159 -33.70 -52.74 -33.96
CA THR D 159 -32.86 -51.56 -34.07
C THR D 159 -31.90 -51.70 -35.25
N GLY D 160 -30.96 -50.77 -35.37
CA GLY D 160 -29.99 -50.80 -36.44
C GLY D 160 -28.55 -50.76 -35.95
N ALA D 161 -28.28 -51.44 -34.84
CA ALA D 161 -26.93 -51.51 -34.32
C ALA D 161 -26.03 -52.25 -35.29
N VAL D 162 -24.77 -51.80 -35.39
CA VAL D 162 -23.82 -52.35 -36.33
C VAL D 162 -22.59 -52.95 -35.64
N ALA D 163 -22.59 -53.00 -34.31
CA ALA D 163 -21.45 -53.52 -33.57
C ALA D 163 -21.93 -54.09 -32.25
N MET D 164 -21.07 -54.94 -31.67
CA MET D 164 -21.35 -55.58 -30.38
C MET D 164 -20.04 -55.68 -29.61
N ALA D 165 -20.04 -55.20 -28.37
CA ALA D 165 -18.84 -55.12 -27.55
C ALA D 165 -19.04 -55.93 -26.28
N VAL D 166 -18.09 -56.82 -25.99
CA VAL D 166 -18.08 -57.59 -24.75
C VAL D 166 -16.79 -57.29 -24.01
N ASP D 167 -16.84 -57.39 -22.69
CA ASP D 167 -15.68 -57.20 -21.83
C ASP D 167 -15.01 -58.52 -21.47
N THR D 168 -15.48 -59.63 -22.02
CA THR D 168 -14.93 -60.95 -21.75
C THR D 168 -14.07 -61.39 -22.93
N LEU D 169 -13.89 -62.70 -23.08
CA LEU D 169 -13.01 -63.25 -24.10
C LEU D 169 -13.72 -63.56 -25.41
N SER D 170 -15.05 -63.60 -25.42
CA SER D 170 -15.78 -63.98 -26.62
C SER D 170 -17.12 -63.27 -26.67
N LEU D 171 -17.60 -63.03 -27.89
CA LEU D 171 -18.94 -62.50 -28.07
C LEU D 171 -19.98 -63.46 -27.50
N ASP D 172 -19.74 -64.76 -27.65
CA ASP D 172 -20.58 -65.77 -27.03
C ASP D 172 -20.16 -65.96 -25.57
N HIS D 173 -20.87 -66.84 -24.87
CA HIS D 173 -20.58 -67.08 -23.47
C HIS D 173 -19.31 -67.92 -23.32
N GLY D 174 -18.96 -68.21 -22.08
CA GLY D 174 -17.78 -68.98 -21.77
C GLY D 174 -17.78 -70.36 -22.41
N PRO D 175 -18.69 -71.23 -21.96
CA PRO D 175 -18.72 -72.59 -22.50
C PRO D 175 -19.67 -72.74 -23.69
N SER D 176 -19.80 -71.70 -24.50
CA SER D 176 -20.64 -71.76 -25.69
C SER D 176 -20.03 -72.73 -26.69
N ALA D 177 -20.65 -73.91 -26.85
CA ALA D 177 -20.11 -74.94 -27.71
C ALA D 177 -20.39 -74.68 -29.19
N ASP D 178 -21.41 -73.88 -29.51
CA ASP D 178 -21.80 -73.64 -30.89
C ASP D 178 -21.49 -72.24 -31.38
N PHE D 179 -21.07 -71.32 -30.50
CA PHE D 179 -20.75 -69.94 -30.87
C PHE D 179 -21.94 -69.28 -31.57
N ALA D 180 -23.12 -69.43 -30.96
CA ALA D 180 -24.36 -69.02 -31.62
C ALA D 180 -24.37 -67.52 -31.91
N THR D 181 -23.84 -66.70 -31.00
CA THR D 181 -23.84 -65.26 -31.22
C THR D 181 -22.86 -64.86 -32.32
N HIS D 182 -21.69 -65.51 -32.36
CA HIS D 182 -20.76 -65.28 -33.46
C HIS D 182 -21.41 -65.59 -34.80
N TYR D 183 -22.18 -66.69 -34.88
CA TYR D 183 -22.79 -67.12 -36.13
C TYR D 183 -24.03 -66.32 -36.49
N ALA D 184 -24.61 -65.59 -35.54
CA ALA D 184 -25.80 -64.80 -35.84
C ALA D 184 -25.49 -63.35 -36.17
N TRP D 185 -24.44 -62.79 -35.57
CA TRP D 185 -24.09 -61.38 -35.73
C TRP D 185 -23.12 -61.15 -36.88
N LEU D 186 -22.07 -61.97 -36.97
CA LEU D 186 -21.01 -61.71 -37.95
C LEU D 186 -21.45 -61.91 -39.39
N PRO D 187 -22.12 -63.01 -39.77
CA PRO D 187 -22.47 -63.21 -41.18
C PRO D 187 -23.33 -62.09 -41.78
N THR D 188 -24.00 -61.29 -40.95
CA THR D 188 -24.84 -60.20 -41.42
C THR D 188 -24.06 -58.92 -41.65
N ASN D 189 -22.74 -59.01 -41.86
CA ASN D 189 -21.87 -57.85 -42.08
C ASN D 189 -21.85 -56.92 -40.87
N ARG D 190 -22.05 -57.47 -39.68
CA ARG D 190 -21.96 -56.72 -38.43
C ARG D 190 -20.81 -57.31 -37.61
N TYR D 191 -19.92 -56.45 -37.14
CA TYR D 191 -18.72 -56.89 -36.44
C TYR D 191 -18.93 -56.87 -34.93
N GLY D 192 -17.96 -57.47 -34.23
CA GLY D 192 -18.00 -57.54 -32.78
C GLY D 192 -16.70 -57.05 -32.17
N ILE D 193 -16.74 -56.86 -30.85
CA ILE D 193 -15.60 -56.35 -30.10
C ILE D 193 -15.46 -57.20 -28.84
N GLU D 194 -14.28 -57.80 -28.65
CA GLU D 194 -14.00 -58.61 -27.47
C GLU D 194 -12.85 -58.02 -26.70
N ASN D 195 -12.76 -58.42 -25.42
CA ASN D 195 -11.70 -57.99 -24.51
C ASN D 195 -11.71 -56.47 -24.31
N LEU D 196 -12.88 -55.95 -23.94
CA LEU D 196 -13.03 -54.52 -23.69
C LEU D 196 -12.85 -54.22 -22.21
N ALA D 197 -12.35 -53.01 -21.92
CA ALA D 197 -12.07 -52.60 -20.55
C ALA D 197 -12.51 -51.15 -20.38
N ASN D 198 -12.39 -50.67 -19.14
CA ASN D 198 -12.71 -49.29 -18.75
C ASN D 198 -14.17 -48.94 -18.99
N LEU D 199 -15.05 -49.95 -19.07
CA LEU D 199 -16.47 -49.68 -19.26
C LEU D 199 -17.10 -48.97 -18.07
N ASP D 200 -16.45 -49.04 -16.90
CA ASP D 200 -16.93 -48.34 -15.71
C ASP D 200 -16.63 -46.85 -15.75
N LYS D 201 -15.87 -46.38 -16.74
CA LYS D 201 -15.51 -44.97 -16.86
C LYS D 201 -16.32 -44.26 -17.93
N VAL D 202 -17.37 -44.89 -18.44
CA VAL D 202 -18.17 -44.33 -19.52
C VAL D 202 -19.64 -44.44 -19.14
N PRO D 203 -20.46 -43.41 -19.37
CA PRO D 203 -21.89 -43.54 -19.12
C PRO D 203 -22.51 -44.64 -19.97
N ALA D 204 -23.55 -45.27 -19.43
CA ALA D 204 -24.20 -46.38 -20.12
C ALA D 204 -24.83 -45.95 -21.43
N SER D 205 -25.12 -44.66 -21.61
CA SER D 205 -25.72 -44.17 -22.83
C SER D 205 -25.33 -42.71 -23.04
N GLY D 206 -25.18 -42.32 -24.30
CA GLY D 206 -24.88 -40.96 -24.67
C GLY D 206 -23.46 -40.74 -25.15
N ALA D 207 -22.53 -41.62 -24.79
CA ALA D 207 -21.14 -41.47 -25.21
C ALA D 207 -20.94 -42.01 -26.61
N THR D 208 -19.99 -41.43 -27.32
CA THR D 208 -19.65 -41.83 -28.67
C THR D 208 -18.34 -42.62 -28.66
N LEU D 209 -18.34 -43.79 -29.29
CA LEU D 209 -17.20 -44.68 -29.31
C LEU D 209 -16.52 -44.64 -30.68
N ILE D 210 -15.19 -44.73 -30.67
CA ILE D 210 -14.38 -44.77 -31.87
C ILE D 210 -13.56 -46.05 -31.85
N VAL D 211 -13.70 -46.87 -32.88
CA VAL D 211 -13.06 -48.18 -32.95
C VAL D 211 -11.86 -48.06 -33.88
N GLY D 212 -10.65 -48.10 -33.32
CA GLY D 212 -9.44 -48.08 -34.11
C GLY D 212 -9.04 -49.47 -34.59
N ALA D 213 -9.90 -50.10 -35.37
CA ALA D 213 -9.64 -51.44 -35.83
C ALA D 213 -8.53 -51.44 -36.89
N PRO D 214 -7.68 -52.46 -36.91
CA PRO D 214 -6.66 -52.54 -37.97
C PRO D 214 -7.32 -52.71 -39.34
N ASN D 215 -6.62 -52.28 -40.37
CA ASN D 215 -7.15 -52.32 -41.74
C ASN D 215 -6.20 -53.05 -42.66
N HIS D 216 -5.59 -54.13 -42.18
CA HIS D 216 -4.79 -54.98 -43.06
C HIS D 216 -5.72 -55.72 -44.01
N ARG D 217 -5.37 -55.72 -45.29
CA ARG D 217 -6.24 -56.26 -46.33
C ARG D 217 -6.48 -57.76 -46.12
N GLY D 218 -7.72 -58.12 -45.79
CA GLY D 218 -8.05 -59.50 -45.53
C GLY D 218 -7.68 -59.95 -44.14
N GLY D 219 -8.66 -59.99 -43.25
CA GLY D 219 -8.42 -60.40 -41.88
C GLY D 219 -9.70 -60.65 -41.10
N SER D 220 -9.67 -61.62 -40.19
CA SER D 220 -10.83 -61.89 -39.34
C SER D 220 -11.01 -60.87 -38.25
N GLY D 221 -10.01 -60.05 -37.98
CA GLY D 221 -10.06 -59.09 -36.90
C GLY D 221 -8.73 -58.43 -36.64
N GLY D 222 -8.32 -58.40 -35.37
CA GLY D 222 -7.06 -57.82 -35.00
C GLY D 222 -7.18 -56.87 -33.83
N PRO D 223 -6.11 -56.71 -33.07
CA PRO D 223 -6.14 -55.80 -31.92
C PRO D 223 -6.42 -54.37 -32.35
N ALA D 224 -7.36 -53.74 -31.66
CA ALA D 224 -7.79 -52.38 -31.98
C ALA D 224 -7.52 -51.45 -30.81
N ARG D 225 -7.31 -50.17 -31.13
CA ARG D 225 -7.20 -49.11 -30.13
C ARG D 225 -8.52 -48.37 -30.12
N ILE D 226 -9.34 -48.60 -29.09
CA ILE D 226 -10.70 -48.09 -29.02
C ILE D 226 -10.75 -46.96 -28.01
N PHE D 227 -11.31 -45.83 -28.43
CA PHE D 227 -11.48 -44.65 -27.57
C PHE D 227 -12.96 -44.36 -27.40
N ALA D 228 -13.28 -43.69 -26.29
CA ALA D 228 -14.66 -43.29 -25.99
C ALA D 228 -14.70 -41.80 -25.70
N MET D 229 -15.62 -41.10 -26.37
CA MET D 229 -15.80 -39.66 -26.17
C MET D 229 -16.75 -39.44 -25.00
N VAL D 230 -16.20 -39.00 -23.87
CA VAL D 230 -17.01 -38.72 -22.69
C VAL D 230 -17.32 -37.22 -22.63
N ILE E 4 -7.66 -21.92 -17.11
CA ILE E 4 -6.87 -22.79 -16.24
C ILE E 4 -5.72 -23.40 -17.03
N GLY E 5 -5.80 -23.30 -18.36
CA GLY E 5 -4.75 -23.85 -19.20
C GLY E 5 -4.69 -25.37 -19.11
N GLU E 6 -3.49 -25.90 -19.29
CA GLU E 6 -3.22 -27.33 -19.21
C GLU E 6 -2.29 -27.62 -18.05
N VAL E 7 -2.05 -28.90 -17.81
CA VAL E 7 -1.18 -29.37 -16.74
C VAL E 7 -0.02 -30.14 -17.36
N ARG E 8 1.18 -29.92 -16.83
CA ARG E 8 2.37 -30.62 -17.29
C ARG E 8 3.18 -31.04 -16.07
N ASP E 9 3.43 -32.34 -15.95
CA ASP E 9 4.22 -32.87 -14.85
C ASP E 9 5.70 -32.57 -15.09
N MET E 10 6.40 -32.25 -14.01
CA MET E 10 7.83 -31.92 -14.08
C MET E 10 8.67 -32.86 -13.23
N THR E 11 8.16 -34.05 -12.92
CA THR E 11 8.83 -34.98 -12.02
C THR E 11 9.34 -36.18 -12.79
N HIS E 12 10.58 -36.58 -12.49
CA HIS E 12 11.16 -37.79 -13.08
C HIS E 12 10.71 -39.01 -12.31
N VAL E 13 10.32 -40.06 -13.04
CA VAL E 13 9.97 -41.33 -12.41
C VAL E 13 11.25 -41.96 -11.87
N TYR E 14 11.43 -41.90 -10.55
CA TYR E 14 12.68 -42.27 -9.91
C TYR E 14 12.59 -43.66 -9.31
N ASP E 15 13.68 -44.42 -9.43
CA ASP E 15 13.77 -45.75 -8.84
C ASP E 15 15.22 -46.06 -8.46
N ALA E 16 15.59 -47.35 -8.47
CA ALA E 16 16.95 -47.71 -8.13
C ALA E 16 17.92 -47.36 -9.25
N ASP E 17 17.49 -47.48 -10.50
CA ASP E 17 18.33 -47.17 -11.67
C ASP E 17 18.27 -45.69 -12.04
N PHE E 18 18.23 -44.79 -11.06
CA PHE E 18 18.20 -43.38 -11.34
C PHE E 18 19.54 -42.74 -11.01
N PRO E 19 20.06 -41.88 -11.89
CA PRO E 19 21.37 -41.26 -11.63
C PRO E 19 21.35 -40.33 -10.42
N THR E 20 22.07 -40.71 -9.37
CA THR E 20 22.16 -39.92 -8.15
C THR E 20 23.49 -39.17 -8.12
N TYR E 21 23.55 -38.15 -7.25
CA TYR E 21 24.78 -37.36 -7.12
C TYR E 21 25.86 -38.10 -6.34
N PHE E 22 25.46 -38.93 -5.37
CA PHE E 22 26.44 -39.69 -4.59
C PHE E 22 26.97 -40.88 -5.39
N GLY E 23 26.11 -41.55 -6.14
CA GLY E 23 26.52 -42.70 -6.93
C GLY E 23 25.75 -43.95 -6.60
N ALA E 24 25.57 -44.23 -5.31
CA ALA E 24 24.83 -45.39 -4.87
C ALA E 24 23.36 -45.25 -5.25
N PRO E 25 22.63 -46.36 -5.35
CA PRO E 25 21.19 -46.27 -5.62
C PRO E 25 20.46 -45.55 -4.49
N GLY E 26 19.43 -44.79 -4.86
CA GLY E 26 18.71 -43.98 -3.90
C GLY E 26 17.74 -44.75 -3.04
N ILE E 27 16.56 -45.01 -3.56
CA ILE E 27 15.51 -45.68 -2.80
C ILE E 27 15.72 -47.19 -2.84
N GLU E 28 15.34 -47.85 -1.75
CA GLU E 28 15.33 -49.30 -1.67
C GLU E 28 13.93 -49.75 -1.30
N ALA E 29 13.38 -50.69 -2.09
CA ALA E 29 12.00 -51.12 -1.95
C ALA E 29 11.93 -52.51 -1.35
N VAL E 30 10.97 -52.71 -0.45
CA VAL E 30 10.71 -54.00 0.19
C VAL E 30 9.20 -54.18 0.28
N GLN E 31 8.68 -55.19 -0.42
CA GLN E 31 7.24 -55.49 -0.39
C GLN E 31 6.97 -56.43 0.76
N ASN E 32 6.59 -55.85 1.91
CA ASN E 32 6.33 -56.67 3.09
C ASN E 32 5.02 -57.43 2.94
N PHE E 33 3.98 -56.78 2.40
CA PHE E 33 2.69 -57.40 2.20
C PHE E 33 2.36 -57.41 0.71
N ASN E 34 2.00 -58.57 0.18
CA ASN E 34 1.66 -58.74 -1.22
C ASN E 34 0.21 -59.24 -1.33
N PHE E 35 -0.30 -59.20 -2.56
CA PHE E 35 -1.71 -59.51 -2.82
C PHE E 35 -2.04 -61.00 -2.66
N LYS E 36 -1.05 -61.86 -2.47
CA LYS E 36 -1.32 -63.29 -2.39
C LYS E 36 -1.49 -63.74 -0.94
N GLU E 37 -0.44 -63.59 -0.12
CA GLU E 37 -0.45 -64.13 1.23
C GLU E 37 -1.30 -63.33 2.20
N HIS E 38 -1.52 -62.04 1.94
CA HIS E 38 -2.23 -61.18 2.86
C HIS E 38 -3.43 -60.47 2.26
N GLY E 39 -3.63 -60.54 0.95
CA GLY E 39 -4.79 -59.93 0.32
C GLY E 39 -4.66 -58.45 0.03
N PHE E 40 -3.47 -57.87 0.17
CA PHE E 40 -3.26 -56.47 -0.15
C PHE E 40 -1.78 -56.22 -0.34
N ASN E 41 -1.47 -55.29 -1.25
CA ASN E 41 -0.08 -54.92 -1.54
C ASN E 41 0.38 -53.81 -0.60
N LEU E 42 1.67 -53.85 -0.27
CA LEU E 42 2.26 -52.85 0.60
C LEU E 42 3.77 -52.86 0.41
N PHE E 43 4.38 -51.69 0.47
CA PHE E 43 5.82 -51.54 0.33
C PHE E 43 6.37 -50.70 1.48
N THR E 44 7.66 -50.85 1.73
CA THR E 44 8.38 -50.06 2.72
C THR E 44 9.67 -49.56 2.07
N LEU E 45 9.73 -48.27 1.79
CA LEU E 45 10.83 -47.68 1.04
C LEU E 45 11.88 -47.09 1.98
N THR E 46 13.15 -47.28 1.62
CA THR E 46 14.26 -46.63 2.29
C THR E 46 14.69 -45.44 1.42
N LEU E 47 14.42 -44.23 1.90
CA LEU E 47 14.48 -43.03 1.09
C LEU E 47 15.78 -42.28 1.36
N ASN E 48 16.41 -41.80 0.29
CA ASN E 48 17.49 -40.83 0.37
C ASN E 48 16.95 -39.47 -0.07
N GLU E 49 17.25 -38.44 0.73
CA GLU E 49 16.62 -37.13 0.53
C GLU E 49 16.84 -36.62 -0.89
N HIS E 50 18.10 -36.60 -1.34
CA HIS E 50 18.44 -35.98 -2.62
C HIS E 50 18.59 -37.05 -3.70
N THR E 51 17.44 -37.61 -4.08
CA THR E 51 17.34 -38.58 -5.15
C THR E 51 16.13 -38.27 -6.00
N GLY E 52 16.29 -38.36 -7.32
CA GLY E 52 15.23 -38.00 -8.22
C GLY E 52 14.87 -36.52 -8.10
N THR E 53 13.68 -36.19 -8.63
CA THR E 53 13.18 -34.83 -8.54
C THR E 53 12.93 -34.46 -7.08
N HIS E 54 13.93 -33.86 -6.44
CA HIS E 54 13.85 -33.51 -5.03
C HIS E 54 14.04 -32.01 -4.86
N VAL E 55 13.80 -31.54 -3.63
CA VAL E 55 13.88 -30.13 -3.28
C VAL E 55 14.85 -29.99 -2.12
N ASP E 56 15.83 -29.09 -2.28
CA ASP E 56 16.77 -28.80 -1.21
C ASP E 56 16.17 -27.76 -0.28
N ALA E 57 15.96 -28.13 0.98
CA ALA E 57 15.47 -27.19 1.97
C ALA E 57 16.60 -26.28 2.42
N PRO E 58 16.27 -25.10 2.97
CA PRO E 58 17.34 -24.24 3.53
C PRO E 58 18.13 -24.92 4.63
N LEU E 59 17.54 -25.87 5.34
CA LEU E 59 18.25 -26.64 6.35
C LEU E 59 19.35 -27.50 5.74
N HIS E 60 19.25 -27.84 4.45
CA HIS E 60 20.21 -28.74 3.82
C HIS E 60 21.63 -28.19 3.90
N PHE E 61 21.80 -26.88 3.73
CA PHE E 61 23.14 -26.25 3.80
C PHE E 61 23.14 -25.07 4.78
N SER E 62 22.59 -25.24 5.97
CA SER E 62 22.61 -24.19 6.98
C SER E 62 22.34 -24.82 8.35
N ALA E 63 22.35 -23.97 9.38
CA ALA E 63 22.14 -24.42 10.74
C ALA E 63 20.68 -24.22 11.16
N ASP E 64 20.29 -22.96 11.40
CA ASP E 64 18.94 -22.62 11.81
C ASP E 64 17.98 -22.48 10.63
N GLY E 65 18.37 -22.97 9.46
CA GLY E 65 17.52 -22.82 8.29
C GLY E 65 16.22 -23.59 8.40
N GLN E 66 15.26 -23.21 7.57
CA GLN E 66 13.96 -23.85 7.58
C GLN E 66 14.06 -25.27 7.01
N SER E 67 13.27 -26.17 7.57
CA SER E 67 13.17 -27.53 7.06
C SER E 67 12.11 -27.59 5.97
N VAL E 68 11.89 -28.80 5.43
CA VAL E 68 10.92 -28.95 4.35
C VAL E 68 9.50 -28.66 4.85
N ASP E 69 9.20 -29.05 6.09
CA ASP E 69 7.89 -28.79 6.67
C ASP E 69 7.69 -27.34 7.09
N GLU E 70 8.68 -26.48 6.88
CA GLU E 70 8.61 -25.09 7.31
C GLU E 70 8.60 -24.10 6.16
N ILE E 71 8.68 -24.57 4.92
CA ILE E 71 8.63 -23.66 3.76
C ILE E 71 7.20 -23.16 3.60
N PRO E 72 6.99 -21.85 3.43
CA PRO E 72 5.62 -21.33 3.33
C PRO E 72 4.91 -21.87 2.10
N VAL E 73 3.58 -21.96 2.20
CA VAL E 73 2.77 -22.44 1.08
C VAL E 73 2.88 -21.48 -0.10
N GLY E 74 3.00 -20.18 0.16
CA GLY E 74 3.20 -19.22 -0.91
C GLY E 74 4.50 -19.42 -1.67
N ASN E 75 5.47 -20.09 -1.05
CA ASN E 75 6.73 -20.41 -1.70
C ASN E 75 6.70 -21.72 -2.47
N LEU E 76 5.60 -22.48 -2.36
CA LEU E 76 5.46 -23.74 -3.08
C LEU E 76 4.65 -23.58 -4.37
N VAL E 77 4.11 -22.40 -4.62
CA VAL E 77 3.42 -22.08 -5.87
C VAL E 77 4.10 -20.85 -6.44
N CYS E 78 4.98 -21.05 -7.41
CA CYS E 78 5.80 -19.98 -7.93
C CYS E 78 5.59 -19.79 -9.42
N PRO E 79 5.66 -18.55 -9.92
CA PRO E 79 5.71 -18.35 -11.38
C PRO E 79 6.97 -18.99 -11.94
N LEU E 80 6.79 -19.69 -13.06
CA LEU E 80 7.88 -20.46 -13.67
C LEU E 80 8.70 -19.57 -14.57
N CYS E 81 10.00 -19.45 -14.27
CA CYS E 81 10.94 -18.67 -15.08
C CYS E 81 11.98 -19.64 -15.64
N VAL E 82 11.86 -19.94 -16.93
CA VAL E 82 12.71 -20.93 -17.59
C VAL E 82 13.74 -20.16 -18.41
N VAL E 83 14.95 -20.01 -17.88
CA VAL E 83 16.04 -19.40 -18.62
C VAL E 83 16.59 -20.42 -19.60
N HIS E 84 16.79 -20.00 -20.85
CA HIS E 84 17.12 -20.91 -21.93
C HIS E 84 18.61 -20.84 -22.24
N ILE E 85 19.27 -21.99 -22.06
CA ILE E 85 20.73 -22.12 -22.38
C ILE E 85 20.85 -22.88 -23.69
N HIS E 86 19.77 -23.57 -24.13
CA HIS E 86 19.77 -24.38 -25.38
C HIS E 86 20.30 -23.56 -26.54
N GLU E 87 20.98 -24.20 -27.49
CA GLU E 87 21.72 -23.49 -28.56
C GLU E 87 20.95 -23.03 -29.79
N LYS E 88 19.87 -22.28 -29.64
CA LYS E 88 19.27 -21.76 -30.90
C LYS E 88 20.42 -21.04 -31.62
N ALA E 89 21.27 -20.34 -30.86
CA ALA E 89 22.47 -19.66 -31.43
C ALA E 89 23.64 -19.78 -30.45
N ALA E 90 24.87 -19.74 -30.95
CA ALA E 90 26.03 -19.94 -30.09
C ALA E 90 26.22 -18.72 -29.19
N ALA E 91 26.40 -18.98 -27.89
CA ALA E 91 26.56 -17.91 -26.92
C ALA E 91 27.29 -18.42 -25.67
N ASP E 92 28.28 -19.28 -25.86
CA ASP E 92 29.09 -19.82 -24.78
C ASP E 92 28.23 -20.52 -23.74
N ALA E 93 28.11 -19.91 -22.55
CA ALA E 93 27.35 -20.47 -21.44
C ALA E 93 27.82 -21.87 -21.09
N ASP E 94 26.97 -22.87 -21.34
CA ASP E 94 27.29 -24.29 -21.11
C ASP E 94 27.63 -24.57 -19.65
N ALA E 95 28.72 -23.98 -19.16
CA ALA E 95 29.20 -24.25 -17.80
C ALA E 95 28.16 -23.92 -16.75
N GLN E 96 27.91 -22.63 -16.51
CA GLN E 96 26.98 -22.19 -15.49
C GLN E 96 26.09 -21.09 -16.04
N VAL E 97 24.91 -20.96 -15.45
CA VAL E 97 24.00 -19.86 -15.79
C VAL E 97 24.52 -18.59 -15.13
N THR E 98 24.83 -17.59 -15.94
CA THR E 98 25.43 -16.35 -15.48
C THR E 98 24.39 -15.25 -15.42
N PRO E 99 24.68 -14.15 -14.70
CA PRO E 99 23.75 -13.02 -14.68
C PRO E 99 23.40 -12.49 -16.06
N ASP E 100 24.28 -12.65 -17.04
CA ASP E 100 23.95 -12.24 -18.41
C ASP E 100 22.83 -13.09 -18.98
N ASP E 101 22.81 -14.39 -18.67
CA ASP E 101 21.70 -15.23 -19.07
C ASP E 101 20.40 -14.80 -18.42
N LEU E 102 20.49 -14.18 -17.23
CA LEU E 102 19.30 -13.71 -16.54
C LEU E 102 18.85 -12.34 -17.05
N LYS E 103 19.80 -11.47 -17.39
CA LYS E 103 19.44 -10.17 -17.90
C LYS E 103 18.83 -10.26 -19.30
N ALA E 104 19.30 -11.22 -20.10
CA ALA E 104 18.72 -11.41 -21.43
C ALA E 104 17.26 -11.87 -21.34
N TRP E 105 16.88 -12.51 -20.23
CA TRP E 105 15.49 -12.92 -20.06
C TRP E 105 14.61 -11.76 -19.62
N ILE E 106 15.18 -10.75 -18.97
CA ILE E 106 14.38 -9.65 -18.41
C ILE E 106 13.70 -8.87 -19.53
N SER E 107 14.49 -8.35 -20.47
CA SER E 107 13.94 -7.52 -21.53
C SER E 107 12.99 -8.28 -22.43
N ALA E 108 13.11 -9.60 -22.50
CA ALA E 108 12.26 -10.41 -23.36
C ALA E 108 10.97 -10.84 -22.68
N HIS E 109 10.95 -10.93 -21.34
CA HIS E 109 9.77 -11.40 -20.63
C HIS E 109 9.53 -10.62 -19.36
N GLY E 110 9.82 -9.31 -19.38
CA GLY E 110 9.58 -8.46 -18.24
C GLY E 110 10.45 -8.80 -17.05
N PRO E 111 10.22 -8.11 -15.93
CA PRO E 111 11.00 -8.38 -14.71
C PRO E 111 10.57 -9.69 -14.06
N ILE E 112 11.37 -10.10 -13.07
CA ILE E 112 11.13 -11.35 -12.34
C ILE E 112 10.18 -11.04 -11.19
N PRO E 113 8.96 -11.57 -11.20
CA PRO E 113 8.03 -11.31 -10.09
C PRO E 113 8.54 -11.93 -8.80
N ASP E 114 8.12 -11.35 -7.69
CA ASP E 114 8.49 -11.89 -6.38
C ASP E 114 7.83 -13.25 -6.18
N GLY E 115 8.49 -14.09 -5.38
CA GLY E 115 7.99 -15.42 -5.17
C GLY E 115 8.09 -16.35 -6.35
N ALA E 116 9.02 -16.09 -7.27
CA ALA E 116 9.17 -16.88 -8.49
C ALA E 116 10.23 -17.96 -8.31
N CYS E 117 10.24 -18.90 -9.26
CA CYS E 117 11.20 -19.99 -9.28
C CYS E 117 11.90 -19.99 -10.63
N VAL E 118 13.21 -19.80 -10.61
CA VAL E 118 14.02 -19.77 -11.83
C VAL E 118 14.42 -21.21 -12.18
N ALA E 119 14.10 -21.63 -13.39
CA ALA E 119 14.37 -22.98 -13.86
C ALA E 119 15.37 -22.93 -15.00
N MET E 120 16.39 -23.80 -14.94
CA MET E 120 17.43 -23.86 -15.96
C MET E 120 17.09 -24.99 -16.95
N HIS E 121 16.84 -24.61 -18.21
CA HIS E 121 16.56 -25.57 -19.27
C HIS E 121 17.85 -25.82 -20.03
N SER E 122 18.71 -26.64 -19.43
CA SER E 122 19.98 -27.01 -20.05
C SER E 122 19.85 -28.21 -20.97
N GLY E 123 18.64 -28.73 -21.17
CA GLY E 123 18.47 -29.91 -22.01
C GLY E 123 19.09 -31.17 -21.46
N TRP E 124 19.40 -31.18 -20.17
CA TRP E 124 20.06 -32.33 -19.55
C TRP E 124 19.08 -33.39 -19.08
N ALA E 125 17.79 -33.05 -18.96
CA ALA E 125 16.81 -34.04 -18.52
C ALA E 125 16.68 -35.19 -19.49
N GLY E 126 16.90 -34.95 -20.79
CA GLY E 126 16.84 -36.02 -21.75
C GLY E 126 17.93 -37.05 -21.60
N LYS E 127 19.06 -36.66 -21.01
CA LYS E 127 20.19 -37.56 -20.80
C LYS E 127 20.05 -38.41 -19.54
N THR E 128 18.83 -38.57 -19.00
CA THR E 128 18.66 -39.33 -17.77
C THR E 128 18.90 -40.82 -17.99
N GLY E 129 18.63 -41.33 -19.20
CA GLY E 129 18.82 -42.74 -19.44
C GLY E 129 20.28 -43.13 -19.56
N GLY E 130 21.05 -42.36 -20.33
CA GLY E 130 22.45 -42.65 -20.54
C GLY E 130 23.33 -42.06 -19.45
N ALA E 131 24.64 -42.27 -19.61
CA ALA E 131 25.62 -41.73 -18.68
C ALA E 131 25.89 -40.25 -18.89
N GLY E 132 25.34 -39.65 -19.95
CA GLY E 132 25.51 -38.24 -20.21
C GLY E 132 24.87 -37.31 -19.21
N TYR E 133 24.12 -37.84 -18.24
CA TYR E 133 23.50 -37.00 -17.22
C TYR E 133 24.55 -36.47 -16.24
N ARG E 134 25.53 -37.29 -15.89
CA ARG E 134 26.62 -36.88 -15.02
C ARG E 134 27.85 -36.42 -15.79
N ASN E 135 28.13 -37.06 -16.93
CA ASN E 135 29.26 -36.68 -17.80
C ASN E 135 30.59 -36.71 -17.04
N ALA E 136 30.79 -37.78 -16.27
CA ALA E 136 32.02 -37.96 -15.52
C ALA E 136 33.13 -38.42 -16.46
N ASP E 137 34.16 -37.59 -16.63
CA ASP E 137 35.26 -37.89 -17.54
C ASP E 137 36.42 -38.47 -16.74
N SER E 138 36.83 -39.70 -17.04
CA SER E 138 37.88 -40.31 -16.19
C SER E 138 37.47 -40.12 -14.73
N GLU E 139 38.42 -40.09 -13.80
CA GLU E 139 38.05 -39.78 -12.39
C GLU E 139 38.13 -38.28 -12.22
N GLY E 140 37.66 -37.55 -13.22
CA GLY E 140 37.81 -36.09 -13.20
C GLY E 140 36.54 -35.35 -12.93
N LYS E 141 35.73 -35.83 -11.99
CA LYS E 141 34.53 -35.07 -11.59
C LYS E 141 33.43 -35.11 -12.66
N MET E 142 32.27 -34.59 -12.31
CA MET E 142 31.11 -34.57 -13.19
C MET E 142 31.08 -33.28 -13.99
N HIS E 143 30.34 -33.30 -15.11
CA HIS E 143 30.32 -32.16 -16.03
C HIS E 143 28.87 -31.93 -16.50
N PHE E 144 28.08 -31.33 -15.62
CA PHE E 144 26.71 -30.94 -15.94
C PHE E 144 26.52 -29.46 -15.66
N PRO E 145 25.63 -28.79 -16.40
CA PRO E 145 25.40 -27.37 -16.16
C PRO E 145 24.85 -27.10 -14.77
N GLY E 146 24.99 -25.84 -14.35
CA GLY E 146 24.51 -25.43 -13.05
C GLY E 146 24.29 -23.94 -13.00
N PHE E 147 24.24 -23.42 -11.78
CA PHE E 147 24.06 -21.99 -11.54
C PHE E 147 25.37 -21.38 -11.07
N HIS E 148 25.73 -20.24 -11.66
CA HIS E 148 26.89 -19.50 -11.17
C HIS E 148 26.53 -18.72 -9.92
N VAL E 149 27.51 -18.56 -9.02
CA VAL E 149 27.24 -17.89 -7.76
C VAL E 149 26.90 -16.43 -7.99
N GLU E 150 27.41 -15.83 -9.08
CA GLU E 150 27.03 -14.47 -9.42
C GLU E 150 25.54 -14.39 -9.78
N ALA E 151 25.01 -15.44 -10.40
CA ALA E 151 23.58 -15.48 -10.70
C ALA E 151 22.75 -15.54 -9.41
N ALA E 152 23.13 -16.42 -8.49
CA ALA E 152 22.43 -16.50 -7.21
C ALA E 152 22.54 -15.19 -6.45
N GLN E 153 23.74 -14.62 -6.38
CA GLN E 153 23.92 -13.33 -5.71
C GLN E 153 23.06 -12.25 -6.36
N MET E 154 22.96 -12.26 -7.69
CA MET E 154 22.07 -11.32 -8.36
C MET E 154 20.62 -11.65 -8.07
N LEU E 155 20.27 -12.93 -8.01
CA LEU E 155 18.89 -13.32 -7.71
C LEU E 155 18.49 -12.89 -6.31
N ILE E 156 19.41 -12.96 -5.35
CA ILE E 156 19.09 -12.57 -3.99
C ILE E 156 19.00 -11.06 -3.86
N GLU E 157 19.84 -10.33 -4.60
CA GLU E 157 19.98 -8.90 -4.36
C GLU E 157 18.94 -8.06 -5.09
N GLU E 158 18.60 -8.41 -6.33
CA GLU E 158 17.71 -7.56 -7.11
C GLU E 158 16.59 -8.34 -7.79
N THR E 159 16.21 -9.49 -7.22
CA THR E 159 15.03 -10.22 -7.70
C THR E 159 14.20 -10.66 -6.50
N GLY E 160 12.98 -11.10 -6.78
CA GLY E 160 12.09 -11.61 -5.76
C GLY E 160 11.93 -13.11 -5.82
N ALA E 161 12.84 -13.78 -6.53
CA ALA E 161 12.79 -15.23 -6.66
C ALA E 161 13.04 -15.90 -5.31
N VAL E 162 12.28 -16.96 -5.04
CA VAL E 162 12.42 -17.71 -3.79
C VAL E 162 12.90 -19.13 -4.00
N ALA E 163 12.97 -19.62 -5.24
CA ALA E 163 13.36 -21.00 -5.50
C ALA E 163 14.24 -21.06 -6.73
N MET E 164 15.23 -21.95 -6.69
CA MET E 164 16.15 -22.18 -7.80
C MET E 164 15.95 -23.60 -8.29
N ALA E 165 15.55 -23.74 -9.55
CA ALA E 165 15.23 -25.04 -10.14
C ALA E 165 16.29 -25.39 -11.18
N VAL E 166 16.81 -26.62 -11.09
CA VAL E 166 17.81 -27.11 -12.03
C VAL E 166 17.33 -28.46 -12.55
N ASP E 167 17.63 -28.73 -13.82
CA ASP E 167 17.30 -30.01 -14.44
C ASP E 167 18.43 -31.02 -14.31
N THR E 168 19.49 -30.69 -13.56
CA THR E 168 20.63 -31.55 -13.36
C THR E 168 20.64 -32.08 -11.93
N LEU E 169 21.78 -32.62 -11.50
CA LEU E 169 21.87 -33.25 -10.19
C LEU E 169 22.07 -32.25 -9.05
N SER E 170 22.55 -31.04 -9.35
CA SER E 170 22.84 -30.08 -8.30
C SER E 170 22.61 -28.67 -8.83
N LEU E 171 22.53 -27.72 -7.89
CA LEU E 171 22.35 -26.32 -8.27
C LEU E 171 23.62 -25.75 -8.89
N ASP E 172 24.77 -26.04 -8.30
CA ASP E 172 26.05 -25.70 -8.91
C ASP E 172 26.39 -26.72 -9.98
N HIS E 173 27.20 -26.29 -10.95
CA HIS E 173 27.53 -27.16 -12.07
C HIS E 173 28.40 -28.33 -11.60
N GLY E 174 28.75 -29.20 -12.55
CA GLY E 174 29.49 -30.40 -12.27
C GLY E 174 30.84 -30.15 -11.61
N PRO E 175 31.75 -29.46 -12.32
CA PRO E 175 33.11 -29.28 -11.78
C PRO E 175 33.19 -28.34 -10.58
N SER E 176 32.08 -28.10 -9.89
CA SER E 176 32.09 -27.26 -8.71
C SER E 176 32.52 -28.06 -7.49
N ALA E 177 33.40 -27.47 -6.68
CA ALA E 177 33.85 -28.08 -5.44
C ALA E 177 33.59 -27.23 -4.21
N ASP E 178 33.44 -25.91 -4.35
CA ASP E 178 33.17 -25.05 -3.22
C ASP E 178 31.70 -24.98 -2.85
N PHE E 179 30.82 -25.44 -3.74
CA PHE E 179 29.37 -25.41 -3.52
C PHE E 179 28.88 -23.99 -3.22
N ALA E 180 29.45 -23.02 -3.94
CA ALA E 180 29.15 -21.61 -3.67
C ALA E 180 27.67 -21.30 -3.85
N THR E 181 27.00 -21.95 -4.79
CA THR E 181 25.59 -21.70 -5.02
C THR E 181 24.74 -22.27 -3.88
N HIS E 182 25.10 -23.47 -3.41
CA HIS E 182 24.40 -24.05 -2.27
C HIS E 182 24.59 -23.21 -1.01
N TYR E 183 25.80 -22.72 -0.77
CA TYR E 183 26.12 -21.95 0.43
C TYR E 183 25.64 -20.51 0.37
N ALA E 184 25.20 -20.03 -0.80
CA ALA E 184 24.72 -18.67 -0.93
C ALA E 184 23.19 -18.58 -1.03
N TRP E 185 22.57 -19.52 -1.72
CA TRP E 185 21.12 -19.48 -1.94
C TRP E 185 20.35 -20.15 -0.80
N LEU E 186 20.84 -21.29 -0.30
CA LEU E 186 20.08 -22.03 0.71
C LEU E 186 20.11 -21.37 2.08
N PRO E 187 21.26 -20.94 2.63
CA PRO E 187 21.25 -20.38 3.99
C PRO E 187 20.40 -19.13 4.15
N THR E 188 19.98 -18.48 3.07
CA THR E 188 19.14 -17.29 3.13
C THR E 188 17.65 -17.63 3.14
N ASN E 189 17.28 -18.82 3.61
CA ASN E 189 15.89 -19.26 3.67
C ASN E 189 15.24 -19.25 2.29
N ARG E 190 16.03 -19.61 1.27
CA ARG E 190 15.54 -19.82 -0.09
C ARG E 190 15.84 -21.24 -0.49
N TYR E 191 14.80 -22.01 -0.79
CA TYR E 191 15.00 -23.42 -1.13
C TYR E 191 15.32 -23.58 -2.61
N GLY E 192 15.84 -24.76 -2.95
CA GLY E 192 16.23 -25.04 -4.31
C GLY E 192 15.60 -26.32 -4.81
N ILE E 193 15.38 -26.37 -6.12
CA ILE E 193 14.78 -27.52 -6.79
C ILE E 193 15.85 -28.15 -7.68
N GLU E 194 16.07 -29.45 -7.51
CA GLU E 194 17.04 -30.19 -8.30
C GLU E 194 16.36 -31.34 -9.03
N ASN E 195 16.91 -31.69 -10.19
CA ASN E 195 16.41 -32.76 -11.05
C ASN E 195 15.00 -32.44 -11.56
N LEU E 196 14.91 -31.36 -12.32
CA LEU E 196 13.65 -30.95 -12.93
C LEU E 196 13.47 -31.61 -14.29
N ALA E 197 12.21 -31.81 -14.68
CA ALA E 197 11.90 -32.55 -15.89
C ALA E 197 10.88 -31.81 -16.73
N ASN E 198 10.94 -32.06 -18.05
CA ASN E 198 9.94 -31.57 -19.00
C ASN E 198 9.87 -30.04 -19.05
N LEU E 199 11.05 -29.41 -19.04
CA LEU E 199 11.11 -27.96 -19.18
C LEU E 199 10.87 -27.50 -20.61
N ASP E 200 10.86 -28.42 -21.58
CA ASP E 200 10.59 -28.05 -22.96
C ASP E 200 9.11 -27.95 -23.26
N LYS E 201 8.24 -28.50 -22.41
CA LYS E 201 6.81 -28.45 -22.62
C LYS E 201 6.16 -27.20 -22.03
N VAL E 202 6.90 -26.43 -21.24
CA VAL E 202 6.36 -25.24 -20.59
C VAL E 202 6.78 -24.01 -21.39
N PRO E 203 5.96 -22.96 -21.44
CA PRO E 203 6.40 -21.72 -22.09
C PRO E 203 7.41 -20.98 -21.23
N ALA E 204 8.02 -19.95 -21.82
CA ALA E 204 9.00 -19.16 -21.11
C ALA E 204 8.35 -18.34 -19.99
N SER E 205 7.09 -17.93 -20.17
CA SER E 205 6.39 -17.14 -19.18
C SER E 205 4.93 -17.58 -19.14
N GLY E 206 4.25 -17.19 -18.05
CA GLY E 206 2.87 -17.53 -17.85
C GLY E 206 2.63 -18.83 -17.13
N ALA E 207 3.54 -19.80 -17.26
CA ALA E 207 3.40 -21.07 -16.57
C ALA E 207 3.59 -20.89 -15.07
N THR E 208 2.79 -21.61 -14.29
CA THR E 208 2.87 -21.57 -12.83
C THR E 208 3.37 -22.91 -12.32
N LEU E 209 4.37 -22.88 -11.45
CA LEU E 209 4.95 -24.09 -10.90
C LEU E 209 4.29 -24.46 -9.58
N ILE E 210 3.99 -25.74 -9.42
CA ILE E 210 3.40 -26.27 -8.20
C ILE E 210 4.42 -27.23 -7.59
N VAL E 211 5.11 -26.77 -6.55
CA VAL E 211 6.14 -27.57 -5.90
C VAL E 211 5.46 -28.49 -4.88
N GLY E 212 5.51 -29.79 -5.14
CA GLY E 212 4.95 -30.77 -4.22
C GLY E 212 5.98 -31.30 -3.24
N ALA E 213 6.64 -30.41 -2.53
CA ALA E 213 7.70 -30.81 -1.61
C ALA E 213 7.11 -31.54 -0.40
N PRO E 214 7.85 -32.51 0.14
CA PRO E 214 7.37 -33.21 1.35
C PRO E 214 7.46 -32.32 2.57
N ASN E 215 6.76 -32.73 3.63
CA ASN E 215 6.73 -31.97 4.88
C ASN E 215 6.88 -32.91 6.08
N HIS E 216 7.96 -33.69 6.09
CA HIS E 216 8.33 -34.45 7.27
C HIS E 216 9.19 -33.58 8.18
N ARG E 217 8.97 -33.70 9.48
CA ARG E 217 9.64 -32.82 10.44
C ARG E 217 11.14 -33.06 10.44
N GLY E 218 11.89 -31.96 10.51
CA GLY E 218 13.34 -32.04 10.54
C GLY E 218 13.98 -32.60 9.30
N GLY E 219 13.40 -32.33 8.13
CA GLY E 219 13.91 -32.85 6.88
C GLY E 219 14.70 -31.78 6.13
N SER E 220 15.86 -32.17 5.62
CA SER E 220 16.71 -31.28 4.83
C SER E 220 16.38 -31.29 3.35
N GLY E 221 15.46 -32.14 2.92
CA GLY E 221 15.10 -32.23 1.52
C GLY E 221 14.02 -33.26 1.27
N GLY E 222 14.08 -33.93 0.12
CA GLY E 222 13.14 -34.99 -0.19
C GLY E 222 12.58 -34.88 -1.60
N PRO E 223 12.26 -36.02 -2.19
CA PRO E 223 11.65 -36.01 -3.53
C PRO E 223 10.30 -35.32 -3.52
N ALA E 224 10.09 -34.45 -4.50
CA ALA E 224 8.86 -33.69 -4.62
C ALA E 224 8.12 -34.08 -5.89
N ARG E 225 6.81 -33.87 -5.89
CA ARG E 225 5.96 -34.05 -7.06
C ARG E 225 5.63 -32.66 -7.59
N ILE E 226 6.44 -32.19 -8.52
CA ILE E 226 6.36 -30.82 -9.02
C ILE E 226 5.58 -30.80 -10.33
N PHE E 227 4.62 -29.89 -10.43
CA PHE E 227 3.79 -29.73 -11.61
C PHE E 227 3.96 -28.34 -12.18
N ALA E 228 3.50 -28.16 -13.42
CA ALA E 228 3.55 -26.88 -14.11
C ALA E 228 2.17 -26.55 -14.65
N MET E 229 1.65 -25.38 -14.29
CA MET E 229 0.33 -24.94 -14.72
C MET E 229 0.51 -23.91 -15.84
N VAL E 230 0.40 -24.38 -17.08
CA VAL E 230 0.53 -23.51 -18.24
C VAL E 230 -0.78 -22.75 -18.45
N GLU F 6 -6.02 -17.81 -3.41
CA GLU F 6 -4.79 -18.26 -2.76
C GLU F 6 -4.62 -19.78 -2.91
N VAL F 7 -3.70 -20.34 -2.13
CA VAL F 7 -3.41 -21.77 -2.15
C VAL F 7 -3.57 -22.31 -0.74
N ARG F 8 -4.30 -23.42 -0.61
CA ARG F 8 -4.50 -24.07 0.67
C ARG F 8 -3.62 -25.32 0.77
N ASP F 9 -3.14 -25.60 1.98
CA ASP F 9 -2.29 -26.75 2.25
C ASP F 9 -3.15 -27.87 2.82
N MET F 10 -3.46 -28.85 1.98
CA MET F 10 -4.29 -29.99 2.37
C MET F 10 -3.49 -31.13 2.95
N THR F 11 -2.22 -30.91 3.30
CA THR F 11 -1.33 -31.97 3.75
C THR F 11 -1.05 -31.81 5.25
N HIS F 12 -1.01 -32.93 5.95
CA HIS F 12 -0.66 -32.96 7.36
C HIS F 12 0.84 -33.11 7.50
N VAL F 13 1.44 -32.29 8.36
CA VAL F 13 2.86 -32.41 8.67
C VAL F 13 3.04 -33.72 9.44
N TYR F 14 3.70 -34.69 8.81
CA TYR F 14 3.82 -36.03 9.36
C TYR F 14 5.22 -36.26 9.91
N ASP F 15 5.31 -37.00 11.02
CA ASP F 15 6.57 -37.41 11.61
C ASP F 15 6.36 -38.81 12.20
N ALA F 16 7.32 -39.24 13.02
CA ALA F 16 7.23 -40.56 13.63
C ALA F 16 6.09 -40.65 14.65
N ASP F 17 5.69 -39.52 15.23
CA ASP F 17 4.64 -39.49 16.25
C ASP F 17 3.30 -39.12 15.64
N PHE F 18 2.93 -39.76 14.53
CA PHE F 18 1.68 -39.49 13.86
C PHE F 18 0.82 -40.74 13.79
N PRO F 19 -0.49 -40.63 13.94
CA PRO F 19 -1.36 -41.81 13.88
C PRO F 19 -1.34 -42.43 12.49
N THR F 20 -0.85 -43.66 12.40
CA THR F 20 -0.78 -44.39 11.16
C THR F 20 -1.92 -45.42 11.10
N TYR F 21 -1.73 -46.47 10.30
CA TYR F 21 -2.73 -47.53 10.18
C TYR F 21 -2.41 -48.71 11.10
N PHE F 22 -1.25 -49.32 10.93
CA PHE F 22 -0.88 -50.48 11.77
C PHE F 22 -0.52 -50.02 13.18
N GLY F 23 0.16 -48.89 13.28
CA GLY F 23 0.51 -48.33 14.60
C GLY F 23 2.00 -48.31 14.77
N ALA F 24 2.73 -48.25 13.67
CA ALA F 24 4.20 -48.36 13.77
C ALA F 24 4.91 -47.23 13.02
N PRO F 25 6.16 -46.89 13.40
CA PRO F 25 6.94 -45.91 12.68
C PRO F 25 6.79 -45.97 11.16
N GLY F 26 5.90 -45.15 10.60
CA GLY F 26 5.74 -45.08 9.14
C GLY F 26 6.91 -44.36 8.51
N ILE F 27 7.48 -43.41 9.24
CA ILE F 27 8.69 -42.70 8.76
C ILE F 27 9.76 -42.81 9.84
N GLU F 28 10.96 -43.15 9.43
CA GLU F 28 12.08 -43.31 10.38
C GLU F 28 13.10 -42.22 10.05
N ALA F 29 13.89 -41.79 11.05
CA ALA F 29 14.83 -40.68 10.85
C ALA F 29 16.28 -41.14 10.98
N VAL F 30 17.11 -40.84 9.98
CA VAL F 30 18.58 -41.13 10.08
C VAL F 30 19.34 -39.90 9.59
N GLN F 31 20.14 -39.29 10.46
CA GLN F 31 20.89 -38.09 10.12
C GLN F 31 22.28 -38.51 9.65
N ASN F 32 22.42 -38.72 8.34
CA ASN F 32 23.71 -39.06 7.75
C ASN F 32 24.71 -37.94 7.99
N PHE F 33 24.58 -36.85 7.24
CA PHE F 33 25.39 -35.66 7.43
C PHE F 33 24.58 -34.58 8.12
N ASN F 34 25.29 -33.70 8.84
CA ASN F 34 24.65 -32.57 9.48
C ASN F 34 25.56 -31.35 9.39
N PHE F 35 24.96 -30.17 9.60
CA PHE F 35 25.71 -28.92 9.48
C PHE F 35 26.70 -28.74 10.62
N LYS F 36 26.44 -29.35 11.78
CA LYS F 36 27.32 -29.17 12.93
C LYS F 36 28.71 -29.70 12.67
N GLU F 37 28.83 -30.80 11.93
CA GLU F 37 30.12 -31.45 11.71
C GLU F 37 30.56 -31.51 10.26
N HIS F 38 29.64 -31.78 9.34
CA HIS F 38 29.99 -31.99 7.94
C HIS F 38 29.74 -30.78 7.05
N GLY F 39 29.01 -29.78 7.54
CA GLY F 39 28.73 -28.60 6.75
C GLY F 39 27.48 -28.69 5.91
N PHE F 40 26.77 -29.81 5.94
CA PHE F 40 25.49 -29.91 5.25
C PHE F 40 24.64 -30.98 5.88
N ASN F 41 23.32 -30.82 5.76
CA ASN F 41 22.34 -31.72 6.36
C ASN F 41 21.77 -32.64 5.30
N LEU F 42 21.78 -33.94 5.56
CA LEU F 42 21.24 -34.93 4.66
C LEU F 42 20.73 -36.10 5.48
N PHE F 43 19.60 -36.66 5.06
CA PHE F 43 18.93 -37.71 5.82
C PHE F 43 18.69 -38.93 4.96
N THR F 44 18.44 -40.06 5.63
CA THR F 44 18.03 -41.30 4.98
C THR F 44 16.86 -41.87 5.77
N LEU F 45 15.72 -42.03 5.11
CA LEU F 45 14.47 -42.33 5.78
C LEU F 45 13.90 -43.66 5.30
N THR F 46 13.56 -44.53 6.26
CA THR F 46 12.77 -45.72 5.98
C THR F 46 11.30 -45.34 6.10
N LEU F 47 10.55 -45.51 5.01
CA LEU F 47 9.20 -44.96 4.91
C LEU F 47 8.21 -46.06 4.56
N ASN F 48 7.12 -46.12 5.33
CA ASN F 48 5.98 -46.97 4.99
C ASN F 48 5.03 -46.17 4.11
N GLU F 49 4.59 -46.80 3.01
CA GLU F 49 3.89 -46.05 1.96
C GLU F 49 2.59 -45.44 2.46
N HIS F 50 1.88 -46.13 3.37
CA HIS F 50 0.60 -45.64 3.86
C HIS F 50 0.81 -45.03 5.24
N THR F 51 1.20 -43.77 5.24
CA THR F 51 1.51 -43.03 6.47
C THR F 51 1.17 -41.56 6.25
N GLY F 52 0.49 -40.96 7.22
CA GLY F 52 0.10 -39.57 7.10
C GLY F 52 -0.78 -39.35 5.89
N THR F 53 -0.76 -38.12 5.37
CA THR F 53 -1.49 -37.78 4.17
C THR F 53 -0.94 -38.58 2.99
N HIS F 54 -1.52 -39.75 2.74
CA HIS F 54 -1.04 -40.66 1.71
C HIS F 54 -2.14 -40.91 0.68
N VAL F 55 -1.73 -41.51 -0.43
CA VAL F 55 -2.62 -41.83 -1.54
C VAL F 55 -2.66 -43.33 -1.70
N ASP F 56 -3.86 -43.90 -1.80
CA ASP F 56 -4.04 -45.31 -2.09
C ASP F 56 -4.14 -45.49 -3.60
N ALA F 57 -3.06 -45.98 -4.21
CA ALA F 57 -3.06 -46.19 -5.65
C ALA F 57 -3.96 -47.37 -6.01
N PRO F 58 -4.40 -47.44 -7.27
CA PRO F 58 -5.14 -48.63 -7.72
C PRO F 58 -4.37 -49.92 -7.50
N LEU F 59 -3.04 -49.88 -7.59
CA LEU F 59 -2.22 -51.06 -7.37
C LEU F 59 -2.30 -51.58 -5.94
N HIS F 60 -2.76 -50.75 -5.00
CA HIS F 60 -2.86 -51.17 -3.61
C HIS F 60 -3.73 -52.42 -3.46
N PHE F 61 -4.90 -52.42 -4.10
CA PHE F 61 -5.85 -53.52 -4.02
C PHE F 61 -6.10 -54.13 -5.40
N SER F 62 -5.02 -54.33 -6.14
CA SER F 62 -5.15 -54.93 -7.47
C SER F 62 -3.89 -55.73 -7.76
N ALA F 63 -3.97 -56.73 -8.62
CA ALA F 63 -2.74 -57.47 -9.03
C ALA F 63 -2.09 -56.64 -10.10
N ASP F 64 -2.79 -56.40 -11.21
CA ASP F 64 -2.27 -55.42 -12.19
C ASP F 64 -2.98 -54.18 -11.68
N GLY F 65 -3.18 -53.16 -12.49
CA GLY F 65 -3.87 -52.02 -11.86
C GLY F 65 -2.93 -50.89 -11.58
N GLN F 66 -3.19 -49.75 -12.20
CA GLN F 66 -2.27 -48.58 -12.11
C GLN F 66 -1.56 -48.44 -10.77
N SER F 67 -0.23 -48.26 -10.83
CA SER F 67 0.57 -47.90 -9.68
C SER F 67 0.64 -46.38 -9.54
N VAL F 68 1.43 -45.90 -8.59
CA VAL F 68 1.49 -44.47 -8.34
C VAL F 68 2.10 -43.75 -9.55
N ASP F 69 3.09 -44.36 -10.20
CA ASP F 69 3.75 -43.73 -11.33
C ASP F 69 2.94 -43.85 -12.62
N GLU F 70 1.96 -44.75 -12.67
CA GLU F 70 1.15 -44.96 -13.85
C GLU F 70 -0.19 -44.24 -13.77
N ILE F 71 -0.31 -43.25 -12.89
CA ILE F 71 -1.50 -42.41 -12.83
C ILE F 71 -1.30 -41.25 -13.80
N PRO F 72 -2.22 -41.02 -14.73
CA PRO F 72 -2.07 -39.87 -15.64
C PRO F 72 -2.10 -38.57 -14.85
N VAL F 73 -1.24 -37.63 -15.25
CA VAL F 73 -1.13 -36.36 -14.53
C VAL F 73 -2.47 -35.63 -14.51
N GLY F 74 -3.29 -35.82 -15.55
CA GLY F 74 -4.62 -35.23 -15.56
C GLY F 74 -5.49 -35.73 -14.42
N ASN F 75 -5.26 -36.96 -13.96
CA ASN F 75 -5.99 -37.50 -12.82
C ASN F 75 -5.45 -37.00 -11.48
N LEU F 76 -4.33 -36.29 -11.49
CA LEU F 76 -3.77 -35.72 -10.26
C LEU F 76 -4.21 -34.28 -10.04
N VAL F 77 -4.97 -33.70 -10.96
CA VAL F 77 -5.54 -32.36 -10.82
C VAL F 77 -7.03 -32.51 -11.07
N CYS F 78 -7.82 -32.49 -9.99
CA CYS F 78 -9.24 -32.79 -10.07
C CYS F 78 -10.07 -31.62 -9.57
N PRO F 79 -11.26 -31.42 -10.12
CA PRO F 79 -12.23 -30.52 -9.47
C PRO F 79 -12.61 -31.07 -8.10
N LEU F 80 -12.73 -30.16 -7.14
CA LEU F 80 -12.92 -30.54 -5.74
C LEU F 80 -14.39 -30.52 -5.38
N CYS F 81 -14.86 -31.61 -4.77
CA CYS F 81 -16.23 -31.72 -4.27
C CYS F 81 -16.16 -32.09 -2.79
N VAL F 82 -16.47 -31.14 -1.92
CA VAL F 82 -16.37 -31.32 -0.48
C VAL F 82 -17.77 -31.60 0.06
N VAL F 83 -18.00 -32.83 0.49
CA VAL F 83 -19.24 -33.21 1.16
C VAL F 83 -19.01 -33.12 2.66
N HIS F 84 -19.93 -32.47 3.36
CA HIS F 84 -19.81 -32.23 4.79
C HIS F 84 -20.71 -33.20 5.54
N ILE F 85 -20.12 -34.03 6.40
CA ILE F 85 -20.87 -34.96 7.23
C ILE F 85 -20.39 -34.82 8.67
N HIS F 86 -19.56 -33.80 8.94
CA HIS F 86 -19.04 -33.58 10.28
C HIS F 86 -20.14 -33.25 11.29
N GLU F 87 -21.34 -32.93 10.84
CA GLU F 87 -22.45 -32.72 11.75
C GLU F 87 -22.80 -34.01 12.50
N LYS F 88 -22.86 -35.12 11.80
CA LYS F 88 -23.16 -36.41 12.42
C LYS F 88 -21.92 -37.18 12.84
N ALA F 89 -20.75 -36.82 12.32
CA ALA F 89 -19.53 -37.55 12.67
C ALA F 89 -19.11 -37.25 14.11
N ALA F 90 -19.31 -36.01 14.57
CA ALA F 90 -18.97 -35.66 15.94
C ALA F 90 -19.78 -36.48 16.93
N ALA F 91 -21.01 -36.85 16.58
CA ALA F 91 -21.82 -37.73 17.41
C ALA F 91 -21.53 -39.20 17.12
N ASP F 92 -21.78 -39.64 15.89
CA ASP F 92 -21.52 -41.02 15.47
C ASP F 92 -20.11 -41.09 14.92
N ALA F 93 -19.18 -41.60 15.73
CA ALA F 93 -17.80 -41.77 15.28
C ALA F 93 -17.67 -42.77 14.13
N ASP F 94 -18.73 -43.53 13.83
CA ASP F 94 -18.75 -44.47 12.73
C ASP F 94 -19.61 -43.98 11.57
N ALA F 95 -19.87 -42.67 11.49
CA ALA F 95 -20.72 -42.14 10.44
C ALA F 95 -20.07 -42.35 9.07
N GLN F 96 -20.91 -42.62 8.08
CA GLN F 96 -20.46 -42.89 6.73
C GLN F 96 -21.05 -41.87 5.76
N VAL F 97 -20.50 -41.86 4.54
CA VAL F 97 -21.04 -41.05 3.46
C VAL F 97 -22.06 -41.90 2.72
N THR F 98 -23.33 -41.54 2.84
CA THR F 98 -24.40 -42.26 2.18
C THR F 98 -24.69 -41.65 0.81
N PRO F 99 -25.41 -42.37 -0.05
CA PRO F 99 -25.84 -41.75 -1.32
C PRO F 99 -26.69 -40.51 -1.12
N ASP F 100 -27.34 -40.37 0.04
CA ASP F 100 -28.06 -39.13 0.32
C ASP F 100 -27.10 -37.98 0.60
N ASP F 101 -25.95 -38.28 1.22
CA ASP F 101 -24.93 -37.25 1.42
C ASP F 101 -24.43 -36.71 0.08
N LEU F 102 -24.31 -37.59 -0.92
CA LEU F 102 -23.93 -37.14 -2.24
C LEU F 102 -25.09 -36.44 -2.95
N LYS F 103 -26.32 -36.94 -2.76
CA LYS F 103 -27.49 -36.30 -3.36
C LYS F 103 -27.63 -34.87 -2.86
N ALA F 104 -27.35 -34.62 -1.59
CA ALA F 104 -27.44 -33.26 -1.06
C ALA F 104 -26.42 -32.34 -1.69
N TRP F 105 -25.21 -32.87 -1.97
CA TRP F 105 -24.17 -32.04 -2.58
C TRP F 105 -24.57 -31.57 -3.97
N ILE F 106 -25.01 -32.50 -4.82
CA ILE F 106 -25.39 -32.11 -6.18
C ILE F 106 -26.65 -31.26 -6.17
N SER F 107 -27.50 -31.42 -5.14
CA SER F 107 -28.72 -30.62 -5.07
C SER F 107 -28.41 -29.16 -4.74
N ALA F 108 -27.34 -28.91 -3.97
CA ALA F 108 -26.99 -27.55 -3.59
C ALA F 108 -25.77 -27.01 -4.33
N HIS F 109 -25.02 -27.86 -5.04
CA HIS F 109 -23.82 -27.42 -5.73
C HIS F 109 -23.77 -27.87 -7.19
N GLY F 110 -24.87 -28.37 -7.74
CA GLY F 110 -24.92 -28.73 -9.13
C GLY F 110 -24.27 -30.08 -9.42
N PRO F 111 -24.31 -30.50 -10.68
CA PRO F 111 -23.76 -31.81 -11.04
C PRO F 111 -22.27 -31.91 -10.76
N ILE F 112 -21.79 -33.13 -10.67
CA ILE F 112 -20.39 -33.40 -10.38
C ILE F 112 -19.56 -33.11 -11.63
N PRO F 113 -18.31 -32.68 -11.49
CA PRO F 113 -17.47 -32.47 -12.67
C PRO F 113 -16.80 -33.76 -13.13
N ASP F 114 -16.40 -33.76 -14.40
CA ASP F 114 -15.69 -34.89 -14.98
C ASP F 114 -14.33 -35.04 -14.31
N GLY F 115 -14.03 -36.25 -13.83
CA GLY F 115 -12.78 -36.48 -13.14
C GLY F 115 -12.65 -35.78 -11.81
N ALA F 116 -13.77 -35.48 -11.16
CA ALA F 116 -13.75 -34.75 -9.91
C ALA F 116 -13.12 -35.60 -8.79
N CYS F 117 -13.05 -35.01 -7.60
CA CYS F 117 -12.56 -35.70 -6.42
C CYS F 117 -13.48 -35.37 -5.26
N VAL F 118 -14.14 -36.38 -4.70
CA VAL F 118 -15.10 -36.20 -3.62
C VAL F 118 -14.37 -36.34 -2.30
N ALA F 119 -14.31 -35.25 -1.53
CA ALA F 119 -13.59 -35.19 -0.27
C ALA F 119 -14.58 -35.22 0.89
N MET F 120 -14.33 -36.10 1.86
CA MET F 120 -15.22 -36.28 2.99
C MET F 120 -14.80 -35.35 4.13
N HIS F 121 -15.61 -34.33 4.40
CA HIS F 121 -15.36 -33.41 5.51
C HIS F 121 -16.09 -33.95 6.74
N SER F 122 -15.32 -34.60 7.62
CA SER F 122 -15.87 -35.12 8.87
C SER F 122 -15.24 -34.48 10.10
N GLY F 123 -14.42 -33.45 9.91
CA GLY F 123 -13.76 -32.81 11.04
C GLY F 123 -12.84 -33.71 11.82
N TRP F 124 -12.34 -34.77 11.20
CA TRP F 124 -11.49 -35.74 11.90
C TRP F 124 -10.01 -35.35 11.87
N ALA F 125 -9.62 -34.43 10.99
CA ALA F 125 -8.22 -34.05 10.86
C ALA F 125 -7.69 -33.32 12.09
N GLY F 126 -8.57 -32.87 13.00
CA GLY F 126 -8.11 -32.16 14.18
C GLY F 126 -7.65 -33.05 15.31
N LYS F 127 -8.03 -34.33 15.29
CA LYS F 127 -7.65 -35.27 16.33
C LYS F 127 -6.33 -35.97 16.06
N THR F 128 -5.55 -35.48 15.09
CA THR F 128 -4.28 -36.09 14.75
C THR F 128 -3.23 -35.94 15.84
N GLY F 129 -3.46 -35.07 16.82
CA GLY F 129 -2.54 -34.87 17.92
C GLY F 129 -2.74 -35.78 19.11
N GLY F 130 -3.65 -36.73 19.02
CA GLY F 130 -3.91 -37.63 20.13
C GLY F 130 -4.53 -38.93 19.66
N ALA F 131 -5.18 -39.60 20.61
CA ALA F 131 -5.82 -40.89 20.36
C ALA F 131 -7.23 -40.76 19.79
N GLY F 132 -7.66 -39.55 19.44
CA GLY F 132 -8.98 -39.37 18.86
C GLY F 132 -9.04 -39.62 17.37
N TYR F 133 -7.91 -39.50 16.66
CA TYR F 133 -7.89 -39.76 15.23
C TYR F 133 -8.14 -41.24 14.94
N ARG F 134 -7.50 -42.13 15.69
CA ARG F 134 -7.78 -43.56 15.58
C ARG F 134 -9.11 -43.90 16.25
N ASN F 135 -9.27 -43.50 17.51
CA ASN F 135 -10.47 -43.76 18.30
C ASN F 135 -10.80 -45.24 18.34
N ALA F 136 -10.07 -46.00 19.17
CA ALA F 136 -10.30 -47.42 19.31
C ALA F 136 -11.37 -47.67 20.38
N ASP F 137 -11.69 -48.95 20.58
CA ASP F 137 -12.67 -49.33 21.59
C ASP F 137 -12.02 -50.16 22.68
N SER F 138 -12.69 -51.24 23.10
CA SER F 138 -12.16 -52.11 24.13
C SER F 138 -11.27 -53.23 23.59
N GLU F 139 -11.40 -53.57 22.31
CA GLU F 139 -10.59 -54.62 21.69
C GLU F 139 -9.75 -54.08 20.54
N GLY F 140 -9.32 -52.82 20.64
CA GLY F 140 -8.46 -52.23 19.64
C GLY F 140 -9.11 -51.91 18.32
N LYS F 141 -10.42 -52.11 18.19
CA LYS F 141 -11.10 -51.79 16.94
C LYS F 141 -11.41 -50.30 16.86
N MET F 142 -11.04 -49.69 15.75
CA MET F 142 -11.14 -48.24 15.62
C MET F 142 -12.54 -47.82 15.21
N HIS F 143 -12.83 -46.53 15.42
CA HIS F 143 -14.14 -45.94 15.11
C HIS F 143 -13.92 -44.53 14.56
N PHE F 144 -13.58 -44.47 13.27
CA PHE F 144 -13.48 -43.20 12.58
C PHE F 144 -14.39 -43.20 11.35
N PRO F 145 -14.89 -42.04 10.93
CA PRO F 145 -15.80 -42.01 9.78
C PRO F 145 -15.12 -42.48 8.50
N GLY F 146 -15.94 -42.75 7.50
CA GLY F 146 -15.44 -43.20 6.22
C GLY F 146 -16.53 -43.14 5.17
N PHE F 147 -16.23 -43.76 4.02
CA PHE F 147 -17.15 -43.81 2.90
C PHE F 147 -17.90 -45.14 2.92
N HIS F 148 -19.23 -45.06 2.87
CA HIS F 148 -20.02 -46.27 2.71
C HIS F 148 -19.73 -46.88 1.34
N VAL F 149 -19.68 -48.22 1.29
CA VAL F 149 -19.30 -48.92 0.07
C VAL F 149 -20.27 -48.60 -1.06
N GLU F 150 -21.56 -48.39 -0.73
CA GLU F 150 -22.54 -48.07 -1.76
C GLU F 150 -22.38 -46.66 -2.30
N ALA F 151 -21.74 -45.76 -1.54
CA ALA F 151 -21.46 -44.42 -2.06
C ALA F 151 -20.40 -44.47 -3.14
N ALA F 152 -19.42 -45.36 -3.01
CA ALA F 152 -18.43 -45.54 -4.08
C ALA F 152 -19.10 -46.04 -5.35
N GLN F 153 -20.14 -46.87 -5.23
CA GLN F 153 -20.84 -47.37 -6.39
C GLN F 153 -21.56 -46.23 -7.13
N MET F 154 -22.15 -45.30 -6.39
CA MET F 154 -22.82 -44.16 -7.01
C MET F 154 -21.84 -43.31 -7.80
N LEU F 155 -20.62 -43.14 -7.29
CA LEU F 155 -19.63 -42.35 -7.99
C LEU F 155 -19.14 -43.04 -9.26
N ILE F 156 -19.14 -44.37 -9.28
CA ILE F 156 -18.70 -45.10 -10.45
C ILE F 156 -19.80 -45.17 -11.49
N GLU F 157 -21.05 -45.42 -11.05
CA GLU F 157 -22.14 -45.65 -11.99
C GLU F 157 -22.78 -44.35 -12.48
N GLU F 158 -22.61 -43.24 -11.76
CA GLU F 158 -23.25 -41.99 -12.14
C GLU F 158 -22.30 -40.82 -12.31
N THR F 159 -21.04 -40.93 -11.86
CA THR F 159 -20.08 -39.85 -11.96
C THR F 159 -18.84 -40.31 -12.72
N GLY F 160 -18.05 -39.34 -13.16
CA GLY F 160 -16.78 -39.61 -13.79
C GLY F 160 -15.63 -39.38 -12.85
N ALA F 161 -15.93 -39.30 -11.55
CA ALA F 161 -14.91 -39.03 -10.55
C ALA F 161 -13.88 -40.16 -10.52
N VAL F 162 -12.61 -39.78 -10.40
CA VAL F 162 -11.51 -40.74 -10.38
C VAL F 162 -10.86 -40.87 -9.01
N ALA F 163 -11.15 -39.96 -8.08
CA ALA F 163 -10.51 -39.95 -6.78
C ALA F 163 -11.56 -39.88 -5.68
N MET F 164 -11.12 -40.15 -4.46
CA MET F 164 -11.99 -40.12 -3.29
C MET F 164 -11.13 -39.80 -2.08
N ALA F 165 -11.44 -38.70 -1.39
CA ALA F 165 -10.62 -38.20 -0.30
C ALA F 165 -11.37 -38.29 1.02
N VAL F 166 -10.64 -38.60 2.09
CA VAL F 166 -11.20 -38.66 3.43
C VAL F 166 -10.23 -37.97 4.39
N ASP F 167 -10.77 -37.41 5.47
CA ASP F 167 -9.98 -36.82 6.53
C ASP F 167 -9.71 -37.80 7.66
N THR F 168 -9.94 -39.09 7.43
CA THR F 168 -9.69 -40.12 8.43
C THR F 168 -8.58 -41.05 7.96
N LEU F 169 -8.46 -42.23 8.60
CA LEU F 169 -7.37 -43.12 8.26
C LEU F 169 -7.59 -43.81 6.92
N SER F 170 -8.82 -44.22 6.63
CA SER F 170 -9.12 -44.95 5.40
C SER F 170 -10.44 -44.49 4.82
N LEU F 171 -10.62 -44.80 3.53
CA LEU F 171 -11.89 -44.53 2.87
C LEU F 171 -13.02 -45.31 3.54
N ASP F 172 -12.73 -46.54 3.96
CA ASP F 172 -13.67 -47.32 4.75
C ASP F 172 -13.67 -46.82 6.19
N HIS F 173 -14.80 -46.97 6.86
CA HIS F 173 -14.91 -46.54 8.24
C HIS F 173 -14.10 -47.46 9.14
N GLY F 174 -14.18 -47.20 10.45
CA GLY F 174 -13.40 -47.91 11.43
C GLY F 174 -13.62 -49.41 11.44
N PRO F 175 -14.82 -49.85 11.81
CA PRO F 175 -15.08 -51.29 11.96
C PRO F 175 -15.06 -52.07 10.65
N SER F 176 -14.80 -51.45 9.51
CA SER F 176 -14.75 -52.17 8.24
C SER F 176 -13.54 -53.08 8.24
N ALA F 177 -13.74 -54.35 8.57
CA ALA F 177 -12.65 -55.32 8.57
C ALA F 177 -12.34 -55.86 7.18
N ASP F 178 -13.29 -55.82 6.26
CA ASP F 178 -13.09 -56.32 4.91
C ASP F 178 -12.67 -55.24 3.92
N PHE F 179 -12.73 -53.96 4.31
CA PHE F 179 -12.37 -52.84 3.45
C PHE F 179 -13.20 -52.86 2.17
N ALA F 180 -14.51 -52.67 2.35
CA ALA F 180 -15.44 -52.80 1.23
C ALA F 180 -15.26 -51.67 0.22
N THR F 181 -15.14 -50.43 0.71
CA THR F 181 -14.95 -49.30 -0.21
C THR F 181 -13.60 -49.38 -0.92
N HIS F 182 -12.57 -49.85 -0.20
CA HIS F 182 -11.26 -50.01 -0.82
C HIS F 182 -11.33 -50.95 -2.03
N TYR F 183 -11.96 -52.11 -1.84
CA TYR F 183 -12.08 -53.08 -2.94
C TYR F 183 -13.09 -52.66 -3.99
N ALA F 184 -13.92 -51.66 -3.72
CA ALA F 184 -14.90 -51.19 -4.68
C ALA F 184 -14.41 -50.01 -5.51
N TRP F 185 -13.33 -49.36 -5.10
CA TRP F 185 -12.80 -48.18 -5.76
C TRP F 185 -11.43 -48.40 -6.39
N LEU F 186 -10.53 -49.10 -5.69
CA LEU F 186 -9.18 -49.28 -6.20
C LEU F 186 -9.12 -50.20 -7.41
N PRO F 187 -9.75 -51.38 -7.42
CA PRO F 187 -9.66 -52.25 -8.61
C PRO F 187 -10.25 -51.65 -9.88
N THR F 188 -10.98 -50.53 -9.79
CA THR F 188 -11.54 -49.86 -10.95
C THR F 188 -10.62 -48.78 -11.51
N ASN F 189 -9.30 -48.92 -11.30
CA ASN F 189 -8.31 -47.94 -11.76
C ASN F 189 -8.61 -46.53 -11.25
N ARG F 190 -9.25 -46.45 -10.08
CA ARG F 190 -9.52 -45.18 -9.41
C ARG F 190 -8.77 -45.16 -8.09
N TYR F 191 -8.09 -44.06 -7.81
CA TYR F 191 -7.29 -43.94 -6.60
C TYR F 191 -8.06 -43.19 -5.52
N GLY F 192 -7.47 -43.19 -4.32
CA GLY F 192 -8.08 -42.52 -3.19
C GLY F 192 -7.05 -41.71 -2.43
N ILE F 193 -7.56 -40.88 -1.50
CA ILE F 193 -6.74 -40.01 -0.69
C ILE F 193 -7.15 -40.17 0.76
N GLU F 194 -6.18 -40.43 1.63
CA GLU F 194 -6.43 -40.65 3.05
C GLU F 194 -5.60 -39.67 3.88
N ASN F 195 -6.13 -39.36 5.07
CA ASN F 195 -5.51 -38.41 6.00
C ASN F 195 -5.39 -37.01 5.38
N LEU F 196 -6.51 -36.53 4.85
CA LEU F 196 -6.56 -35.19 4.28
C LEU F 196 -6.77 -34.15 5.37
N ALA F 197 -6.14 -33.00 5.21
CA ALA F 197 -6.19 -31.94 6.21
C ALA F 197 -6.81 -30.67 5.64
N ASN F 198 -7.39 -29.87 6.52
CA ASN F 198 -7.85 -28.51 6.20
C ASN F 198 -8.98 -28.51 5.17
N LEU F 199 -9.91 -29.45 5.30
CA LEU F 199 -11.06 -29.47 4.41
C LEU F 199 -12.06 -28.36 4.72
N ASP F 200 -11.95 -27.74 5.90
CA ASP F 200 -12.85 -26.67 6.31
C ASP F 200 -12.37 -25.29 5.88
N LYS F 201 -11.43 -25.23 4.95
CA LYS F 201 -10.89 -23.95 4.46
C LYS F 201 -11.24 -23.67 3.01
N VAL F 202 -11.93 -24.59 2.33
CA VAL F 202 -12.28 -24.42 0.92
C VAL F 202 -13.78 -24.63 0.76
N PRO F 203 -14.37 -24.06 -0.28
CA PRO F 203 -15.80 -24.29 -0.54
C PRO F 203 -16.04 -25.72 -1.03
N ALA F 204 -17.32 -26.11 -0.98
CA ALA F 204 -17.69 -27.44 -1.44
C ALA F 204 -17.45 -27.62 -2.94
N SER F 205 -17.62 -26.55 -3.72
CA SER F 205 -17.40 -26.60 -5.15
C SER F 205 -16.70 -25.32 -5.59
N GLY F 206 -15.88 -25.45 -6.63
CA GLY F 206 -15.14 -24.35 -7.20
C GLY F 206 -13.62 -24.49 -7.08
N ALA F 207 -13.16 -25.10 -5.99
CA ALA F 207 -11.73 -25.30 -5.80
C ALA F 207 -11.21 -26.40 -6.71
N THR F 208 -9.92 -26.30 -7.05
CA THR F 208 -9.24 -27.31 -7.84
C THR F 208 -8.16 -27.96 -6.99
N LEU F 209 -8.19 -29.28 -6.90
CA LEU F 209 -7.27 -30.03 -6.07
C LEU F 209 -6.02 -30.39 -6.86
N ILE F 210 -4.85 -30.21 -6.25
CA ILE F 210 -3.57 -30.52 -6.85
C ILE F 210 -2.96 -31.64 -6.02
N VAL F 211 -3.02 -32.87 -6.52
CA VAL F 211 -2.52 -34.04 -5.79
C VAL F 211 -1.09 -34.30 -6.21
N GLY F 212 -0.16 -34.19 -5.26
CA GLY F 212 1.23 -34.48 -5.54
C GLY F 212 1.70 -35.80 -4.95
N ALA F 213 1.28 -36.89 -5.58
CA ALA F 213 1.65 -38.21 -5.09
C ALA F 213 3.03 -38.60 -5.60
N PRO F 214 3.85 -39.27 -4.78
CA PRO F 214 5.18 -39.68 -5.24
C PRO F 214 5.08 -40.74 -6.34
N ASN F 215 5.77 -40.50 -7.45
CA ASN F 215 5.69 -41.37 -8.62
C ASN F 215 6.89 -42.30 -8.71
N HIS F 216 7.18 -43.03 -7.63
CA HIS F 216 8.19 -44.08 -7.69
C HIS F 216 7.64 -45.28 -8.44
N ARG F 217 8.48 -45.87 -9.29
CA ARG F 217 8.05 -46.98 -10.13
C ARG F 217 7.66 -48.18 -9.29
N GLY F 218 6.41 -48.61 -9.42
CA GLY F 218 5.92 -49.75 -8.67
C GLY F 218 5.67 -49.44 -7.21
N GLY F 219 4.60 -48.71 -6.93
CA GLY F 219 4.27 -48.35 -5.56
C GLY F 219 2.79 -48.46 -5.25
N SER F 220 2.48 -48.94 -4.04
CA SER F 220 1.10 -49.10 -3.60
C SER F 220 0.60 -47.89 -2.81
N GLY F 221 1.36 -46.80 -2.77
CA GLY F 221 0.96 -45.64 -2.01
C GLY F 221 2.07 -44.61 -1.93
N GLY F 222 2.04 -43.84 -0.86
CA GLY F 222 3.06 -42.83 -0.62
C GLY F 222 2.50 -41.54 -0.08
N PRO F 223 3.23 -40.91 0.84
CA PRO F 223 2.80 -39.61 1.36
C PRO F 223 2.80 -38.57 0.26
N ALA F 224 1.66 -37.88 0.12
CA ALA F 224 1.46 -36.92 -0.96
C ALA F 224 1.30 -35.52 -0.39
N ARG F 225 1.81 -34.54 -1.14
CA ARG F 225 1.62 -33.12 -0.84
C ARG F 225 0.49 -32.62 -1.71
N ILE F 226 -0.64 -32.28 -1.09
CA ILE F 226 -1.86 -31.95 -1.80
C ILE F 226 -2.26 -30.51 -1.47
N PHE F 227 -2.65 -29.77 -2.51
CA PHE F 227 -3.09 -28.39 -2.38
C PHE F 227 -4.43 -28.21 -3.07
N ALA F 228 -5.16 -27.18 -2.63
CA ALA F 228 -6.43 -26.79 -3.24
C ALA F 228 -6.27 -25.41 -3.85
N MET F 229 -6.71 -25.26 -5.11
CA MET F 229 -6.60 -24.01 -5.85
C MET F 229 -8.00 -23.51 -6.17
N VAL F 230 -8.35 -22.34 -5.63
CA VAL F 230 -9.65 -21.74 -5.88
C VAL F 230 -9.59 -20.88 -7.14
N GLY G 3 -0.48 42.73 -3.82
CA GLY G 3 -0.18 42.38 -2.44
C GLY G 3 0.26 40.93 -2.29
N ILE G 4 1.41 40.70 -1.64
CA ILE G 4 1.91 39.30 -1.55
C ILE G 4 1.26 38.65 -0.33
N GLY G 5 0.43 37.63 -0.56
CA GLY G 5 -0.25 36.90 0.52
C GLY G 5 -0.31 35.42 0.23
N GLU G 6 -0.88 34.64 1.14
CA GLU G 6 -0.94 33.16 1.01
C GLU G 6 -1.71 32.63 2.21
N VAL G 7 -1.77 33.42 3.28
CA VAL G 7 -2.38 32.90 4.53
C VAL G 7 -3.46 33.86 5.03
N ARG G 8 -4.17 33.45 6.07
CA ARG G 8 -5.25 34.27 6.66
C ARG G 8 -5.22 34.13 8.18
N ASP G 9 -5.88 35.04 8.88
CA ASP G 9 -5.93 35.03 10.34
C ASP G 9 -7.32 34.55 10.75
N MET G 10 -7.44 33.28 11.10
CA MET G 10 -8.70 32.68 11.50
C MET G 10 -8.91 32.73 13.01
N THR G 11 -8.19 33.61 13.71
CA THR G 11 -8.24 33.66 15.17
C THR G 11 -8.77 35.01 15.63
N HIS G 12 -9.63 34.98 16.64
CA HIS G 12 -10.16 36.19 17.24
C HIS G 12 -9.14 36.79 18.19
N VAL G 13 -9.07 38.12 18.22
CA VAL G 13 -8.26 38.85 19.19
C VAL G 13 -9.11 39.01 20.45
N TYR G 14 -8.81 38.21 21.47
CA TYR G 14 -9.62 38.15 22.68
C TYR G 14 -8.87 38.74 23.87
N ASP G 15 -9.62 39.07 24.91
CA ASP G 15 -9.06 39.60 26.14
C ASP G 15 -10.04 39.29 27.28
N ALA G 16 -9.99 40.09 28.35
CA ALA G 16 -10.90 39.91 29.47
C ALA G 16 -12.34 40.32 29.15
N ASP G 17 -12.58 40.90 27.98
CA ASP G 17 -13.92 41.34 27.59
C ASP G 17 -14.53 40.46 26.52
N PHE G 18 -13.84 39.39 26.13
CA PHE G 18 -14.34 38.48 25.06
C PHE G 18 -15.46 37.58 25.58
N PRO G 19 -16.53 37.38 24.79
CA PRO G 19 -17.67 36.57 25.23
C PRO G 19 -17.35 35.13 25.64
N THR G 20 -17.86 34.69 26.79
CA THR G 20 -17.63 33.32 27.30
C THR G 20 -18.97 32.62 27.55
N TYR G 21 -18.97 31.29 27.55
CA TYR G 21 -20.23 30.52 27.72
C TYR G 21 -20.74 30.64 29.15
N PHE G 22 -19.83 30.82 30.11
CA PHE G 22 -20.24 30.89 31.53
C PHE G 22 -20.50 32.34 31.93
N GLY G 23 -20.23 33.29 31.04
CA GLY G 23 -20.53 34.70 31.33
C GLY G 23 -19.43 35.40 32.09
N ALA G 24 -18.51 34.62 32.62
CA ALA G 24 -17.46 35.21 33.47
C ALA G 24 -16.19 35.41 32.65
N PRO G 25 -15.38 36.42 33.00
CA PRO G 25 -14.12 36.63 32.31
C PRO G 25 -13.23 35.39 32.31
N GLY G 26 -12.62 35.08 31.18
CA GLY G 26 -11.79 33.90 31.05
C GLY G 26 -10.30 34.14 31.07
N ILE G 27 -9.87 35.39 31.18
CA ILE G 27 -8.43 35.71 31.23
C ILE G 27 -8.25 36.96 32.06
N GLU G 28 -7.34 36.90 33.03
CA GLU G 28 -7.00 38.03 33.89
C GLU G 28 -5.49 38.17 33.94
N ALA G 29 -5.01 39.40 33.78
CA ALA G 29 -3.58 39.69 33.74
C ALA G 29 -3.15 40.46 34.98
N VAL G 30 -1.94 40.17 35.46
CA VAL G 30 -1.34 40.86 36.60
C VAL G 30 0.03 41.33 36.17
N GLN G 31 0.16 42.64 35.93
CA GLN G 31 1.43 43.21 35.48
C GLN G 31 2.46 43.11 36.60
N ASN G 32 3.43 42.21 36.43
CA ASN G 32 4.49 42.04 37.42
C ASN G 32 5.57 43.09 37.21
N PHE G 33 6.41 42.88 36.19
CA PHE G 33 7.46 43.83 35.86
C PHE G 33 6.98 44.81 34.80
N ASN G 34 7.40 46.06 34.94
CA ASN G 34 7.03 47.11 34.00
C ASN G 34 8.28 47.76 33.40
N PHE G 35 8.06 48.50 32.32
CA PHE G 35 9.17 49.14 31.61
C PHE G 35 9.78 50.28 32.41
N LYS G 36 9.04 50.87 33.35
CA LYS G 36 9.53 52.04 34.07
C LYS G 36 10.55 51.66 35.14
N GLU G 37 10.23 50.66 35.97
CA GLU G 37 11.08 50.28 37.09
C GLU G 37 11.94 49.06 36.81
N HIS G 38 11.69 48.33 35.72
CA HIS G 38 12.43 47.11 35.45
C HIS G 38 13.05 47.11 34.06
N GLY G 39 12.44 47.84 33.13
CA GLY G 39 12.95 47.91 31.77
C GLY G 39 12.34 46.93 30.80
N PHE G 40 11.51 46.00 31.28
CA PHE G 40 10.82 45.06 30.41
C PHE G 40 9.40 44.85 30.93
N ASN G 41 8.52 44.46 30.03
CA ASN G 41 7.11 44.24 30.36
C ASN G 41 6.84 42.74 30.41
N LEU G 42 6.31 42.28 31.53
CA LEU G 42 5.96 40.88 31.72
C LEU G 42 4.66 40.78 32.51
N PHE G 43 3.85 39.79 32.18
CA PHE G 43 2.54 39.61 32.80
C PHE G 43 2.39 38.20 33.30
N THR G 44 1.53 38.04 34.31
CA THR G 44 1.10 36.74 34.82
C THR G 44 -0.37 36.58 34.47
N LEU G 45 -0.68 35.54 33.69
CA LEU G 45 -2.00 35.39 33.07
C LEU G 45 -2.77 34.25 33.73
N THR G 46 -3.95 34.58 34.25
CA THR G 46 -4.93 33.60 34.73
C THR G 46 -5.93 33.36 33.62
N LEU G 47 -5.94 32.14 33.06
CA LEU G 47 -6.69 31.86 31.84
C LEU G 47 -7.65 30.71 32.03
N ASN G 48 -8.86 30.86 31.48
CA ASN G 48 -9.81 29.78 31.35
C ASN G 48 -9.64 29.18 29.95
N GLU G 49 -9.43 27.87 29.89
CA GLU G 49 -8.99 27.26 28.64
C GLU G 49 -10.05 27.23 27.55
N HIS G 50 -11.31 27.55 27.88
CA HIS G 50 -12.36 27.56 26.86
C HIS G 50 -12.86 28.96 26.58
N THR G 51 -11.96 29.87 26.21
CA THR G 51 -12.30 31.23 25.83
C THR G 51 -11.62 31.60 24.52
N GLY G 52 -12.30 32.44 23.74
CA GLY G 52 -11.80 32.87 22.46
C GLY G 52 -11.70 31.72 21.47
N THR G 53 -10.99 32.00 20.38
CA THR G 53 -10.73 30.98 19.36
C THR G 53 -9.82 29.92 19.97
N HIS G 54 -10.41 28.82 20.42
CA HIS G 54 -9.68 27.77 21.12
C HIS G 54 -10.06 26.42 20.54
N VAL G 55 -9.45 25.37 21.08
CA VAL G 55 -9.65 24.00 20.63
C VAL G 55 -10.18 23.18 21.81
N ASP G 56 -11.13 22.30 21.54
CA ASP G 56 -11.66 21.38 22.54
C ASP G 56 -10.99 20.02 22.34
N ALA G 57 -10.14 19.65 23.29
CA ALA G 57 -9.47 18.36 23.22
C ALA G 57 -10.46 17.24 23.56
N PRO G 58 -10.19 16.02 23.10
CA PRO G 58 -11.03 14.88 23.48
C PRO G 58 -11.26 14.74 24.98
N LEU G 59 -10.30 15.18 25.80
CA LEU G 59 -10.47 15.12 27.26
C LEU G 59 -11.58 16.05 27.74
N HIS G 60 -11.98 17.03 26.92
CA HIS G 60 -13.00 17.99 27.34
C HIS G 60 -14.31 17.29 27.66
N PHE G 61 -14.72 16.32 26.84
CA PHE G 61 -15.98 15.62 27.02
C PHE G 61 -15.78 14.11 27.17
N SER G 62 -14.61 13.69 27.67
CA SER G 62 -14.34 12.29 27.92
C SER G 62 -13.57 12.14 29.22
N ALA G 63 -13.78 11.02 29.90
CA ALA G 63 -13.10 10.79 31.17
C ALA G 63 -11.61 10.55 30.98
N ASP G 64 -11.23 9.87 29.90
CA ASP G 64 -9.84 9.54 29.63
C ASP G 64 -9.45 9.89 28.20
N GLY G 65 -10.09 10.89 27.61
CA GLY G 65 -9.77 11.30 26.26
C GLY G 65 -8.39 11.90 26.15
N GLN G 66 -8.00 12.19 24.91
CA GLN G 66 -6.68 12.77 24.66
C GLN G 66 -6.60 14.18 25.19
N SER G 67 -5.43 14.55 25.69
CA SER G 67 -5.15 15.92 26.08
C SER G 67 -4.57 16.69 24.89
N VAL G 68 -4.39 18.00 25.07
CA VAL G 68 -3.90 18.83 23.99
C VAL G 68 -2.50 18.43 23.56
N ASP G 69 -1.67 18.02 24.53
CA ASP G 69 -0.32 17.58 24.20
C ASP G 69 -0.33 16.24 23.47
N GLU G 70 -1.26 15.35 23.82
CA GLU G 70 -1.30 14.02 23.24
C GLU G 70 -1.99 13.97 21.87
N ILE G 71 -2.54 15.09 21.42
CA ILE G 71 -3.12 15.12 20.07
C ILE G 71 -1.98 15.15 19.05
N PRO G 72 -2.01 14.28 18.03
CA PRO G 72 -0.91 14.25 17.07
C PRO G 72 -0.81 15.55 16.27
N VAL G 73 0.42 16.04 16.10
CA VAL G 73 0.64 17.25 15.32
C VAL G 73 0.15 17.07 13.88
N GLY G 74 0.16 15.83 13.38
CA GLY G 74 -0.28 15.59 12.02
C GLY G 74 -1.74 15.95 11.81
N ASN G 75 -2.57 15.83 12.84
CA ASN G 75 -3.99 16.15 12.73
C ASN G 75 -4.27 17.63 12.93
N LEU G 76 -3.23 18.47 12.90
CA LEU G 76 -3.41 19.92 13.00
C LEU G 76 -3.21 20.64 11.68
N VAL G 77 -2.67 19.96 10.67
CA VAL G 77 -2.60 20.48 9.31
C VAL G 77 -3.63 19.73 8.49
N CYS G 78 -4.83 20.30 8.36
CA CYS G 78 -5.96 19.59 7.79
C CYS G 78 -6.44 20.27 6.52
N PRO G 79 -6.84 19.49 5.50
CA PRO G 79 -7.55 20.08 4.36
C PRO G 79 -8.88 20.66 4.81
N LEU G 80 -9.13 21.91 4.43
CA LEU G 80 -10.29 22.63 4.92
C LEU G 80 -11.50 22.41 4.01
N CYS G 81 -12.67 22.29 4.63
CA CYS G 81 -13.94 22.14 3.92
C CYS G 81 -14.97 23.00 4.65
N VAL G 82 -15.20 24.20 4.13
CA VAL G 82 -16.07 25.17 4.79
C VAL G 82 -17.50 24.96 4.31
N VAL G 83 -18.41 24.74 5.27
CA VAL G 83 -19.82 24.54 4.97
C VAL G 83 -20.54 25.87 5.17
N HIS G 84 -21.12 26.38 4.10
CA HIS G 84 -21.82 27.67 4.12
C HIS G 84 -23.31 27.42 4.33
N ILE G 85 -23.81 27.82 5.50
CA ILE G 85 -25.23 27.72 5.82
C ILE G 85 -25.66 29.03 6.46
N HIS G 86 -24.91 30.10 6.20
CA HIS G 86 -25.19 31.40 6.82
C HIS G 86 -26.53 31.96 6.38
N GLU G 87 -27.05 31.54 5.23
CA GLU G 87 -28.34 32.05 4.75
C GLU G 87 -29.45 31.56 5.66
N LYS G 88 -29.39 30.29 6.07
CA LYS G 88 -30.44 29.66 6.89
C LYS G 88 -30.26 30.09 8.34
N ALA G 89 -29.03 30.29 8.73
CA ALA G 89 -28.73 30.74 10.09
C ALA G 89 -29.24 32.17 10.28
N ALA G 90 -29.34 32.92 9.19
CA ALA G 90 -29.90 34.26 9.30
C ALA G 90 -31.38 34.20 9.66
N ALA G 91 -32.14 33.32 9.00
CA ALA G 91 -33.55 33.19 9.31
C ALA G 91 -33.78 32.51 10.66
N ASP G 92 -33.02 31.46 10.94
CA ASP G 92 -33.13 30.71 12.18
C ASP G 92 -31.81 30.81 12.92
N ALA G 93 -31.81 31.57 14.02
CA ALA G 93 -30.59 31.70 14.84
C ALA G 93 -30.18 30.38 15.48
N ASP G 94 -31.08 29.39 15.51
CA ASP G 94 -30.78 28.07 16.04
C ASP G 94 -30.58 27.05 14.93
N ALA G 95 -30.35 27.50 13.70
CA ALA G 95 -30.08 26.60 12.60
C ALA G 95 -28.86 25.74 12.90
N GLN G 96 -28.86 24.52 12.37
CA GLN G 96 -27.80 23.57 12.63
C GLN G 96 -27.33 22.97 11.31
N VAL G 97 -26.07 22.56 11.28
CA VAL G 97 -25.54 21.82 10.15
C VAL G 97 -26.04 20.39 10.25
N THR G 98 -26.72 19.97 9.18
CA THR G 98 -27.32 18.64 9.14
C THR G 98 -26.65 17.83 8.05
N PRO G 99 -26.86 16.49 8.03
CA PRO G 99 -26.33 15.68 6.96
C PRO G 99 -26.64 16.29 5.59
N ASP G 100 -27.84 16.83 5.45
CA ASP G 100 -28.29 17.47 4.19
C ASP G 100 -27.38 18.65 3.85
N ASP G 101 -26.83 19.31 4.85
CA ASP G 101 -25.90 20.44 4.63
C ASP G 101 -24.56 19.87 4.19
N LEU G 102 -24.17 18.73 4.76
CA LEU G 102 -22.91 18.07 4.39
C LEU G 102 -23.01 17.50 2.97
N LYS G 103 -24.01 16.66 2.68
CA LYS G 103 -24.04 16.11 1.33
C LYS G 103 -24.22 17.20 0.28
N ALA G 104 -24.80 18.34 0.66
CA ALA G 104 -24.87 19.46 -0.28
C ALA G 104 -23.48 20.00 -0.59
N TRP G 105 -22.59 20.00 0.41
CA TRP G 105 -21.21 20.43 0.16
C TRP G 105 -20.48 19.45 -0.73
N ILE G 106 -20.65 18.16 -0.49
CA ILE G 106 -19.95 17.15 -1.32
C ILE G 106 -20.51 17.20 -2.75
N SER G 107 -21.79 17.51 -2.89
CA SER G 107 -22.41 17.60 -4.21
C SER G 107 -21.85 18.74 -5.05
N ALA G 108 -20.95 19.56 -4.53
CA ALA G 108 -20.41 20.69 -5.28
C ALA G 108 -18.89 20.72 -5.24
N HIS G 109 -18.31 20.56 -4.05
CA HIS G 109 -16.87 20.69 -3.86
C HIS G 109 -16.16 19.35 -3.75
N GLY G 110 -16.86 18.24 -3.97
CA GLY G 110 -16.24 16.94 -3.95
C GLY G 110 -16.28 16.29 -2.60
N PRO G 111 -15.71 15.09 -2.49
CA PRO G 111 -15.74 14.36 -1.21
C PRO G 111 -14.79 14.98 -0.19
N ILE G 112 -15.02 14.63 1.06
CA ILE G 112 -14.22 15.14 2.18
C ILE G 112 -12.88 14.40 2.20
N PRO G 113 -11.76 15.11 2.14
CA PRO G 113 -10.46 14.44 2.16
C PRO G 113 -10.18 13.75 3.49
N ASP G 114 -9.14 12.92 3.48
CA ASP G 114 -8.74 12.21 4.68
C ASP G 114 -8.08 13.17 5.66
N GLY G 115 -8.44 13.05 6.94
CA GLY G 115 -7.93 13.97 7.94
C GLY G 115 -8.33 15.40 7.71
N ALA G 116 -9.46 15.64 7.05
CA ALA G 116 -9.88 16.98 6.70
C ALA G 116 -10.48 17.69 7.90
N CYS G 117 -10.83 18.96 7.72
CA CYS G 117 -11.50 19.77 8.72
C CYS G 117 -12.78 20.33 8.11
N VAL G 118 -13.88 20.15 8.82
CA VAL G 118 -15.20 20.58 8.36
C VAL G 118 -15.64 21.76 9.22
N ALA G 119 -15.72 22.94 8.62
CA ALA G 119 -16.06 24.16 9.33
C ALA G 119 -17.48 24.59 8.98
N MET G 120 -18.07 25.36 9.90
CA MET G 120 -19.43 25.89 9.73
C MET G 120 -19.33 27.40 9.60
N HIS G 121 -19.80 27.93 8.47
CA HIS G 121 -19.84 29.37 8.24
C HIS G 121 -21.28 29.85 8.38
N SER G 122 -21.58 30.44 9.53
CA SER G 122 -22.91 30.98 9.80
C SER G 122 -22.91 32.49 9.99
N GLY G 123 -21.77 33.15 9.87
CA GLY G 123 -21.71 34.59 10.02
C GLY G 123 -21.79 35.08 11.45
N TRP G 124 -21.57 34.20 12.42
CA TRP G 124 -21.66 34.57 13.83
C TRP G 124 -20.39 35.23 14.37
N ALA G 125 -19.30 35.19 13.61
CA ALA G 125 -18.02 35.70 14.12
C ALA G 125 -18.03 37.22 14.27
N GLY G 126 -18.84 37.92 13.46
CA GLY G 126 -18.87 39.37 13.51
C GLY G 126 -19.77 39.93 14.58
N LYS G 127 -20.11 39.12 15.57
CA LYS G 127 -20.99 39.53 16.66
C LYS G 127 -20.28 39.57 18.00
N THR G 128 -18.95 39.38 18.02
CA THR G 128 -18.21 39.37 19.28
C THR G 128 -18.14 40.75 19.92
N GLY G 129 -18.26 41.82 19.14
CA GLY G 129 -18.19 43.16 19.69
C GLY G 129 -19.34 43.50 20.62
N GLY G 130 -20.49 42.90 20.39
CA GLY G 130 -21.65 43.14 21.23
C GLY G 130 -22.24 41.88 21.82
N ALA G 131 -23.46 41.98 22.35
CA ALA G 131 -24.15 40.83 22.93
C ALA G 131 -24.74 39.90 21.87
N GLY G 132 -24.43 40.13 20.59
CA GLY G 132 -24.97 39.27 19.55
C GLY G 132 -24.32 37.91 19.49
N TYR G 133 -23.06 37.81 19.92
CA TYR G 133 -22.37 36.52 19.91
C TYR G 133 -22.99 35.56 20.92
N ARG G 134 -23.15 35.97 22.18
CA ARG G 134 -23.82 35.05 23.14
C ARG G 134 -25.29 34.93 22.79
N ASN G 135 -25.94 36.07 22.57
CA ASN G 135 -27.32 36.01 22.11
C ASN G 135 -28.21 35.25 23.09
N ALA G 136 -27.96 35.44 24.38
CA ALA G 136 -28.76 34.80 25.40
C ALA G 136 -30.18 35.36 25.41
N ASP G 137 -31.13 34.55 25.88
CA ASP G 137 -32.51 34.98 25.95
C ASP G 137 -32.74 35.88 27.15
N SER G 138 -34.01 36.02 27.56
CA SER G 138 -34.35 36.84 28.72
C SER G 138 -34.12 36.12 30.04
N GLU G 139 -33.61 34.89 30.03
CA GLU G 139 -33.44 34.13 31.25
C GLU G 139 -32.07 33.44 31.38
N GLY G 140 -31.42 33.12 30.27
CA GLY G 140 -30.08 32.55 30.35
C GLY G 140 -29.72 31.54 29.28
N LYS G 141 -30.67 31.22 28.41
CA LYS G 141 -30.46 30.23 27.34
C LYS G 141 -29.96 30.95 26.10
N MET G 142 -28.71 30.67 25.72
CA MET G 142 -28.14 31.28 24.52
C MET G 142 -28.78 30.71 23.27
N HIS G 143 -28.76 31.52 22.21
CA HIS G 143 -29.37 31.16 20.92
C HIS G 143 -28.34 31.45 19.81
N PHE G 144 -27.52 30.45 19.49
CA PHE G 144 -26.57 30.55 18.40
C PHE G 144 -26.55 29.24 17.64
N PRO G 145 -26.15 29.27 16.36
CA PRO G 145 -26.12 28.03 15.56
C PRO G 145 -25.03 27.07 16.02
N GLY G 146 -25.00 25.89 15.39
CA GLY G 146 -23.99 24.91 15.74
C GLY G 146 -24.11 23.70 14.83
N PHE G 147 -23.45 22.62 15.24
CA PHE G 147 -23.50 21.35 14.53
C PHE G 147 -24.55 20.46 15.17
N HIS G 148 -25.44 19.90 14.36
CA HIS G 148 -26.39 18.91 14.85
C HIS G 148 -25.69 17.59 15.06
N VAL G 149 -26.05 16.89 16.14
CA VAL G 149 -25.36 15.65 16.50
C VAL G 149 -25.54 14.59 15.41
N GLU G 150 -26.64 14.65 14.67
CA GLU G 150 -26.85 13.69 13.59
C GLU G 150 -25.94 13.96 12.39
N ALA G 151 -25.30 15.12 12.34
CA ALA G 151 -24.34 15.42 11.29
C ALA G 151 -22.92 15.01 11.67
N ALA G 152 -22.58 15.08 12.96
CA ALA G 152 -21.25 14.64 13.40
C ALA G 152 -21.08 13.14 13.24
N GLN G 153 -22.18 12.38 13.29
CA GLN G 153 -22.10 10.93 13.13
C GLN G 153 -21.76 10.57 11.68
N MET G 154 -22.30 11.31 10.72
CA MET G 154 -22.03 11.02 9.32
C MET G 154 -20.55 11.19 9.00
N LEU G 155 -19.91 12.19 9.60
CA LEU G 155 -18.48 12.39 9.38
C LEU G 155 -17.65 11.22 9.88
N ILE G 156 -18.10 10.55 10.94
CA ILE G 156 -17.36 9.40 11.48
C ILE G 156 -17.48 8.20 10.55
N GLU G 157 -18.66 8.00 9.95
CA GLU G 157 -18.90 6.81 9.15
C GLU G 157 -18.29 6.91 7.77
N GLU G 158 -18.64 7.95 7.02
CA GLU G 158 -18.25 8.06 5.61
C GLU G 158 -16.88 8.69 5.43
N THR G 159 -16.67 9.87 6.01
CA THR G 159 -15.46 10.64 5.76
C THR G 159 -14.33 10.23 6.71
N GLY G 160 -13.16 10.81 6.47
CA GLY G 160 -12.01 10.59 7.32
C GLY G 160 -11.53 11.85 8.01
N ALA G 161 -12.43 12.84 8.11
CA ALA G 161 -12.08 14.10 8.75
C ALA G 161 -11.83 13.89 10.24
N VAL G 162 -10.93 14.72 10.79
CA VAL G 162 -10.50 14.59 12.17
C VAL G 162 -10.88 15.80 13.02
N ALA G 163 -11.50 16.83 12.43
CA ALA G 163 -11.81 18.03 13.18
C ALA G 163 -13.04 18.70 12.58
N MET G 164 -13.88 19.26 13.45
CA MET G 164 -15.01 20.08 13.07
C MET G 164 -14.86 21.46 13.72
N ALA G 165 -15.28 22.50 13.00
CA ALA G 165 -15.08 23.87 13.45
C ALA G 165 -16.39 24.65 13.38
N VAL G 166 -16.58 25.54 14.36
CA VAL G 166 -17.76 26.38 14.42
C VAL G 166 -17.31 27.83 14.59
N ASP G 167 -18.17 28.75 14.14
CA ASP G 167 -17.94 30.18 14.36
C ASP G 167 -18.72 30.70 15.58
N THR G 168 -19.42 29.82 16.29
CA THR G 168 -20.17 30.19 17.47
C THR G 168 -19.42 29.77 18.73
N LEU G 169 -20.10 29.79 19.87
CA LEU G 169 -19.47 29.48 21.15
C LEU G 169 -19.23 28.00 21.35
N SER G 170 -19.99 27.13 20.69
CA SER G 170 -19.88 25.71 20.93
C SER G 170 -20.22 24.93 19.66
N LEU G 171 -19.79 23.67 19.64
CA LEU G 171 -20.10 22.80 18.51
C LEU G 171 -21.60 22.56 18.39
N ASP G 172 -22.27 22.36 19.53
CA ASP G 172 -23.72 22.31 19.54
C ASP G 172 -24.29 23.72 19.39
N HIS G 173 -25.58 23.78 19.05
CA HIS G 173 -26.23 25.06 18.88
C HIS G 173 -26.45 25.72 20.24
N GLY G 174 -27.04 26.91 20.22
CA GLY G 174 -27.26 27.68 21.42
C GLY G 174 -28.09 26.98 22.48
N PRO G 175 -29.40 26.84 22.21
CA PRO G 175 -30.32 26.33 23.24
C PRO G 175 -30.15 24.84 23.53
N SER G 176 -28.94 24.32 23.42
CA SER G 176 -28.70 22.93 23.75
C SER G 176 -28.71 22.73 25.26
N ALA G 177 -28.88 21.49 25.68
CA ALA G 177 -28.94 21.16 27.09
C ALA G 177 -28.02 20.01 27.47
N ASP G 178 -27.95 18.96 26.64
CA ASP G 178 -27.11 17.81 26.92
C ASP G 178 -25.79 17.85 26.17
N PHE G 179 -25.58 18.82 25.28
CA PHE G 179 -24.38 18.94 24.47
C PHE G 179 -24.11 17.65 23.70
N ALA G 180 -25.06 17.34 22.79
CA ALA G 180 -25.03 16.06 22.10
C ALA G 180 -23.85 15.96 21.13
N THR G 181 -23.57 17.03 20.38
CA THR G 181 -22.52 16.98 19.38
C THR G 181 -21.14 16.79 20.01
N HIS G 182 -20.92 17.36 21.20
CA HIS G 182 -19.64 17.16 21.89
C HIS G 182 -19.46 15.71 22.30
N TYR G 183 -20.46 15.14 22.98
CA TYR G 183 -20.37 13.76 23.45
C TYR G 183 -20.25 12.76 22.30
N ALA G 184 -20.64 13.14 21.09
CA ALA G 184 -20.57 12.25 19.93
C ALA G 184 -19.35 12.49 19.06
N TRP G 185 -18.52 13.48 19.42
CA TRP G 185 -17.35 13.82 18.62
C TRP G 185 -16.05 13.76 19.43
N LEU G 186 -16.04 14.39 20.61
CA LEU G 186 -14.81 14.42 21.41
C LEU G 186 -14.41 13.03 21.92
N PRO G 187 -15.31 12.21 22.47
CA PRO G 187 -14.88 10.88 22.95
C PRO G 187 -14.32 9.97 21.87
N THR G 188 -14.42 10.32 20.60
CA THR G 188 -13.86 9.53 19.50
C THR G 188 -12.46 9.98 19.11
N ASN G 189 -11.76 10.68 20.01
CA ASN G 189 -10.42 11.22 19.76
C ASN G 189 -10.40 12.24 18.62
N ARG G 190 -11.56 12.73 18.23
CA ARG G 190 -11.67 13.83 17.27
C ARG G 190 -11.91 15.12 18.02
N TYR G 191 -11.25 16.20 17.59
CA TYR G 191 -11.31 17.47 18.29
C TYR G 191 -12.15 18.48 17.51
N GLY G 192 -12.48 19.58 18.19
CA GLY G 192 -13.28 20.63 17.60
C GLY G 192 -12.60 21.99 17.76
N ILE G 193 -13.11 22.95 17.01
CA ILE G 193 -12.61 24.32 17.02
C ILE G 193 -13.79 25.26 17.24
N GLU G 194 -13.74 26.05 18.30
CA GLU G 194 -14.79 27.00 18.61
C GLU G 194 -14.28 28.43 18.43
N ASN G 195 -15.22 29.35 18.19
CA ASN G 195 -14.95 30.77 17.98
C ASN G 195 -14.03 31.01 16.78
N LEU G 196 -14.14 30.17 15.76
CA LEU G 196 -13.36 30.36 14.54
C LEU G 196 -13.91 31.55 13.76
N ALA G 197 -13.00 32.36 13.21
CA ALA G 197 -13.38 33.59 12.53
C ALA G 197 -12.74 33.63 11.14
N ASN G 198 -13.16 34.63 10.36
CA ASN G 198 -12.62 34.89 9.02
C ASN G 198 -12.86 33.73 8.07
N LEU G 199 -13.97 33.02 8.23
CA LEU G 199 -14.32 31.93 7.31
C LEU G 199 -14.77 32.46 5.97
N ASP G 200 -15.11 33.74 5.88
CA ASP G 200 -15.49 34.37 4.62
C ASP G 200 -14.28 34.75 3.77
N LYS G 201 -13.07 34.64 4.31
CA LYS G 201 -11.86 34.98 3.58
C LYS G 201 -11.16 33.77 2.98
N VAL G 202 -11.75 32.58 3.10
CA VAL G 202 -11.15 31.35 2.58
C VAL G 202 -12.14 30.67 1.65
N PRO G 203 -11.68 29.93 0.65
CA PRO G 203 -12.60 29.18 -0.20
C PRO G 203 -13.21 28.01 0.56
N ALA G 204 -14.31 27.49 0.00
CA ALA G 204 -14.98 26.35 0.62
C ALA G 204 -14.12 25.10 0.55
N SER G 205 -13.36 24.92 -0.54
CA SER G 205 -12.53 23.74 -0.72
C SER G 205 -11.19 24.16 -1.29
N GLY G 206 -10.25 23.22 -1.29
CA GLY G 206 -8.92 23.43 -1.81
C GLY G 206 -7.93 24.04 -0.82
N ALA G 207 -8.43 24.72 0.21
CA ALA G 207 -7.54 25.36 1.17
C ALA G 207 -7.05 24.35 2.20
N THR G 208 -5.94 24.71 2.85
CA THR G 208 -5.34 23.90 3.91
C THR G 208 -5.32 24.71 5.19
N LEU G 209 -5.86 24.13 6.26
CA LEU G 209 -5.95 24.79 7.55
C LEU G 209 -4.74 24.46 8.41
N ILE G 210 -4.27 25.44 9.17
CA ILE G 210 -3.19 25.28 10.13
C ILE G 210 -3.72 25.64 11.51
N VAL G 211 -3.75 24.67 12.41
CA VAL G 211 -4.32 24.84 13.74
C VAL G 211 -3.17 24.78 14.74
N GLY G 212 -2.80 25.93 15.30
CA GLY G 212 -1.77 25.99 16.31
C GLY G 212 -2.32 25.81 17.71
N ALA G 213 -2.71 24.59 18.04
CA ALA G 213 -3.35 24.30 19.34
C ALA G 213 -2.34 24.26 20.46
N PRO G 214 -2.77 24.57 21.69
CA PRO G 214 -1.87 24.54 22.82
C PRO G 214 -1.31 23.15 23.13
N ASN G 215 -0.19 23.10 23.83
CA ASN G 215 0.36 21.80 24.27
C ASN G 215 0.67 21.84 25.77
N HIS G 216 -0.34 22.02 26.61
CA HIS G 216 -0.11 21.94 28.07
C HIS G 216 -0.47 20.53 28.57
N ARG G 217 0.48 19.82 29.17
CA ARG G 217 0.27 18.43 29.61
C ARG G 217 -1.00 18.29 30.42
N GLY G 218 -1.94 17.51 29.93
CA GLY G 218 -3.17 17.22 30.62
C GLY G 218 -4.32 18.18 30.37
N GLY G 219 -4.16 19.14 29.46
CA GLY G 219 -5.20 20.11 29.24
C GLY G 219 -6.33 19.59 28.36
N SER G 220 -7.47 20.25 28.48
CA SER G 220 -8.66 19.92 27.68
C SER G 220 -9.08 21.07 26.77
N GLY G 221 -8.24 22.10 26.62
CA GLY G 221 -8.58 23.24 25.80
C GLY G 221 -7.43 24.21 25.63
N GLY G 222 -7.75 25.49 25.47
CA GLY G 222 -6.74 26.51 25.31
C GLY G 222 -6.86 27.25 24.00
N PRO G 223 -6.75 28.57 24.04
CA PRO G 223 -6.79 29.36 22.80
C PRO G 223 -5.70 28.94 21.83
N ALA G 224 -5.98 29.10 20.54
CA ALA G 224 -5.09 28.63 19.50
C ALA G 224 -5.09 29.61 18.33
N ARG G 225 -3.89 29.89 17.82
CA ARG G 225 -3.76 30.67 16.59
C ARG G 225 -3.95 29.76 15.38
N ILE G 226 -4.81 30.16 14.46
CA ILE G 226 -5.21 29.32 13.34
C ILE G 226 -5.02 30.08 12.04
N PHE G 227 -4.36 29.46 11.08
CA PHE G 227 -4.11 30.02 9.76
C PHE G 227 -4.78 29.16 8.69
N ALA G 228 -4.84 29.70 7.48
CA ALA G 228 -5.47 28.98 6.36
C ALA G 228 -4.86 29.46 5.06
N MET G 229 -4.31 28.52 4.29
CA MET G 229 -3.72 28.82 2.99
C MET G 229 -4.81 28.84 1.94
N VAL G 230 -5.21 30.03 1.51
CA VAL G 230 -6.25 30.17 0.49
C VAL G 230 -5.74 29.63 -0.84
N GLY H 3 0.66 22.39 -2.38
CA GLY H 3 0.75 21.81 -1.05
C GLY H 3 2.19 21.67 -0.57
N ILE H 4 2.37 21.72 0.75
CA ILE H 4 3.70 21.65 1.34
C ILE H 4 3.99 20.30 2.01
N GLY H 5 2.97 19.47 2.20
CA GLY H 5 3.19 18.11 2.68
C GLY H 5 3.65 18.01 4.13
N GLU H 6 4.89 17.58 4.31
CA GLU H 6 5.37 17.19 5.63
C GLU H 6 5.47 18.39 6.56
N VAL H 7 5.05 18.18 7.81
CA VAL H 7 5.12 19.20 8.85
C VAL H 7 5.75 18.56 10.08
N ARG H 8 6.49 19.37 10.83
CA ARG H 8 7.14 18.92 12.06
C ARG H 8 6.78 19.84 13.20
N ASP H 9 6.53 19.26 14.37
CA ASP H 9 6.20 20.05 15.55
C ASP H 9 7.46 20.70 16.11
N MET H 10 7.33 21.96 16.53
CA MET H 10 8.44 22.73 17.06
C MET H 10 8.23 23.19 18.49
N THR H 11 7.09 22.79 19.06
CA THR H 11 6.70 23.28 20.40
C THR H 11 6.91 22.19 21.43
N HIS H 12 7.58 22.55 22.52
CA HIS H 12 7.78 21.60 23.63
C HIS H 12 6.46 21.37 24.34
N VAL H 13 6.42 20.39 25.23
CA VAL H 13 5.21 20.16 26.06
C VAL H 13 5.16 21.24 27.14
N TYR H 14 4.03 21.89 27.29
CA TYR H 14 3.91 23.01 28.25
C TYR H 14 3.48 22.47 29.61
N ASP H 15 4.37 21.73 30.25
CA ASP H 15 4.12 21.25 31.60
C ASP H 15 4.61 22.26 32.63
N ALA H 16 4.28 21.98 33.89
CA ALA H 16 4.67 22.88 34.98
C ALA H 16 6.14 22.79 35.34
N ASP H 17 6.79 21.66 35.05
CA ASP H 17 8.19 21.46 35.37
C ASP H 17 9.13 22.01 34.31
N PHE H 18 8.64 22.85 33.40
CA PHE H 18 9.49 23.41 32.36
C PHE H 18 10.47 24.40 32.98
N PRO H 19 11.76 24.34 32.64
CA PRO H 19 12.73 25.26 33.24
C PRO H 19 12.54 26.70 32.80
N THR H 20 12.03 27.53 33.69
CA THR H 20 11.78 28.93 33.39
C THR H 20 13.07 29.74 33.51
N TYR H 21 13.00 30.99 33.05
CA TYR H 21 14.16 31.87 33.13
C TYR H 21 14.43 32.31 34.56
N PHE H 22 13.39 32.44 35.37
CA PHE H 22 13.55 32.90 36.75
C PHE H 22 13.71 31.75 37.73
N GLY H 23 13.07 30.60 37.48
CA GLY H 23 13.21 29.42 38.31
C GLY H 23 11.92 28.90 38.90
N ALA H 24 10.87 29.72 38.93
CA ALA H 24 9.61 29.26 39.47
C ALA H 24 8.79 28.55 38.41
N PRO H 25 8.05 27.50 38.78
CA PRO H 25 6.98 26.99 37.91
C PRO H 25 6.21 28.08 37.18
N GLY H 26 6.27 28.02 35.86
CA GLY H 26 5.68 29.08 35.05
C GLY H 26 4.19 28.93 34.82
N ILE H 27 3.71 27.70 34.79
CA ILE H 27 2.27 27.44 34.51
C ILE H 27 1.73 26.50 35.58
N GLU H 28 0.49 26.75 35.95
CA GLU H 28 -0.16 25.94 37.00
C GLU H 28 -1.61 25.74 36.57
N ALA H 29 -2.33 24.76 37.13
CA ALA H 29 -3.68 24.48 36.62
C ALA H 29 -4.66 24.17 37.74
N VAL H 30 -5.87 24.71 37.64
CA VAL H 30 -6.92 24.48 38.63
C VAL H 30 -8.13 23.94 37.87
N GLN H 31 -8.50 22.68 38.15
CA GLN H 31 -9.64 22.06 37.50
C GLN H 31 -10.92 22.61 38.10
N ASN H 32 -11.75 23.26 37.27
CA ASN H 32 -13.03 23.75 37.74
C ASN H 32 -14.06 22.63 37.84
N PHE H 33 -14.15 21.79 36.81
CA PHE H 33 -15.17 20.76 36.74
C PHE H 33 -14.55 19.45 36.28
N ASN H 34 -15.11 18.34 36.77
CA ASN H 34 -14.68 17.00 36.41
C ASN H 34 -15.80 16.27 35.69
N PHE H 35 -15.48 15.09 35.16
CA PHE H 35 -16.42 14.37 34.31
C PHE H 35 -17.56 13.76 35.13
N LYS H 36 -17.24 13.12 36.25
CA LYS H 36 -18.26 12.40 37.01
C LYS H 36 -19.28 13.35 37.61
N GLU H 37 -18.85 14.53 38.07
CA GLU H 37 -19.74 15.44 38.76
C GLU H 37 -20.63 16.20 37.79
N HIS H 38 -20.03 16.98 36.89
CA HIS H 38 -20.78 17.83 35.97
C HIS H 38 -21.04 17.19 34.62
N GLY H 39 -20.05 16.51 34.05
CA GLY H 39 -20.22 15.87 32.76
C GLY H 39 -19.10 16.17 31.79
N PHE H 40 -18.21 17.07 32.16
CA PHE H 40 -17.10 17.45 31.29
C PHE H 40 -15.89 17.81 32.15
N ASN H 41 -14.73 17.90 31.51
CA ASN H 41 -13.49 18.30 32.18
C ASN H 41 -13.13 19.71 31.74
N LEU H 42 -12.89 20.59 32.70
CA LEU H 42 -12.51 21.96 32.43
C LEU H 42 -11.40 22.37 33.39
N PHE H 43 -10.41 23.10 32.88
CA PHE H 43 -9.27 23.56 33.65
C PHE H 43 -9.14 25.06 33.54
N THR H 44 -8.63 25.67 34.61
CA THR H 44 -8.32 27.12 34.60
C THR H 44 -6.84 27.18 34.97
N LEU H 45 -6.04 27.87 34.17
CA LEU H 45 -4.58 27.83 34.41
C LEU H 45 -3.99 29.21 34.64
N THR H 46 -2.97 29.29 35.49
CA THR H 46 -2.24 30.57 35.65
C THR H 46 -0.88 30.31 35.02
N LEU H 47 -0.51 31.13 34.04
CA LEU H 47 0.77 30.92 33.31
C LEU H 47 1.55 32.21 33.21
N ASN H 48 2.87 32.14 33.29
CA ASN H 48 3.69 33.34 33.03
C ASN H 48 3.88 33.37 31.52
N GLU H 49 3.49 34.45 30.87
CA GLU H 49 3.48 34.49 29.41
C GLU H 49 4.85 34.23 28.81
N HIS H 50 5.92 34.44 29.55
CA HIS H 50 7.28 34.17 29.06
C HIS H 50 7.81 32.86 29.65
N THR H 51 7.05 31.81 29.37
CA THR H 51 7.36 30.45 29.81
C THR H 51 7.24 29.51 28.63
N GLY H 52 8.09 28.49 28.62
CA GLY H 52 7.98 27.49 27.58
C GLY H 52 8.26 28.07 26.20
N THR H 53 7.73 27.37 25.19
CA THR H 53 7.80 27.85 23.82
C THR H 53 6.81 29.00 23.68
N HIS H 54 7.33 30.23 23.70
CA HIS H 54 6.51 31.42 23.68
C HIS H 54 7.11 32.43 22.71
N VAL H 55 6.41 33.54 22.52
CA VAL H 55 6.81 34.60 21.60
C VAL H 55 7.03 35.88 22.38
N ASP H 56 8.19 36.49 22.22
CA ASP H 56 8.47 37.80 22.81
C ASP H 56 7.97 38.88 21.86
N ALA H 57 6.85 39.51 22.22
CA ALA H 57 6.34 40.60 21.44
C ALA H 57 7.24 41.82 21.58
N PRO H 58 7.18 42.75 20.62
CA PRO H 58 7.98 43.98 20.75
C PRO H 58 7.73 44.73 22.05
N LEU H 59 6.52 44.64 22.60
CA LEU H 59 6.22 45.29 23.87
C LEU H 59 7.05 44.74 25.02
N HIS H 60 7.53 43.50 24.90
CA HIS H 60 8.27 42.86 25.99
C HIS H 60 9.44 43.71 26.45
N PHE H 61 10.10 44.41 25.52
CA PHE H 61 11.28 45.20 25.85
C PHE H 61 11.18 46.61 25.26
N SER H 62 9.97 47.15 25.12
CA SER H 62 9.79 48.50 24.61
C SER H 62 8.74 49.20 25.46
N ALA H 63 8.64 50.52 25.26
CA ALA H 63 7.69 51.32 26.04
C ALA H 63 6.26 51.12 25.55
N ASP H 64 6.02 51.32 24.26
CA ASP H 64 4.69 51.18 23.68
C ASP H 64 4.80 50.56 22.28
N GLY H 65 5.48 49.42 22.19
CA GLY H 65 5.62 48.72 20.94
C GLY H 65 4.42 47.82 20.66
N GLN H 66 4.60 46.93 19.70
CA GLN H 66 3.54 46.00 19.34
C GLN H 66 3.36 44.94 20.43
N SER H 67 2.10 44.66 20.74
CA SER H 67 1.77 43.55 21.62
C SER H 67 1.68 42.26 20.78
N VAL H 68 1.28 41.17 21.42
CA VAL H 68 1.21 39.89 20.72
C VAL H 68 0.13 39.94 19.63
N ASP H 69 -0.95 40.68 19.86
CA ASP H 69 -2.01 40.78 18.87
C ASP H 69 -1.68 41.77 17.75
N GLU H 70 -0.81 42.76 18.03
CA GLU H 70 -0.45 43.74 17.01
C GLU H 70 0.54 43.21 15.99
N ILE H 71 1.10 42.03 16.22
CA ILE H 71 2.03 41.44 15.23
C ILE H 71 1.26 41.09 13.97
N PRO H 72 1.70 41.54 12.80
CA PRO H 72 0.97 41.22 11.57
C PRO H 72 1.03 39.74 11.24
N VAL H 73 0.11 39.32 10.38
CA VAL H 73 0.04 37.91 9.98
C VAL H 73 1.15 37.59 8.99
N GLY H 74 1.41 38.49 8.04
CA GLY H 74 2.46 38.27 7.06
C GLY H 74 3.83 38.02 7.66
N ASN H 75 4.05 38.45 8.90
CA ASN H 75 5.29 38.18 9.61
C ASN H 75 5.22 36.94 10.49
N LEU H 76 4.10 36.21 10.46
CA LEU H 76 3.97 34.95 11.19
C LEU H 76 4.24 33.73 10.33
N VAL H 77 4.34 33.91 9.01
CA VAL H 77 4.71 32.83 8.10
C VAL H 77 6.09 33.16 7.54
N CYS H 78 7.14 32.67 8.20
CA CYS H 78 8.50 33.09 7.89
C CYS H 78 9.29 31.99 7.22
N PRO H 79 10.02 32.28 6.15
CA PRO H 79 11.00 31.32 5.64
C PRO H 79 12.04 30.98 6.68
N LEU H 80 12.05 29.74 7.16
CA LEU H 80 12.93 29.36 8.26
C LEU H 80 14.37 29.28 7.78
N CYS H 81 15.28 29.90 8.53
CA CYS H 81 16.71 29.90 8.24
C CYS H 81 17.44 29.48 9.52
N VAL H 82 17.81 28.22 9.61
CA VAL H 82 18.46 27.68 10.80
C VAL H 82 19.96 27.89 10.70
N VAL H 83 20.58 28.21 11.83
CA VAL H 83 22.03 28.36 11.93
C VAL H 83 22.53 27.31 12.91
N HIS H 84 23.41 26.43 12.45
CA HIS H 84 23.91 25.33 13.27
C HIS H 84 25.22 25.75 13.91
N ILE H 85 25.19 25.94 15.24
CA ILE H 85 26.39 26.24 16.01
C ILE H 85 26.51 25.21 17.13
N HIS H 86 26.02 23.99 16.90
CA HIS H 86 26.06 22.99 17.95
C HIS H 86 27.48 22.56 18.26
N GLU H 87 28.37 22.53 17.27
CA GLU H 87 29.77 22.25 17.54
C GLU H 87 30.36 23.27 18.49
N LYS H 88 30.14 24.56 18.21
CA LYS H 88 30.67 25.62 19.06
C LYS H 88 29.97 25.62 20.42
N ALA H 89 28.68 25.33 20.45
CA ALA H 89 27.96 25.28 21.72
C ALA H 89 28.42 24.10 22.57
N ALA H 90 28.89 23.03 21.94
CA ALA H 90 29.43 21.90 22.69
C ALA H 90 30.75 22.23 23.37
N ALA H 91 31.40 23.32 22.97
CA ALA H 91 32.66 23.76 23.57
C ALA H 91 32.43 24.81 24.65
N ASP H 92 31.81 25.93 24.28
CA ASP H 92 31.51 27.02 25.20
C ASP H 92 30.00 27.14 25.35
N ALA H 93 29.50 26.95 26.56
CA ALA H 93 28.07 27.09 26.81
C ALA H 93 27.60 28.52 26.69
N ASP H 94 28.50 29.50 26.79
CA ASP H 94 28.16 30.91 26.66
C ASP H 94 28.36 31.42 25.24
N ALA H 95 28.44 30.54 24.25
CA ALA H 95 28.60 30.96 22.88
C ALA H 95 27.38 31.76 22.42
N GLN H 96 27.54 32.47 21.30
CA GLN H 96 26.48 33.32 20.80
C GLN H 96 26.50 33.32 19.28
N VAL H 97 25.35 33.65 18.69
CA VAL H 97 25.30 33.86 17.24
C VAL H 97 26.00 35.16 16.92
N THR H 98 26.94 35.10 15.99
CA THR H 98 27.73 36.25 15.59
C THR H 98 27.53 36.54 14.11
N PRO H 99 27.85 37.74 13.66
CA PRO H 99 27.87 37.99 12.21
C PRO H 99 28.69 36.97 11.45
N ASP H 100 29.79 36.48 12.04
CA ASP H 100 30.64 35.48 11.38
C ASP H 100 29.83 34.24 11.02
N ASP H 101 29.03 33.73 11.96
CA ASP H 101 28.18 32.58 11.66
C ASP H 101 27.13 32.93 10.61
N LEU H 102 26.66 34.18 10.60
CA LEU H 102 25.66 34.59 9.63
C LEU H 102 26.23 34.56 8.21
N LYS H 103 27.44 35.11 8.02
CA LYS H 103 28.06 35.07 6.70
C LYS H 103 28.35 33.63 6.28
N ALA H 104 28.72 32.78 7.24
CA ALA H 104 28.98 31.38 6.92
C ALA H 104 27.74 30.69 6.37
N TRP H 105 26.55 31.07 6.86
CA TRP H 105 25.32 30.49 6.36
C TRP H 105 24.98 31.02 4.96
N ILE H 106 25.36 32.26 4.67
CA ILE H 106 25.07 32.83 3.36
C ILE H 106 25.99 32.25 2.28
N SER H 107 27.24 31.96 2.63
CA SER H 107 28.19 31.43 1.64
C SER H 107 27.78 30.07 1.12
N ALA H 108 26.95 29.33 1.85
CA ALA H 108 26.51 27.99 1.45
C ALA H 108 25.08 27.95 0.92
N HIS H 109 24.17 28.70 1.53
CA HIS H 109 22.76 28.67 1.15
C HIS H 109 22.29 29.91 0.41
N GLY H 110 22.91 31.06 0.63
CA GLY H 110 22.53 32.27 -0.04
C GLY H 110 22.00 33.32 0.92
N PRO H 111 21.49 34.43 0.36
CA PRO H 111 21.03 35.53 1.22
C PRO H 111 19.77 35.15 1.99
N ILE H 112 19.53 35.90 3.06
CA ILE H 112 18.35 35.72 3.90
C ILE H 112 17.20 36.51 3.28
N PRO H 113 16.12 35.86 2.87
CA PRO H 113 15.01 36.59 2.23
C PRO H 113 14.29 37.49 3.22
N ASP H 114 13.45 38.36 2.67
CA ASP H 114 12.67 39.27 3.49
C ASP H 114 11.56 38.51 4.21
N GLY H 115 11.19 38.99 5.40
CA GLY H 115 10.17 38.33 6.18
C GLY H 115 10.59 36.99 6.75
N ALA H 116 11.88 36.72 6.83
CA ALA H 116 12.37 35.42 7.27
C ALA H 116 12.55 35.39 8.78
N CYS H 117 12.78 34.18 9.30
CA CYS H 117 13.06 33.95 10.71
C CYS H 117 14.44 33.34 10.85
N VAL H 118 15.29 33.96 11.66
CA VAL H 118 16.65 33.50 11.89
C VAL H 118 16.65 32.72 13.20
N ALA H 119 16.92 31.42 13.13
CA ALA H 119 16.88 30.53 14.28
C ALA H 119 18.27 30.00 14.58
N MET H 120 18.51 29.75 15.86
CA MET H 120 19.80 29.25 16.35
C MET H 120 19.62 27.81 16.83
N HIS H 121 20.33 26.89 16.20
CA HIS H 121 20.36 25.50 16.65
C HIS H 121 21.66 25.28 17.42
N SER H 122 21.61 25.53 18.72
CA SER H 122 22.74 25.30 19.61
C SER H 122 22.74 23.92 20.23
N GLY H 123 21.85 23.04 19.77
CA GLY H 123 21.72 21.73 20.39
C GLY H 123 21.21 21.75 21.81
N TRP H 124 20.65 22.88 22.27
CA TRP H 124 20.16 23.02 23.62
C TRP H 124 18.73 22.51 23.80
N ALA H 125 17.99 22.34 22.70
CA ALA H 125 16.63 21.85 22.79
C ALA H 125 16.55 20.44 23.34
N GLY H 126 17.63 19.66 23.21
CA GLY H 126 17.62 18.30 23.74
C GLY H 126 17.91 18.20 25.22
N LYS H 127 18.46 19.25 25.82
CA LYS H 127 18.80 19.27 27.23
C LYS H 127 17.66 19.73 28.12
N THR H 128 16.41 19.52 27.69
CA THR H 128 15.26 19.94 28.49
C THR H 128 15.04 19.02 29.69
N GLY H 129 15.46 17.77 29.58
CA GLY H 129 15.29 16.81 30.67
C GLY H 129 16.20 17.09 31.85
N GLY H 130 17.51 17.07 31.60
CA GLY H 130 18.47 17.37 32.65
C GLY H 130 18.58 18.86 32.91
N ALA H 131 19.30 19.18 33.99
CA ALA H 131 19.49 20.56 34.40
C ALA H 131 20.49 21.32 33.54
N GLY H 132 20.85 20.79 32.37
CA GLY H 132 21.75 21.44 31.46
C GLY H 132 21.10 22.44 30.52
N TYR H 133 19.85 22.82 30.77
CA TYR H 133 19.16 23.77 29.91
C TYR H 133 19.40 25.22 30.34
N ARG H 134 19.70 25.47 31.61
CA ARG H 134 19.93 26.81 32.12
C ARG H 134 21.32 27.01 32.70
N ASN H 135 21.88 25.99 33.35
CA ASN H 135 23.23 26.03 33.89
C ASN H 135 23.41 27.15 34.92
N ALA H 136 23.06 26.88 36.18
CA ALA H 136 23.28 27.82 37.27
C ALA H 136 24.46 27.34 38.10
N ASP H 137 25.45 28.23 38.21
CA ASP H 137 26.65 27.95 39.03
C ASP H 137 26.36 28.31 40.47
N SER H 138 27.28 28.01 41.37
CA SER H 138 27.08 28.27 42.81
C SER H 138 26.17 29.47 43.04
N GLU H 139 26.64 30.66 42.66
CA GLU H 139 25.88 31.89 42.93
C GLU H 139 24.51 31.84 42.27
N GLY H 140 24.44 31.39 41.00
CA GLY H 140 23.15 31.41 40.30
C GLY H 140 23.22 32.26 39.05
N LYS H 141 24.31 32.12 38.30
CA LYS H 141 24.47 32.84 37.05
C LYS H 141 24.15 31.91 35.89
N MET H 142 23.23 32.34 35.03
CA MET H 142 22.78 31.49 33.94
C MET H 142 23.85 31.41 32.85
N HIS H 143 23.83 30.30 32.11
CA HIS H 143 24.81 30.05 31.06
C HIS H 143 24.13 29.24 29.95
N PHE H 144 23.73 29.93 28.89
CA PHE H 144 23.16 29.27 27.73
C PHE H 144 23.46 30.11 26.50
N PRO H 145 23.50 29.51 25.31
CA PRO H 145 23.78 30.29 24.10
C PRO H 145 22.66 31.27 23.78
N GLY H 146 22.99 32.24 22.94
CA GLY H 146 22.03 33.23 22.52
C GLY H 146 22.50 33.97 21.29
N PHE H 147 21.93 35.15 21.10
CA PHE H 147 22.31 36.03 20.00
C PHE H 147 23.18 37.16 20.52
N HIS H 148 24.24 37.48 19.76
CA HIS H 148 25.07 38.61 20.12
C HIS H 148 24.47 39.90 19.56
N VAL H 149 24.92 41.03 20.11
CA VAL H 149 24.38 42.32 19.70
C VAL H 149 24.71 42.60 18.24
N GLU H 150 25.88 42.17 17.76
CA GLU H 150 26.29 42.51 16.40
C GLU H 150 25.60 41.64 15.36
N ALA H 151 25.27 40.39 15.69
CA ALA H 151 24.49 39.58 14.77
C ALA H 151 23.10 40.17 14.57
N ALA H 152 22.54 40.81 15.61
CA ALA H 152 21.25 41.47 15.46
C ALA H 152 21.38 42.75 14.64
N GLN H 153 22.41 43.55 14.91
CA GLN H 153 22.63 44.76 14.11
C GLN H 153 22.84 44.42 12.65
N MET H 154 23.46 43.27 12.36
CA MET H 154 23.62 42.85 10.97
C MET H 154 22.29 42.44 10.36
N LEU H 155 21.47 41.70 11.10
CA LEU H 155 20.19 41.25 10.58
C LEU H 155 19.23 42.40 10.35
N ILE H 156 19.29 43.44 11.19
CA ILE H 156 18.36 44.56 11.06
C ILE H 156 18.69 45.39 9.84
N GLU H 157 19.98 45.52 9.52
CA GLU H 157 20.42 46.50 8.53
C GLU H 157 20.42 45.97 7.11
N GLU H 158 20.95 44.76 6.89
CA GLU H 158 21.17 44.27 5.53
C GLU H 158 20.42 42.97 5.26
N THR H 159 19.41 42.64 6.07
CA THR H 159 18.56 41.49 5.83
C THR H 159 17.11 41.90 6.03
N GLY H 160 16.20 41.14 5.41
CA GLY H 160 14.79 41.39 5.55
C GLY H 160 14.14 40.52 6.61
N ALA H 161 14.95 39.97 7.51
CA ALA H 161 14.42 39.11 8.56
C ALA H 161 13.52 39.90 9.51
N VAL H 162 12.48 39.25 9.99
CA VAL H 162 11.53 39.86 10.92
C VAL H 162 11.40 39.11 12.23
N ALA H 163 12.01 37.94 12.37
CA ALA H 163 11.86 37.12 13.56
C ALA H 163 13.20 36.57 13.99
N MET H 164 13.39 36.47 15.30
CA MET H 164 14.61 35.92 15.90
C MET H 164 14.22 34.77 16.81
N ALA H 165 14.78 33.59 16.57
CA ALA H 165 14.41 32.39 17.29
C ALA H 165 15.63 31.75 17.92
N VAL H 166 15.45 31.22 19.12
CA VAL H 166 16.49 30.51 19.85
C VAL H 166 15.91 29.25 20.46
N ASP H 167 16.76 28.23 20.62
CA ASP H 167 16.38 27.01 21.32
C ASP H 167 16.62 27.10 22.82
N THR H 168 17.00 28.28 23.32
CA THR H 168 17.27 28.50 24.72
C THR H 168 16.16 29.35 25.34
N LEU H 169 16.45 29.98 26.48
CA LEU H 169 15.44 30.69 27.25
C LEU H 169 15.30 32.16 26.86
N SER H 170 16.37 32.79 26.38
CA SER H 170 16.33 34.21 26.09
C SER H 170 17.09 34.50 24.80
N LEU H 171 16.78 35.66 24.20
CA LEU H 171 17.48 36.09 23.00
C LEU H 171 18.96 36.37 23.30
N ASP H 172 19.25 36.95 24.46
CA ASP H 172 20.62 37.09 24.92
C ASP H 172 21.13 35.76 25.45
N HIS H 173 22.43 35.69 25.71
CA HIS H 173 23.00 34.48 26.29
C HIS H 173 22.81 34.49 27.80
N GLY H 174 23.36 33.46 28.45
CA GLY H 174 23.23 33.29 29.88
C GLY H 174 23.71 34.46 30.71
N PRO H 175 25.01 34.75 30.67
CA PRO H 175 25.57 35.79 31.56
C PRO H 175 25.13 37.20 31.24
N SER H 176 24.31 37.42 30.22
CA SER H 176 23.92 38.77 29.83
C SER H 176 23.09 39.41 30.92
N ALA H 177 23.67 40.39 31.61
CA ALA H 177 22.95 41.18 32.61
C ALA H 177 22.39 42.47 32.06
N ASP H 178 22.70 42.82 30.81
CA ASP H 178 22.22 44.05 30.20
C ASP H 178 21.08 43.81 29.21
N PHE H 179 20.89 42.58 28.74
CA PHE H 179 19.84 42.25 27.78
C PHE H 179 19.94 43.11 26.53
N ALA H 180 21.16 43.28 26.02
CA ALA H 180 21.39 44.19 24.91
C ALA H 180 20.79 43.66 23.61
N THR H 181 20.68 42.34 23.47
CA THR H 181 20.03 41.78 22.28
C THR H 181 18.53 42.03 22.31
N HIS H 182 17.92 41.93 23.49
CA HIS H 182 16.50 42.23 23.62
C HIS H 182 16.21 43.69 23.27
N TYR H 183 17.01 44.61 23.81
CA TYR H 183 16.77 46.03 23.62
C TYR H 183 17.11 46.49 22.21
N ALA H 184 17.98 45.78 21.49
CA ALA H 184 18.34 46.19 20.15
C ALA H 184 17.42 45.60 19.08
N TRP H 185 16.67 44.55 19.41
CA TRP H 185 15.84 43.84 18.45
C TRP H 185 14.35 44.06 18.68
N LEU H 186 13.86 43.82 19.90
CA LEU H 186 12.43 43.91 20.17
C LEU H 186 11.85 45.31 19.94
N PRO H 187 12.49 46.41 20.39
CA PRO H 187 11.89 47.74 20.17
C PRO H 187 11.79 48.16 18.71
N THR H 188 12.27 47.33 17.78
CA THR H 188 12.19 47.63 16.35
C THR H 188 11.04 46.90 15.67
N ASN H 189 10.01 46.52 16.44
CA ASN H 189 8.86 45.78 15.93
C ASN H 189 9.26 44.44 15.32
N ARG H 190 10.32 43.84 15.83
CA ARG H 190 10.76 42.51 15.42
C ARG H 190 10.64 41.58 16.62
N TYR H 191 9.77 40.58 16.51
CA TYR H 191 9.50 39.71 17.64
C TYR H 191 10.56 38.63 17.77
N GLY H 192 10.64 38.05 18.96
CA GLY H 192 11.61 37.00 19.25
C GLY H 192 10.91 35.74 19.70
N ILE H 193 11.56 34.61 19.47
CA ILE H 193 11.04 33.29 19.82
C ILE H 193 12.07 32.57 20.67
N GLU H 194 11.65 32.08 21.83
CA GLU H 194 12.53 31.39 22.76
C GLU H 194 11.94 30.02 23.10
N ASN H 195 12.84 29.09 23.41
CA ASN H 195 12.49 27.69 23.73
C ASN H 195 11.87 27.00 22.52
N LEU H 196 12.71 26.81 21.50
CA LEU H 196 12.29 26.16 20.26
C LEU H 196 12.79 24.72 20.24
N ALA H 197 11.88 23.78 19.98
CA ALA H 197 12.17 22.36 20.00
C ALA H 197 12.32 21.80 18.59
N ASN H 198 12.94 20.63 18.51
CA ASN H 198 13.02 19.84 17.28
C ASN H 198 13.71 20.60 16.14
N LEU H 199 14.71 21.42 16.49
CA LEU H 199 15.49 22.09 15.44
C LEU H 199 16.40 21.13 14.69
N ASP H 200 16.67 19.96 15.25
CA ASP H 200 17.48 18.97 14.56
C ASP H 200 16.71 18.29 13.44
N LYS H 201 15.39 18.19 13.58
CA LYS H 201 14.54 17.50 12.61
C LYS H 201 14.04 18.41 11.51
N VAL H 202 14.66 19.56 11.31
CA VAL H 202 14.23 20.51 10.30
C VAL H 202 15.41 20.84 9.39
N PRO H 203 15.15 21.27 8.16
CA PRO H 203 16.26 21.67 7.28
C PRO H 203 16.72 23.08 7.57
N ALA H 204 18.02 23.30 7.38
CA ALA H 204 18.63 24.60 7.67
C ALA H 204 18.07 25.70 6.78
N SER H 205 17.48 25.37 5.64
CA SER H 205 16.91 26.35 4.74
C SER H 205 15.74 25.72 4.00
N GLY H 206 15.00 26.56 3.27
CA GLY H 206 13.88 26.10 2.48
C GLY H 206 12.62 25.88 3.29
N ALA H 207 12.78 25.53 4.57
CA ALA H 207 11.64 25.29 5.43
C ALA H 207 10.91 26.60 5.72
N THR H 208 9.59 26.50 5.86
CA THR H 208 8.75 27.64 6.23
C THR H 208 8.35 27.51 7.69
N LEU H 209 8.45 28.62 8.42
CA LEU H 209 8.13 28.63 9.85
C LEU H 209 6.76 29.27 10.05
N ILE H 210 5.90 28.58 10.80
CA ILE H 210 4.58 29.08 11.16
C ILE H 210 4.61 29.47 12.63
N VAL H 211 4.41 30.75 12.91
CA VAL H 211 4.44 31.28 14.27
C VAL H 211 2.98 31.42 14.71
N GLY H 212 2.47 30.39 15.39
CA GLY H 212 1.14 30.47 15.95
C GLY H 212 1.11 31.33 17.21
N ALA H 213 1.49 32.59 17.06
CA ALA H 213 1.63 33.47 18.21
C ALA H 213 0.28 33.74 18.86
N PRO H 214 0.25 33.94 20.17
CA PRO H 214 -1.00 34.28 20.86
C PRO H 214 -1.48 35.67 20.45
N ASN H 215 -2.71 35.98 20.84
CA ASN H 215 -3.30 37.27 20.50
C ASN H 215 -4.28 37.70 21.60
N HIS H 216 -3.78 37.84 22.82
CA HIS H 216 -4.51 38.49 23.89
C HIS H 216 -4.10 39.95 23.95
N ARG H 217 -5.09 40.84 24.06
CA ARG H 217 -4.82 42.27 23.94
C ARG H 217 -3.88 42.74 25.03
N GLY H 218 -2.94 43.60 24.65
CA GLY H 218 -2.00 44.17 25.60
C GLY H 218 -0.95 43.21 26.12
N GLY H 219 -0.76 42.07 25.47
CA GLY H 219 0.20 41.08 25.92
C GLY H 219 1.56 41.28 25.30
N SER H 220 2.58 41.35 26.15
CA SER H 220 3.97 41.44 25.69
C SER H 220 4.57 40.09 25.36
N GLY H 221 3.84 39.01 25.62
CA GLY H 221 4.34 37.69 25.31
C GLY H 221 3.23 36.67 25.37
N GLY H 222 3.61 35.41 25.39
CA GLY H 222 2.65 34.33 25.49
C GLY H 222 3.05 33.09 24.73
N PRO H 223 2.64 31.93 25.23
CA PRO H 223 2.98 30.66 24.58
C PRO H 223 2.41 30.60 23.16
N ALA H 224 3.10 29.87 22.29
CA ALA H 224 2.74 29.83 20.89
C ALA H 224 3.11 28.48 20.31
N ARG H 225 2.11 27.76 19.78
CA ARG H 225 2.37 26.53 19.05
C ARG H 225 2.98 26.88 17.69
N ILE H 226 4.12 26.27 17.38
CA ILE H 226 4.89 26.63 16.19
C ILE H 226 5.09 25.38 15.34
N PHE H 227 4.80 25.49 14.05
CA PHE H 227 4.94 24.41 13.10
C PHE H 227 6.09 24.72 12.13
N ALA H 228 6.39 23.73 11.29
CA ALA H 228 7.43 23.88 10.27
C ALA H 228 7.00 23.10 9.04
N MET H 229 6.62 23.82 7.99
CA MET H 229 6.16 23.23 6.73
C MET H 229 7.38 22.71 5.97
N VAL H 230 7.79 21.50 6.34
CA VAL H 230 8.93 20.84 5.70
C VAL H 230 8.48 20.13 4.42
N ILE I 4 8.73 47.83 -17.39
CA ILE I 4 7.74 48.88 -17.77
C ILE I 4 6.94 49.23 -16.52
N GLY I 5 7.32 50.33 -15.81
CA GLY I 5 6.68 50.65 -14.52
C GLY I 5 6.29 52.10 -14.40
N GLU I 6 5.26 52.49 -15.13
CA GLU I 6 4.79 53.90 -15.11
C GLU I 6 3.76 54.10 -14.00
N VAL I 7 3.98 55.10 -13.13
CA VAL I 7 2.98 55.41 -12.07
C VAL I 7 2.10 56.55 -12.54
N ARG I 8 0.82 56.28 -12.72
CA ARG I 8 -0.12 57.33 -13.09
C ARG I 8 -0.95 57.75 -11.89
N ASP I 9 -1.19 59.06 -11.78
CA ASP I 9 -1.98 59.59 -10.68
C ASP I 9 -3.45 59.21 -10.84
N MET I 10 -4.00 58.53 -9.85
CA MET I 10 -5.40 58.12 -9.85
C MET I 10 -6.21 58.87 -8.80
N THR I 11 -5.82 60.11 -8.50
CA THR I 11 -6.43 60.89 -7.44
C THR I 11 -6.90 62.24 -7.97
N HIS I 12 -8.07 62.66 -7.52
CA HIS I 12 -8.60 63.97 -7.87
C HIS I 12 -7.91 65.05 -7.04
N VAL I 13 -7.78 66.24 -7.65
CA VAL I 13 -7.30 67.43 -6.94
C VAL I 13 -8.54 68.10 -6.36
N TYR I 14 -8.79 67.87 -5.07
CA TYR I 14 -10.01 68.32 -4.42
C TYR I 14 -9.76 69.54 -3.56
N ASP I 15 -10.84 70.29 -3.32
CA ASP I 15 -10.81 71.47 -2.45
C ASP I 15 -12.22 71.74 -1.93
N ALA I 16 -12.58 73.02 -1.81
CA ALA I 16 -13.92 73.37 -1.38
C ALA I 16 -14.93 73.35 -2.53
N ASP I 17 -14.48 73.52 -3.77
CA ASP I 17 -15.36 73.43 -4.92
C ASP I 17 -15.65 72.00 -5.34
N PHE I 18 -14.98 71.01 -4.73
CA PHE I 18 -15.22 69.62 -5.09
C PHE I 18 -16.56 69.16 -4.53
N PRO I 19 -17.43 68.58 -5.34
CA PRO I 19 -18.75 68.17 -4.85
C PRO I 19 -18.66 66.99 -3.89
N THR I 20 -19.65 66.90 -3.02
CA THR I 20 -19.75 65.82 -2.05
C THR I 20 -21.12 65.15 -2.17
N TYR I 21 -21.29 64.07 -1.41
CA TYR I 21 -22.57 63.36 -1.40
C TYR I 21 -23.69 64.21 -0.84
N PHE I 22 -23.37 65.24 -0.05
CA PHE I 22 -24.37 66.12 0.55
C PHE I 22 -24.44 67.47 -0.14
N GLY I 23 -23.56 67.74 -1.10
CA GLY I 23 -23.54 69.00 -1.81
C GLY I 23 -22.74 70.10 -1.16
N ALA I 24 -22.54 70.02 0.17
CA ALA I 24 -21.78 71.03 0.88
C ALA I 24 -20.31 70.99 0.46
N PRO I 25 -19.58 72.10 0.65
CA PRO I 25 -18.14 72.08 0.38
C PRO I 25 -17.45 70.99 1.19
N GLY I 26 -16.49 70.33 0.55
CA GLY I 26 -15.86 69.18 1.17
C GLY I 26 -14.87 69.54 2.27
N ILE I 27 -14.22 70.69 2.17
CA ILE I 27 -13.17 71.04 3.11
C ILE I 27 -13.03 72.56 3.14
N GLU I 28 -12.86 73.10 4.35
CA GLU I 28 -12.52 74.50 4.55
C GLU I 28 -11.05 74.62 4.93
N ALA I 29 -10.43 75.72 4.52
CA ALA I 29 -9.00 75.92 4.71
C ALA I 29 -8.75 77.23 5.43
N VAL I 30 -7.98 77.17 6.51
CA VAL I 30 -7.61 78.35 7.29
C VAL I 30 -6.09 78.46 7.27
N GLN I 31 -5.57 79.55 6.70
CA GLN I 31 -4.14 79.80 6.66
C GLN I 31 -3.74 80.51 7.96
N ASN I 32 -3.04 79.77 8.83
CA ASN I 32 -2.61 80.37 10.10
C ASN I 32 -1.41 81.27 9.91
N PHE I 33 -0.44 80.84 9.10
CA PHE I 33 0.78 81.61 8.87
C PHE I 33 0.98 81.80 7.37
N ASN I 34 1.41 82.99 6.99
CA ASN I 34 1.71 83.32 5.62
C ASN I 34 3.19 83.64 5.49
N PHE I 35 3.67 83.69 4.24
CA PHE I 35 5.09 83.91 3.99
C PHE I 35 5.48 85.37 4.23
N LYS I 36 4.59 86.31 3.95
CA LYS I 36 4.91 87.72 4.10
C LYS I 36 5.19 88.08 5.56
N GLU I 37 4.24 87.78 6.44
CA GLU I 37 4.36 88.17 7.84
C GLU I 37 5.18 87.21 8.68
N HIS I 38 5.29 85.95 8.27
CA HIS I 38 5.94 84.93 9.09
C HIS I 38 7.08 84.19 8.40
N GLY I 39 7.19 84.27 7.08
CA GLY I 39 8.26 83.56 6.38
C GLY I 39 7.97 82.12 6.04
N PHE I 40 6.74 81.65 6.26
CA PHE I 40 6.38 80.28 5.92
C PHE I 40 4.86 80.18 5.83
N ASN I 41 4.39 79.34 4.91
CA ASN I 41 2.97 79.15 4.68
C ASN I 41 2.50 77.90 5.41
N LEU I 42 1.37 78.01 6.11
CA LEU I 42 0.81 76.88 6.85
C LEU I 42 -0.70 77.03 6.89
N PHE I 43 -1.40 75.91 6.73
CA PHE I 43 -2.85 75.88 6.72
C PHE I 43 -3.36 74.91 7.78
N THR I 44 -4.56 75.20 8.29
CA THR I 44 -5.27 74.30 9.20
C THR I 44 -6.54 73.86 8.47
N LEU I 45 -6.60 72.58 8.14
CA LEU I 45 -7.70 72.04 7.35
C LEU I 45 -8.79 71.47 8.25
N THR I 46 -10.03 71.55 7.78
CA THR I 46 -11.17 70.92 8.44
C THR I 46 -12.01 70.29 7.34
N LEU I 47 -12.00 68.95 7.29
CA LEU I 47 -12.64 68.22 6.21
C LEU I 47 -13.52 67.11 6.75
N ASN I 48 -14.42 66.64 5.90
CA ASN I 48 -15.06 65.35 6.11
C ASN I 48 -14.15 64.26 5.56
N GLU I 49 -14.05 63.15 6.30
CA GLU I 49 -13.19 62.06 5.86
C GLU I 49 -13.60 61.52 4.50
N HIS I 50 -14.89 61.56 4.19
CA HIS I 50 -15.39 61.04 2.91
C HIS I 50 -15.54 62.17 1.90
N THR I 51 -14.38 62.75 1.57
CA THR I 51 -14.29 63.88 0.66
C THR I 51 -13.21 63.58 -0.38
N GLY I 52 -13.52 63.84 -1.65
CA GLY I 52 -12.58 63.57 -2.72
C GLY I 52 -12.29 62.09 -2.87
N THR I 53 -11.22 61.79 -3.60
CA THR I 53 -10.75 60.42 -3.73
C THR I 53 -10.38 59.89 -2.35
N HIS I 54 -11.27 59.09 -1.76
CA HIS I 54 -11.12 58.66 -0.38
C HIS I 54 -11.47 57.19 -0.25
N VAL I 55 -11.01 56.60 0.85
CA VAL I 55 -11.23 55.19 1.15
C VAL I 55 -12.30 55.10 2.23
N ASP I 56 -13.19 54.12 2.10
CA ASP I 56 -14.13 53.76 3.17
C ASP I 56 -13.53 52.60 3.94
N ALA I 57 -13.16 52.85 5.19
CA ALA I 57 -12.63 51.80 6.04
C ALA I 57 -13.73 50.78 6.37
N PRO I 58 -13.37 49.59 6.81
CA PRO I 58 -14.39 48.64 7.26
C PRO I 58 -15.28 49.18 8.38
N LEU I 59 -14.75 50.06 9.23
CA LEU I 59 -15.55 50.65 10.30
C LEU I 59 -16.64 51.58 9.77
N HIS I 60 -16.52 52.04 8.53
CA HIS I 60 -17.47 53.02 7.99
C HIS I 60 -18.92 52.55 8.12
N PHE I 61 -19.16 51.25 7.97
CA PHE I 61 -20.51 50.70 8.06
C PHE I 61 -20.56 49.48 8.98
N SER I 62 -19.63 49.39 9.92
CA SER I 62 -19.57 48.28 10.87
C SER I 62 -19.63 48.82 12.30
N ALA I 63 -19.78 47.88 13.24
CA ALA I 63 -19.86 48.24 14.65
C ALA I 63 -18.48 48.29 15.31
N ASP I 64 -17.65 47.29 15.05
CA ASP I 64 -16.31 47.22 15.64
C ASP I 64 -15.33 46.62 14.64
N GLY I 65 -15.50 46.94 13.36
CA GLY I 65 -14.61 46.43 12.33
C GLY I 65 -13.27 47.15 12.31
N GLN I 66 -12.55 46.95 11.21
CA GLN I 66 -11.24 47.57 11.05
C GLN I 66 -11.36 49.03 10.63
N SER I 67 -10.38 49.82 11.04
CA SER I 67 -10.29 51.22 10.68
C SER I 67 -9.16 51.41 9.67
N VAL I 68 -9.01 52.65 9.19
CA VAL I 68 -8.00 52.94 8.17
C VAL I 68 -6.60 52.67 8.71
N ASP I 69 -6.36 53.01 9.98
CA ASP I 69 -5.07 52.75 10.59
C ASP I 69 -4.82 51.27 10.83
N GLU I 70 -5.84 50.43 10.70
CA GLU I 70 -5.70 49.00 10.93
C GLU I 70 -5.68 48.19 9.63
N ILE I 71 -5.93 48.82 8.49
CA ILE I 71 -5.84 48.14 7.20
C ILE I 71 -4.39 47.75 6.95
N PRO I 72 -4.08 46.45 6.84
CA PRO I 72 -2.68 46.04 6.66
C PRO I 72 -2.10 46.56 5.36
N VAL I 73 -0.77 46.72 5.35
CA VAL I 73 -0.10 47.25 4.17
C VAL I 73 -0.20 46.26 3.01
N GLY I 74 -0.38 44.98 3.30
CA GLY I 74 -0.55 44.01 2.23
C GLY I 74 -1.81 44.22 1.43
N ASN I 75 -2.85 44.79 2.06
CA ASN I 75 -4.08 45.10 1.36
C ASN I 75 -4.00 46.43 0.60
N LEU I 76 -3.09 47.32 1.01
CA LEU I 76 -2.96 48.61 0.34
C LEU I 76 -2.36 48.48 -1.04
N VAL I 77 -1.73 47.36 -1.35
CA VAL I 77 -1.27 47.03 -2.70
C VAL I 77 -2.11 45.86 -3.20
N CYS I 78 -2.62 45.97 -4.42
CA CYS I 78 -3.56 44.98 -4.93
C CYS I 78 -3.61 45.09 -6.45
N PRO I 79 -3.80 43.96 -7.15
CA PRO I 79 -3.99 44.02 -8.60
C PRO I 79 -5.24 44.81 -8.98
N LEU I 80 -5.24 45.32 -10.21
CA LEU I 80 -6.29 46.19 -10.70
C LEU I 80 -7.18 45.45 -11.70
N CYS I 81 -8.49 45.64 -11.56
CA CYS I 81 -9.48 45.04 -12.47
C CYS I 81 -10.59 46.07 -12.66
N VAL I 82 -10.54 46.79 -13.78
CA VAL I 82 -11.50 47.85 -14.08
C VAL I 82 -12.57 47.29 -15.01
N VAL I 83 -13.83 47.60 -14.73
CA VAL I 83 -14.96 47.15 -15.58
C VAL I 83 -15.64 48.38 -16.16
N HIS I 84 -15.39 48.65 -17.44
CA HIS I 84 -16.01 49.81 -18.12
C HIS I 84 -17.50 49.51 -18.29
N ILE I 85 -18.36 50.35 -17.72
CA ILE I 85 -19.85 50.20 -17.84
C ILE I 85 -20.38 51.55 -18.34
N HIS I 86 -19.50 52.36 -18.92
CA HIS I 86 -19.89 53.71 -19.39
C HIS I 86 -21.03 53.66 -20.42
N GLU I 87 -21.00 52.67 -21.30
CA GLU I 87 -22.00 52.60 -22.38
C GLU I 87 -23.39 52.50 -21.76
N LYS I 88 -23.50 51.76 -20.67
CA LYS I 88 -24.79 51.66 -19.97
C LYS I 88 -25.00 52.94 -19.16
N ALA I 89 -23.92 53.53 -18.66
CA ALA I 89 -24.04 54.80 -17.95
C ALA I 89 -24.47 55.93 -18.88
N ALA I 90 -24.03 55.89 -20.13
CA ALA I 90 -24.42 56.93 -21.09
C ALA I 90 -25.89 56.86 -21.44
N ALA I 91 -26.49 55.67 -21.36
CA ALA I 91 -27.91 55.49 -21.63
C ALA I 91 -28.75 55.32 -20.37
N ASP I 92 -28.12 55.01 -19.23
CA ASP I 92 -28.83 54.85 -17.97
C ASP I 92 -27.92 55.35 -16.85
N ALA I 93 -28.26 56.49 -16.27
CA ALA I 93 -27.42 57.09 -15.24
C ALA I 93 -27.30 56.21 -14.00
N ASP I 94 -28.24 55.29 -13.79
CA ASP I 94 -28.21 54.37 -12.65
C ASP I 94 -27.61 53.02 -13.02
N ALA I 95 -26.75 52.99 -14.03
CA ALA I 95 -26.11 51.74 -14.45
C ALA I 95 -25.28 51.16 -13.31
N GLN I 96 -25.42 49.86 -13.08
CA GLN I 96 -24.72 49.18 -12.02
C GLN I 96 -23.82 48.09 -12.60
N VAL I 97 -22.79 47.72 -11.82
CA VAL I 97 -21.94 46.60 -12.17
C VAL I 97 -22.68 45.34 -11.77
N THR I 98 -23.29 44.66 -12.74
CA THR I 98 -24.05 43.45 -12.46
C THR I 98 -23.11 42.26 -12.30
N PRO I 99 -23.56 41.21 -11.59
CA PRO I 99 -22.76 39.98 -11.54
C PRO I 99 -22.45 39.41 -12.92
N ASP I 100 -23.33 39.62 -13.89
CA ASP I 100 -23.03 39.20 -15.26
C ASP I 100 -21.90 40.03 -15.85
N ASP I 101 -21.82 41.32 -15.49
CA ASP I 101 -20.69 42.14 -15.90
C ASP I 101 -19.38 41.57 -15.35
N LEU I 102 -19.41 41.10 -14.10
CA LEU I 102 -18.23 40.45 -13.54
C LEU I 102 -17.91 39.16 -14.28
N LYS I 103 -18.94 38.44 -14.72
CA LYS I 103 -18.70 37.24 -15.53
C LYS I 103 -18.09 37.59 -16.87
N ALA I 104 -18.61 38.63 -17.52
CA ALA I 104 -18.12 39.00 -18.85
C ALA I 104 -16.69 39.54 -18.80
N TRP I 105 -16.29 40.13 -17.67
CA TRP I 105 -14.96 40.70 -17.56
C TRP I 105 -13.95 39.74 -16.94
N ILE I 106 -14.40 38.72 -16.22
CA ILE I 106 -13.50 37.63 -15.84
C ILE I 106 -13.14 36.80 -17.05
N SER I 107 -14.11 36.59 -17.95
CA SER I 107 -13.84 35.81 -19.16
C SER I 107 -12.87 36.51 -20.09
N ALA I 108 -12.99 37.83 -20.22
CA ALA I 108 -12.16 38.57 -21.16
C ALA I 108 -10.80 38.94 -20.60
N HIS I 109 -10.61 38.87 -19.28
CA HIS I 109 -9.34 39.28 -18.68
C HIS I 109 -8.85 38.33 -17.60
N GLY I 110 -9.36 37.10 -17.58
CA GLY I 110 -8.93 36.13 -16.59
C GLY I 110 -9.61 36.34 -15.26
N PRO I 111 -9.36 35.43 -14.31
CA PRO I 111 -9.97 35.57 -12.98
C PRO I 111 -9.35 36.72 -12.21
N ILE I 112 -10.13 37.23 -11.25
CA ILE I 112 -9.66 38.29 -10.37
C ILE I 112 -8.58 37.72 -9.48
N PRO I 113 -7.37 38.29 -9.48
CA PRO I 113 -6.27 37.72 -8.69
C PRO I 113 -6.56 37.79 -7.20
N ASP I 114 -5.73 37.06 -6.44
CA ASP I 114 -5.89 37.01 -4.99
C ASP I 114 -5.52 38.34 -4.38
N GLY I 115 -6.41 38.87 -3.54
CA GLY I 115 -6.18 40.15 -2.89
C GLY I 115 -6.08 41.30 -3.85
N ALA I 116 -7.10 41.45 -4.71
CA ALA I 116 -7.12 42.49 -5.73
C ALA I 116 -8.25 43.47 -5.46
N CYS I 117 -8.26 44.56 -6.23
CA CYS I 117 -9.30 45.57 -6.16
C CYS I 117 -10.04 45.64 -7.49
N VAL I 118 -11.36 45.78 -7.43
CA VAL I 118 -12.22 45.81 -8.60
C VAL I 118 -12.72 47.23 -8.77
N ALA I 119 -12.31 47.89 -9.85
CA ALA I 119 -12.72 49.25 -10.15
C ALA I 119 -13.88 49.26 -11.14
N MET I 120 -14.50 50.43 -11.28
CA MET I 120 -15.63 50.61 -12.18
C MET I 120 -15.41 51.87 -13.01
N HIS I 121 -15.27 51.70 -14.32
CA HIS I 121 -15.14 52.83 -15.25
C HIS I 121 -16.50 53.08 -15.87
N SER I 122 -17.16 54.15 -15.42
CA SER I 122 -18.46 54.53 -15.95
C SER I 122 -18.43 55.87 -16.68
N GLY I 123 -17.26 56.37 -17.02
CA GLY I 123 -17.16 57.65 -17.71
C GLY I 123 -17.62 58.83 -16.89
N TRP I 124 -17.38 58.79 -15.58
CA TRP I 124 -17.83 59.86 -14.68
C TRP I 124 -16.70 60.69 -14.11
N ALA I 125 -15.44 60.32 -14.37
CA ALA I 125 -14.32 61.03 -13.76
C ALA I 125 -14.22 62.46 -14.28
N GLY I 126 -14.47 62.67 -15.56
CA GLY I 126 -14.41 64.01 -16.13
C GLY I 126 -15.55 64.93 -15.75
N LYS I 127 -16.53 64.43 -14.99
CA LYS I 127 -17.70 65.21 -14.62
C LYS I 127 -17.52 65.98 -13.32
N THR I 128 -16.31 66.01 -12.77
CA THR I 128 -16.08 66.72 -11.51
C THR I 128 -16.12 68.23 -11.69
N GLY I 129 -15.90 68.73 -12.91
CA GLY I 129 -15.94 70.16 -13.13
C GLY I 129 -17.34 70.73 -12.98
N GLY I 130 -18.35 70.03 -13.50
CA GLY I 130 -19.73 70.46 -13.42
C GLY I 130 -20.54 69.62 -12.44
N ALA I 131 -21.83 69.96 -12.38
CA ALA I 131 -22.76 69.26 -11.50
C ALA I 131 -23.13 67.87 -12.01
N GLY I 132 -22.60 67.45 -13.16
CA GLY I 132 -22.90 66.13 -13.68
C GLY I 132 -22.36 65.00 -12.84
N TYR I 133 -21.42 65.28 -11.95
CA TYR I 133 -20.90 64.23 -11.07
C TYR I 133 -21.98 63.72 -10.12
N ARG I 134 -22.65 64.64 -9.41
CA ARG I 134 -23.79 64.25 -8.60
C ARG I 134 -24.98 63.90 -9.48
N ASN I 135 -25.32 64.78 -10.42
CA ASN I 135 -26.37 64.53 -11.42
C ASN I 135 -27.70 64.19 -10.74
N ALA I 136 -28.13 65.06 -9.84
CA ALA I 136 -29.37 64.85 -9.10
C ALA I 136 -30.56 65.26 -9.95
N ASP I 137 -31.75 65.24 -9.36
CA ASP I 137 -32.96 65.65 -10.07
C ASP I 137 -33.74 66.67 -9.26
N SER I 138 -34.98 66.96 -9.68
CA SER I 138 -35.79 67.91 -8.94
C SER I 138 -36.27 67.34 -7.61
N GLU I 139 -36.44 66.01 -7.54
CA GLU I 139 -36.88 65.37 -6.31
C GLU I 139 -35.76 65.18 -5.30
N GLY I 140 -34.54 65.61 -5.62
CA GLY I 140 -33.41 65.40 -4.75
C GLY I 140 -32.79 64.02 -4.81
N LYS I 141 -33.28 63.15 -5.69
CA LYS I 141 -32.73 61.81 -5.84
C LYS I 141 -31.54 61.87 -6.80
N MET I 142 -30.34 61.69 -6.27
CA MET I 142 -29.15 61.66 -7.11
C MET I 142 -29.16 60.42 -8.00
N HIS I 143 -28.53 60.55 -9.17
CA HIS I 143 -28.45 59.47 -10.14
C HIS I 143 -27.01 59.35 -10.63
N PHE I 144 -26.32 58.32 -10.19
CA PHE I 144 -24.96 58.05 -10.66
C PHE I 144 -24.70 56.55 -10.60
N PRO I 145 -23.78 56.04 -11.43
CA PRO I 145 -23.53 54.60 -11.44
C PRO I 145 -22.88 54.12 -10.14
N GLY I 146 -22.93 52.80 -9.95
CA GLY I 146 -22.35 52.22 -8.77
C GLY I 146 -22.22 50.73 -8.89
N PHE I 147 -22.13 50.07 -7.73
CA PHE I 147 -21.99 48.62 -7.66
C PHE I 147 -23.30 47.98 -7.25
N HIS I 148 -23.61 46.85 -7.85
CA HIS I 148 -24.79 46.08 -7.48
C HIS I 148 -24.52 45.26 -6.23
N VAL I 149 -25.54 45.14 -5.37
CA VAL I 149 -25.34 44.46 -4.09
C VAL I 149 -25.02 42.99 -4.31
N GLU I 150 -25.71 42.33 -5.25
CA GLU I 150 -25.43 40.92 -5.52
C GLU I 150 -24.10 40.72 -6.21
N ALA I 151 -23.61 41.74 -6.92
CA ALA I 151 -22.27 41.65 -7.50
C ALA I 151 -21.19 41.77 -6.43
N ALA I 152 -21.48 42.50 -5.35
CA ALA I 152 -20.52 42.61 -4.25
C ALA I 152 -20.27 41.25 -3.62
N GLN I 153 -21.34 40.54 -3.24
CA GLN I 153 -21.18 39.23 -2.62
C GLN I 153 -20.66 38.19 -3.59
N MET I 154 -20.84 38.39 -4.90
CA MET I 154 -20.21 37.51 -5.88
C MET I 154 -18.70 37.52 -5.72
N LEU I 155 -18.12 38.71 -5.48
CA LEU I 155 -16.69 38.80 -5.19
C LEU I 155 -16.33 38.13 -3.87
N ILE I 156 -17.28 38.01 -2.95
CA ILE I 156 -17.01 37.32 -1.69
C ILE I 156 -17.10 35.81 -1.86
N GLU I 157 -18.02 35.35 -2.71
CA GLU I 157 -18.24 33.91 -2.87
C GLU I 157 -17.34 33.29 -3.93
N GLU I 158 -17.05 34.02 -5.01
CA GLU I 158 -16.33 33.45 -6.14
C GLU I 158 -14.86 33.88 -6.20
N THR I 159 -14.60 35.18 -6.14
CA THR I 159 -13.25 35.70 -6.33
C THR I 159 -12.58 35.98 -4.99
N GLY I 160 -11.34 36.46 -5.06
CA GLY I 160 -10.58 36.77 -3.87
C GLY I 160 -10.18 38.24 -3.81
N ALA I 161 -11.09 39.13 -4.22
CA ALA I 161 -10.82 40.55 -4.20
C ALA I 161 -10.97 41.10 -2.79
N VAL I 162 -10.15 42.11 -2.47
CA VAL I 162 -10.16 42.71 -1.15
C VAL I 162 -10.79 44.09 -1.12
N ALA I 163 -11.01 44.73 -2.27
CA ALA I 163 -11.56 46.07 -2.30
C ALA I 163 -12.31 46.29 -3.60
N MET I 164 -13.25 47.25 -3.56
CA MET I 164 -13.97 47.69 -4.74
C MET I 164 -13.81 49.19 -4.89
N ALA I 165 -13.57 49.64 -6.13
CA ALA I 165 -13.34 51.03 -6.43
C ALA I 165 -14.41 51.55 -7.36
N VAL I 166 -14.84 52.79 -7.13
CA VAL I 166 -15.82 53.46 -7.97
C VAL I 166 -15.31 54.85 -8.33
N ASP I 167 -15.64 55.29 -9.54
CA ASP I 167 -15.35 56.65 -9.97
C ASP I 167 -16.50 57.60 -9.70
N THR I 168 -17.36 57.28 -8.73
CA THR I 168 -18.50 58.11 -8.38
C THR I 168 -18.43 58.45 -6.88
N LEU I 169 -19.56 58.96 -6.36
CA LEU I 169 -19.59 59.44 -4.98
C LEU I 169 -19.77 58.30 -3.98
N SER I 170 -20.42 57.20 -4.38
CA SER I 170 -20.74 56.13 -3.45
C SER I 170 -20.51 54.77 -4.11
N LEU I 171 -20.22 53.78 -3.27
CA LEU I 171 -20.16 52.40 -3.75
C LEU I 171 -21.55 51.94 -4.19
N ASP I 172 -22.57 52.28 -3.42
CA ASP I 172 -23.94 52.15 -3.89
C ASP I 172 -24.18 53.08 -5.06
N HIS I 173 -25.13 52.74 -5.91
CA HIS I 173 -25.47 53.60 -7.04
C HIS I 173 -26.20 54.84 -6.53
N GLY I 174 -26.72 55.64 -7.44
CA GLY I 174 -27.33 56.91 -7.11
C GLY I 174 -28.44 56.82 -6.09
N PRO I 175 -29.62 56.36 -6.52
CA PRO I 175 -30.77 56.39 -5.62
C PRO I 175 -30.88 55.17 -4.71
N SER I 176 -29.75 54.69 -4.19
CA SER I 176 -29.77 53.57 -3.26
C SER I 176 -30.22 54.07 -1.89
N ALA I 177 -31.48 53.81 -1.55
CA ALA I 177 -32.01 54.23 -0.26
C ALA I 177 -31.55 53.34 0.88
N ASP I 178 -31.39 52.04 0.61
CA ASP I 178 -30.98 51.08 1.65
C ASP I 178 -29.48 51.02 1.83
N PHE I 179 -28.70 51.45 0.83
CA PHE I 179 -27.24 51.37 0.85
C PHE I 179 -26.78 49.93 1.09
N ALA I 180 -27.21 49.05 0.19
CA ALA I 180 -26.99 47.62 0.37
C ALA I 180 -25.54 47.22 0.04
N THR I 181 -24.91 47.89 -0.94
CA THR I 181 -23.55 47.53 -1.30
C THR I 181 -22.58 47.81 -0.16
N HIS I 182 -22.79 48.91 0.57
CA HIS I 182 -21.93 49.23 1.70
C HIS I 182 -22.01 48.16 2.78
N TYR I 183 -23.23 47.86 3.25
CA TYR I 183 -23.40 46.87 4.31
C TYR I 183 -22.96 45.48 3.88
N ALA I 184 -22.94 45.19 2.58
CA ALA I 184 -22.56 43.88 2.07
C ALA I 184 -21.10 43.84 1.61
N TRP I 185 -20.23 44.62 2.25
CA TRP I 185 -18.83 44.67 1.85
C TRP I 185 -17.94 45.22 2.97
N LEU I 186 -18.22 46.45 3.40
CA LEU I 186 -17.40 47.07 4.44
C LEU I 186 -17.42 46.32 5.77
N PRO I 187 -18.56 45.85 6.29
CA PRO I 187 -18.52 45.12 7.57
C PRO I 187 -17.70 43.83 7.52
N THR I 188 -17.34 43.34 6.33
CA THR I 188 -16.55 42.13 6.18
C THR I 188 -15.05 42.41 6.21
N ASN I 189 -14.63 43.45 6.93
CA ASN I 189 -13.21 43.85 7.00
C ASN I 189 -12.63 44.09 5.61
N ARG I 190 -13.47 44.52 4.68
CA ARG I 190 -13.05 44.95 3.36
C ARG I 190 -13.27 46.46 3.24
N TYR I 191 -12.47 47.10 2.40
CA TYR I 191 -12.57 48.54 2.20
C TYR I 191 -12.98 48.84 0.76
N GLY I 192 -13.41 50.09 0.56
CA GLY I 192 -13.82 50.56 -0.74
C GLY I 192 -13.03 51.80 -1.15
N ILE I 193 -13.28 52.23 -2.39
CA ILE I 193 -12.62 53.40 -2.96
C ILE I 193 -13.66 54.18 -3.75
N GLU I 194 -13.86 55.45 -3.39
CA GLU I 194 -14.81 56.31 -4.09
C GLU I 194 -14.07 57.52 -4.67
N ASN I 195 -14.72 58.15 -5.65
CA ASN I 195 -14.19 59.34 -6.31
C ASN I 195 -12.84 59.06 -6.98
N LEU I 196 -12.70 57.87 -7.56
CA LEU I 196 -11.48 57.52 -8.27
C LEU I 196 -11.44 58.23 -9.62
N ALA I 197 -10.22 58.54 -10.08
CA ALA I 197 -10.01 59.31 -11.28
C ALA I 197 -8.99 58.63 -12.18
N ASN I 198 -8.95 59.11 -13.44
CA ASN I 198 -7.97 58.67 -14.43
C ASN I 198 -8.07 57.17 -14.70
N LEU I 199 -9.31 56.67 -14.75
CA LEU I 199 -9.53 55.27 -15.13
C LEU I 199 -9.43 55.08 -16.63
N ASP I 200 -9.67 56.12 -17.42
CA ASP I 200 -9.47 56.05 -18.86
C ASP I 200 -8.01 56.03 -19.24
N LYS I 201 -7.11 56.36 -18.32
CA LYS I 201 -5.67 56.34 -18.59
C LYS I 201 -5.04 54.98 -18.34
N VAL I 202 -5.73 54.06 -17.68
CA VAL I 202 -5.15 52.77 -17.33
C VAL I 202 -5.81 51.67 -18.15
N PRO I 203 -5.12 50.57 -18.43
CA PRO I 203 -5.76 49.44 -19.13
C PRO I 203 -6.76 48.73 -18.24
N ALA I 204 -7.54 47.85 -18.86
CA ALA I 204 -8.58 47.13 -18.13
C ALA I 204 -7.99 45.96 -17.34
N SER I 205 -7.00 45.28 -17.89
CA SER I 205 -6.40 44.13 -17.23
C SER I 205 -5.09 44.44 -16.52
N GLY I 206 -4.39 45.50 -16.91
CA GLY I 206 -3.20 45.88 -16.11
C GLY I 206 -3.51 45.69 -14.63
N ALA I 207 -2.65 44.97 -13.92
CA ALA I 207 -2.99 44.60 -12.52
C ALA I 207 -1.98 45.06 -11.48
N THR I 208 -1.94 46.34 -11.16
CA THR I 208 -1.09 46.79 -10.02
C THR I 208 -1.66 48.12 -9.53
N LEU I 209 -2.06 48.19 -8.26
CA LEU I 209 -2.62 49.44 -7.68
C LEU I 209 -2.06 49.72 -6.30
N ILE I 210 -1.71 50.97 -6.05
CA ILE I 210 -1.18 51.44 -4.77
C ILE I 210 -2.16 52.46 -4.20
N VAL I 211 -2.59 52.24 -2.97
CA VAL I 211 -3.56 53.10 -2.30
C VAL I 211 -2.87 53.73 -1.10
N GLY I 212 -2.68 55.05 -1.17
CA GLY I 212 -2.08 55.78 -0.07
C GLY I 212 -3.12 56.22 0.95
N ALA I 213 -3.82 55.26 1.55
CA ALA I 213 -4.87 55.56 2.49
C ALA I 213 -4.28 56.19 3.76
N PRO I 214 -5.02 57.10 4.40
CA PRO I 214 -4.55 57.69 5.64
C PRO I 214 -4.59 56.68 6.78
N ASN I 215 -3.75 56.92 7.78
CA ASN I 215 -3.67 56.04 8.95
C ASN I 215 -3.74 56.84 10.24
N HIS I 216 -4.66 57.81 10.31
CA HIS I 216 -4.93 58.48 11.58
C HIS I 216 -5.78 57.56 12.45
N ARG I 217 -5.39 57.41 13.71
CA ARG I 217 -5.98 56.41 14.58
C ARG I 217 -7.46 56.69 14.82
N GLY I 218 -8.29 55.69 14.53
CA GLY I 218 -9.71 55.77 14.80
C GLY I 218 -10.57 56.28 13.65
N GLY I 219 -9.97 56.54 12.49
CA GLY I 219 -10.74 57.10 11.39
C GLY I 219 -11.48 56.04 10.59
N SER I 220 -12.54 56.49 9.91
CA SER I 220 -13.33 55.63 9.04
C SER I 220 -13.00 55.85 7.58
N GLY I 221 -11.99 56.66 7.28
CA GLY I 221 -11.65 56.97 5.91
C GLY I 221 -10.80 58.23 5.85
N GLY I 222 -10.71 58.78 4.64
CA GLY I 222 -9.93 59.96 4.40
C GLY I 222 -9.39 60.02 2.99
N PRO I 223 -9.07 61.23 2.53
CA PRO I 223 -8.51 61.38 1.18
C PRO I 223 -7.20 60.60 1.04
N ALA I 224 -7.13 59.77 0.01
CA ALA I 224 -5.97 58.93 -0.24
C ALA I 224 -5.32 59.34 -1.56
N ARG I 225 -4.07 58.91 -1.72
CA ARG I 225 -3.30 59.13 -2.95
C ARG I 225 -3.12 57.77 -3.61
N ILE I 226 -3.92 57.51 -4.64
CA ILE I 226 -3.96 56.20 -5.29
C ILE I 226 -3.17 56.28 -6.59
N PHE I 227 -2.32 55.28 -6.81
CA PHE I 227 -1.49 55.19 -8.02
C PHE I 227 -1.66 53.83 -8.65
N ALA I 228 -1.43 53.77 -9.96
CA ALA I 228 -1.51 52.52 -10.72
C ALA I 228 -0.24 52.36 -11.54
N MET I 229 0.32 51.16 -11.51
CA MET I 229 1.51 50.83 -12.29
C MET I 229 1.08 50.11 -13.56
N VAL I 230 1.34 50.75 -14.70
CA VAL I 230 0.98 50.18 -15.98
C VAL I 230 2.16 49.42 -16.57
N MET J 1 6.39 44.60 -12.44
CA MET J 1 6.47 43.28 -13.04
C MET J 1 7.92 42.82 -13.18
N ALA J 2 8.57 42.58 -12.04
CA ALA J 2 9.96 42.14 -12.07
C ALA J 2 10.28 41.27 -10.87
N GLY J 3 11.39 41.55 -10.20
CA GLY J 3 11.77 40.80 -9.02
C GLY J 3 11.46 41.53 -7.73
N ILE J 4 10.18 41.72 -7.44
CA ILE J 4 9.77 42.45 -6.25
C ILE J 4 10.04 41.59 -5.02
N GLY J 5 10.80 42.14 -4.08
CA GLY J 5 11.04 41.47 -2.82
C GLY J 5 9.80 41.48 -1.94
N GLU J 6 9.42 42.67 -1.48
CA GLU J 6 8.19 42.82 -0.70
C GLU J 6 7.77 44.30 -0.74
N VAL J 7 7.17 44.78 0.35
CA VAL J 7 6.80 46.18 0.47
C VAL J 7 6.79 46.54 1.96
N ARG J 8 6.98 47.81 2.25
CA ARG J 8 7.03 48.30 3.62
C ARG J 8 6.14 49.52 3.77
N ASP J 9 5.66 49.74 4.99
CA ASP J 9 4.84 50.89 5.33
C ASP J 9 5.75 51.92 6.00
N MET J 10 5.98 53.05 5.32
CA MET J 10 6.87 54.09 5.80
C MET J 10 6.12 55.21 6.51
N THR J 11 4.96 54.91 7.07
CA THR J 11 4.08 55.93 7.63
C THR J 11 3.73 55.58 9.07
N HIS J 12 3.83 56.57 9.95
CA HIS J 12 3.43 56.40 11.34
C HIS J 12 1.91 56.55 11.47
N VAL J 13 1.32 55.71 12.32
CA VAL J 13 -0.08 55.88 12.68
C VAL J 13 -0.17 57.07 13.62
N TYR J 14 -0.40 58.25 13.06
CA TYR J 14 -0.39 59.48 13.86
C TYR J 14 -1.77 59.73 14.48
N ASP J 15 -1.75 60.17 15.73
CA ASP J 15 -2.97 60.42 16.49
C ASP J 15 -2.79 61.73 17.24
N ALA J 16 -3.71 62.01 18.18
CA ALA J 16 -3.64 63.24 18.96
C ALA J 16 -2.42 63.26 19.88
N ASP J 17 -1.88 62.10 20.23
CA ASP J 17 -0.70 62.01 21.08
C ASP J 17 0.60 61.90 20.28
N PHE J 18 0.60 62.36 19.04
CA PHE J 18 1.81 62.29 18.22
C PHE J 18 2.61 63.58 18.38
N PRO J 19 3.92 63.49 18.59
CA PRO J 19 4.70 64.71 18.86
C PRO J 19 4.73 65.64 17.65
N THR J 20 4.71 66.94 17.92
CA THR J 20 4.79 67.96 16.90
C THR J 20 5.94 68.90 17.23
N TYR J 21 6.20 69.83 16.31
CA TYR J 21 7.26 70.82 16.53
C TYR J 21 6.91 71.77 17.68
N PHE J 22 5.62 71.96 17.93
CA PHE J 22 5.14 72.89 18.95
C PHE J 22 4.67 72.19 20.22
N GLY J 23 4.58 70.86 20.22
CA GLY J 23 4.12 70.14 21.38
C GLY J 23 2.62 70.16 21.59
N ALA J 24 1.86 70.67 20.63
CA ALA J 24 0.42 70.79 20.69
C ALA J 24 -0.24 69.74 19.78
N PRO J 25 -1.45 69.28 20.13
CA PRO J 25 -2.14 68.32 19.26
C PRO J 25 -2.44 68.92 17.89
N GLY J 26 -2.01 68.22 16.85
CA GLY J 26 -2.22 68.68 15.48
C GLY J 26 -3.28 67.95 14.70
N ILE J 27 -4.03 67.03 15.31
CA ILE J 27 -5.12 66.34 14.65
C ILE J 27 -6.26 66.19 15.65
N GLU J 28 -7.41 66.75 15.31
CA GLU J 28 -8.60 66.71 16.16
C GLU J 28 -9.73 66.03 15.40
N ALA J 29 -10.35 65.03 16.02
CA ALA J 29 -11.38 64.23 15.37
C ALA J 29 -12.74 64.56 15.98
N VAL J 30 -13.70 64.88 15.12
CA VAL J 30 -15.09 65.11 15.53
C VAL J 30 -15.96 64.18 14.71
N GLN J 31 -16.75 63.35 15.40
CA GLN J 31 -17.63 62.39 14.74
C GLN J 31 -19.01 62.99 14.58
N ASN J 32 -19.59 62.81 13.38
CA ASN J 32 -20.92 63.30 13.09
C ASN J 32 -21.98 62.20 13.04
N PHE J 33 -21.58 60.95 12.84
CA PHE J 33 -22.52 59.84 12.77
C PHE J 33 -21.90 58.61 13.43
N ASN J 34 -22.70 57.92 14.24
CA ASN J 34 -22.26 56.73 14.94
C ASN J 34 -23.13 55.53 14.53
N PHE J 35 -22.70 54.35 14.96
CA PHE J 35 -23.39 53.11 14.57
C PHE J 35 -24.57 52.78 15.47
N LYS J 36 -24.64 53.35 16.67
CA LYS J 36 -25.78 53.11 17.53
C LYS J 36 -26.99 53.92 17.09
N GLU J 37 -26.80 55.20 16.83
CA GLU J 37 -27.90 56.04 16.36
C GLU J 37 -28.28 55.71 14.91
N HIS J 38 -27.28 55.52 14.06
CA HIS J 38 -27.53 55.24 12.65
C HIS J 38 -27.00 53.86 12.27
N GLY J 39 -26.46 53.74 11.07
CA GLY J 39 -25.87 52.49 10.63
C GLY J 39 -24.55 52.70 9.94
N PHE J 40 -23.87 53.79 10.28
CA PHE J 40 -22.61 54.14 9.64
C PHE J 40 -21.86 55.11 10.52
N ASN J 41 -20.55 55.21 10.28
CA ASN J 41 -19.67 56.08 11.04
C ASN J 41 -19.05 57.12 10.11
N LEU J 42 -18.84 58.32 10.64
CA LEU J 42 -18.28 59.41 9.85
C LEU J 42 -17.61 60.41 10.79
N PHE J 43 -16.35 60.74 10.50
CA PHE J 43 -15.57 61.65 11.30
C PHE J 43 -15.20 62.88 10.48
N THR J 44 -15.14 64.03 11.16
CA THR J 44 -14.61 65.26 10.59
C THR J 44 -13.34 65.63 11.33
N LEU J 45 -12.29 65.95 10.57
CA LEU J 45 -10.96 66.15 11.13
C LEU J 45 -10.54 67.61 10.98
N THR J 46 -10.37 68.29 12.11
CA THR J 46 -9.71 69.60 12.14
C THR J 46 -8.22 69.31 12.26
N LEU J 47 -7.51 69.32 11.12
CA LEU J 47 -6.16 68.79 11.03
C LEU J 47 -5.18 69.91 10.71
N ASN J 48 -4.09 69.95 11.47
CA ASN J 48 -2.95 70.79 11.14
C ASN J 48 -2.12 70.09 10.06
N GLU J 49 -1.83 70.80 8.97
CA GLU J 49 -1.24 70.14 7.80
C GLU J 49 0.21 69.71 8.02
N HIS J 50 0.85 70.09 9.12
CA HIS J 50 2.21 69.64 9.36
C HIS J 50 2.30 68.76 10.60
N THR J 51 1.62 67.62 10.57
CA THR J 51 1.67 66.62 11.63
C THR J 51 1.85 65.24 11.01
N GLY J 52 2.43 64.34 11.80
CA GLY J 52 2.66 62.96 11.40
C GLY J 52 3.59 62.86 10.20
N THR J 53 3.56 61.68 9.58
CA THR J 53 4.32 61.47 8.34
C THR J 53 3.70 62.29 7.23
N HIS J 54 4.21 63.51 7.02
CA HIS J 54 3.64 64.44 6.08
C HIS J 54 4.72 64.92 5.11
N VAL J 55 4.29 65.68 4.12
CA VAL J 55 5.16 66.17 3.04
C VAL J 55 5.25 67.69 3.14
N ASP J 56 6.47 68.20 3.16
CA ASP J 56 6.71 69.63 3.08
C ASP J 56 6.80 70.02 1.61
N ALA J 57 5.74 70.61 1.09
CA ALA J 57 5.73 71.07 -0.29
C ALA J 57 6.65 72.29 -0.44
N PRO J 58 7.09 72.58 -1.67
CA PRO J 58 7.88 73.80 -1.88
C PRO J 58 7.14 75.07 -1.48
N LEU J 59 5.81 75.06 -1.53
CA LEU J 59 5.03 76.24 -1.14
C LEU J 59 5.16 76.54 0.35
N HIS J 60 5.49 75.55 1.17
CA HIS J 60 5.63 75.76 2.61
C HIS J 60 6.65 76.86 2.92
N PHE J 61 7.78 76.86 2.21
CA PHE J 61 8.80 77.86 2.44
C PHE J 61 9.07 78.67 1.17
N SER J 62 8.01 79.11 0.50
CA SER J 62 8.13 79.98 -0.65
C SER J 62 6.81 80.73 -0.83
N ALA J 63 6.90 81.89 -1.47
CA ALA J 63 5.72 82.73 -1.67
C ALA J 63 4.93 82.35 -2.91
N ASP J 64 5.58 81.76 -3.91
CA ASP J 64 4.92 81.40 -5.16
C ASP J 64 5.46 80.08 -5.69
N GLY J 65 5.72 79.13 -4.78
CA GLY J 65 6.18 77.81 -5.17
C GLY J 65 5.04 76.86 -5.46
N GLN J 66 5.41 75.62 -5.74
CA GLN J 66 4.42 74.60 -6.09
C GLN J 66 3.71 74.11 -4.83
N SER J 67 2.38 74.09 -4.88
CA SER J 67 1.59 73.56 -3.78
C SER J 67 1.61 72.03 -3.81
N VAL J 68 0.88 71.42 -2.88
CA VAL J 68 0.88 69.96 -2.79
C VAL J 68 0.25 69.34 -4.02
N ASP J 69 -0.65 70.05 -4.69
CA ASP J 69 -1.27 69.56 -5.91
C ASP J 69 -0.45 69.86 -7.16
N GLU J 70 0.60 70.66 -7.05
CA GLU J 70 1.45 71.00 -8.18
C GLU J 70 2.72 70.17 -8.25
N ILE J 71 2.94 69.29 -7.28
CA ILE J 71 4.12 68.41 -7.32
C ILE J 71 3.93 67.38 -8.45
N PRO J 72 4.89 67.22 -9.33
CA PRO J 72 4.73 66.23 -10.42
C PRO J 72 4.61 64.82 -9.88
N VAL J 73 3.77 64.01 -10.54
CA VAL J 73 3.55 62.65 -10.10
C VAL J 73 4.83 61.82 -10.20
N GLY J 74 5.69 62.13 -11.17
CA GLY J 74 6.97 61.45 -11.29
C GLY J 74 7.93 61.77 -10.17
N ASN J 75 7.76 62.92 -9.51
CA ASN J 75 8.61 63.27 -8.38
C ASN J 75 8.21 62.58 -7.09
N LEU J 76 7.09 61.87 -7.07
CA LEU J 76 6.64 61.16 -5.88
C LEU J 76 7.05 59.69 -5.87
N VAL J 77 7.63 59.19 -6.96
CA VAL J 77 8.18 57.85 -7.04
C VAL J 77 9.69 58.00 -7.22
N CYS J 78 10.45 57.73 -6.17
CA CYS J 78 11.87 58.05 -6.15
C CYS J 78 12.70 56.83 -5.78
N PRO J 79 13.86 56.65 -6.40
CA PRO J 79 14.82 55.66 -5.90
C PRO J 79 15.33 56.07 -4.53
N LEU J 80 15.36 55.10 -3.61
CA LEU J 80 15.73 55.38 -2.24
C LEU J 80 17.24 55.46 -2.07
N CYS J 81 17.69 56.38 -1.21
CA CYS J 81 19.11 56.56 -0.89
C CYS J 81 19.20 56.83 0.62
N VAL J 82 19.11 55.76 1.41
CA VAL J 82 19.09 55.90 2.87
C VAL J 82 20.48 56.24 3.37
N VAL J 83 20.59 57.32 4.13
CA VAL J 83 21.84 57.75 4.74
C VAL J 83 21.80 57.34 6.21
N HIS J 84 22.58 56.33 6.58
CA HIS J 84 22.59 55.84 7.95
C HIS J 84 23.51 56.71 8.80
N ILE J 85 22.94 57.38 9.79
CA ILE J 85 23.71 58.15 10.76
C ILE J 85 23.20 57.84 12.16
N HIS J 86 22.51 56.71 12.31
CA HIS J 86 21.94 56.37 13.62
C HIS J 86 23.01 56.07 14.65
N GLU J 87 24.13 55.49 14.23
CA GLU J 87 25.22 55.26 15.18
C GLU J 87 25.85 56.58 15.62
N LYS J 88 26.01 57.52 14.69
CA LYS J 88 26.56 58.82 15.05
C LYS J 88 25.59 59.60 15.93
N ALA J 89 24.30 59.57 15.60
CA ALA J 89 23.30 60.27 16.39
C ALA J 89 23.13 59.67 17.78
N ALA J 90 23.63 58.46 18.02
CA ALA J 90 23.51 57.85 19.34
C ALA J 90 24.31 58.61 20.39
N ALA J 91 25.39 59.26 19.98
CA ALA J 91 26.20 60.08 20.87
C ALA J 91 25.82 61.56 20.82
N ASP J 92 25.51 62.08 19.64
CA ASP J 92 25.14 63.48 19.46
C ASP J 92 23.68 63.53 19.05
N ALA J 93 22.81 63.97 19.97
CA ALA J 93 21.39 64.11 19.65
C ALA J 93 21.15 65.15 18.56
N ASP J 94 22.09 66.06 18.34
CA ASP J 94 21.99 67.07 17.29
C ASP J 94 22.90 66.76 16.10
N ALA J 95 23.30 65.50 15.94
CA ALA J 95 24.15 65.12 14.82
C ALA J 95 23.41 65.34 13.51
N GLN J 96 24.04 66.09 12.61
CA GLN J 96 23.41 66.45 11.34
C GLN J 96 24.02 65.67 10.19
N VAL J 97 23.28 65.61 9.10
CA VAL J 97 23.79 65.02 7.86
C VAL J 97 24.61 66.06 7.14
N THR J 98 25.88 65.74 6.88
CA THR J 98 26.82 66.64 6.26
C THR J 98 27.24 66.14 4.89
N PRO J 99 27.84 66.99 4.06
CA PRO J 99 28.40 66.48 2.79
C PRO J 99 29.36 65.32 2.97
N ASP J 100 30.03 65.24 4.12
CA ASP J 100 30.89 64.08 4.39
C ASP J 100 30.06 62.79 4.42
N ASP J 101 28.83 62.87 4.94
CA ASP J 101 27.96 61.69 4.93
C ASP J 101 27.51 61.38 3.51
N LEU J 102 27.12 62.40 2.74
CA LEU J 102 26.65 62.17 1.38
C LEU J 102 27.76 61.64 0.50
N LYS J 103 28.98 62.12 0.68
CA LYS J 103 30.10 61.59 -0.08
C LYS J 103 30.43 60.15 0.32
N ALA J 104 30.09 59.77 1.55
CA ALA J 104 30.34 58.40 1.99
C ALA J 104 29.34 57.43 1.37
N TRP J 105 28.08 57.85 1.24
CA TRP J 105 27.07 56.97 0.64
C TRP J 105 27.36 56.71 -0.83
N ILE J 106 27.85 57.73 -1.54
CA ILE J 106 28.10 57.58 -2.98
C ILE J 106 29.24 56.61 -3.23
N SER J 107 30.24 56.59 -2.34
CA SER J 107 31.40 55.71 -2.54
C SER J 107 31.01 54.25 -2.54
N ALA J 108 29.97 53.88 -1.79
CA ALA J 108 29.55 52.49 -1.69
C ALA J 108 28.41 52.13 -2.63
N HIS J 109 27.49 53.05 -2.91
CA HIS J 109 26.31 52.76 -3.71
C HIS J 109 26.29 53.52 -5.04
N GLY J 110 27.33 54.28 -5.36
CA GLY J 110 27.36 55.01 -6.60
C GLY J 110 26.69 56.36 -6.48
N PRO J 111 26.66 57.12 -7.58
CA PRO J 111 26.06 58.45 -7.55
C PRO J 111 24.56 58.40 -7.26
N ILE J 112 24.07 59.48 -6.68
CA ILE J 112 22.64 59.59 -6.37
C ILE J 112 21.85 59.72 -7.67
N PRO J 113 20.83 58.89 -7.90
CA PRO J 113 20.14 58.91 -9.19
C PRO J 113 19.26 60.16 -9.34
N ASP J 114 18.85 60.40 -10.58
CA ASP J 114 17.95 61.51 -10.86
C ASP J 114 16.56 61.22 -10.35
N GLY J 115 15.93 62.24 -9.76
CA GLY J 115 14.60 62.06 -9.19
C GLY J 115 14.57 61.15 -7.98
N ALA J 116 15.67 61.06 -7.26
CA ALA J 116 15.76 60.17 -6.10
C ALA J 116 15.40 60.93 -4.82
N CYS J 117 15.20 60.17 -3.75
CA CYS J 117 14.91 60.71 -2.43
C CYS J 117 16.04 60.34 -1.49
N VAL J 118 16.61 61.33 -0.82
CA VAL J 118 17.67 61.13 0.16
C VAL J 118 17.04 61.19 1.54
N ALA J 119 17.01 60.05 2.22
CA ALA J 119 16.43 59.94 3.55
C ALA J 119 17.53 59.84 4.60
N MET J 120 17.24 60.33 5.80
CA MET J 120 18.20 60.32 6.90
C MET J 120 17.80 59.24 7.90
N HIS J 121 18.67 58.26 8.08
CA HIS J 121 18.47 57.17 9.04
C HIS J 121 19.24 57.56 10.31
N SER J 122 18.52 58.12 11.28
CA SER J 122 19.11 58.51 12.56
C SER J 122 18.58 57.69 13.73
N GLY J 123 17.57 56.85 13.52
CA GLY J 123 17.01 56.06 14.59
C GLY J 123 16.04 56.78 15.48
N TRP J 124 15.44 57.88 15.00
CA TRP J 124 14.52 58.67 15.80
C TRP J 124 13.06 58.23 15.62
N ALA J 125 12.78 57.35 14.68
CA ALA J 125 11.40 56.97 14.40
C ALA J 125 10.75 56.18 15.54
N GLY J 126 11.55 55.52 16.37
CA GLY J 126 11.02 54.73 17.46
C GLY J 126 10.72 55.47 18.73
N LYS J 127 10.93 56.79 18.76
CA LYS J 127 10.76 57.58 19.97
C LYS J 127 9.49 58.43 19.93
N THR J 128 8.57 58.16 19.01
CA THR J 128 7.36 58.97 18.89
C THR J 128 6.41 58.78 20.07
N GLY J 129 6.58 57.73 20.86
CA GLY J 129 5.73 57.52 22.00
C GLY J 129 6.11 58.25 23.26
N GLY J 130 7.25 58.95 23.25
CA GLY J 130 7.70 59.67 24.43
C GLY J 130 8.29 61.03 24.10
N ALA J 131 9.03 61.60 25.05
CA ALA J 131 9.63 62.91 24.87
C ALA J 131 10.93 62.86 24.08
N GLY J 132 11.46 61.68 23.80
CA GLY J 132 12.70 61.57 23.05
C GLY J 132 12.59 61.96 21.59
N TYR J 133 11.38 62.01 21.05
CA TYR J 133 11.21 62.42 19.66
C TYR J 133 11.58 63.89 19.48
N ARG J 134 11.22 64.75 20.43
CA ARG J 134 11.68 66.13 20.43
C ARG J 134 12.96 66.30 21.23
N ASN J 135 13.06 65.63 22.38
CA ASN J 135 14.22 65.73 23.27
C ASN J 135 14.52 67.18 23.64
N ALA J 136 13.47 67.90 24.01
CA ALA J 136 13.63 69.29 24.41
C ALA J 136 14.40 69.37 25.72
N ASP J 137 15.36 70.28 25.79
CA ASP J 137 16.19 70.46 26.98
C ASP J 137 15.40 71.24 28.03
N SER J 138 16.09 71.65 29.10
CA SER J 138 15.42 72.40 30.16
C SER J 138 15.05 73.81 29.73
N GLU J 139 15.73 74.36 28.72
CA GLU J 139 15.45 75.72 28.28
C GLU J 139 14.36 75.80 27.21
N GLY J 140 14.08 74.71 26.51
CA GLY J 140 12.97 74.70 25.57
C GLY J 140 13.27 74.12 24.20
N LYS J 141 14.46 74.37 23.68
CA LYS J 141 14.78 73.94 22.32
C LYS J 141 14.85 72.43 22.23
N MET J 142 14.43 71.91 21.08
CA MET J 142 14.37 70.47 20.85
C MET J 142 15.70 69.98 20.29
N HIS J 143 16.03 68.73 20.61
CA HIS J 143 17.29 68.11 20.19
C HIS J 143 16.97 66.88 19.36
N PHE J 144 17.12 66.98 18.04
CA PHE J 144 16.96 65.81 17.18
C PHE J 144 17.84 65.99 15.95
N PRO J 145 18.31 64.90 15.35
CA PRO J 145 19.16 65.02 14.15
C PRO J 145 18.40 65.62 12.99
N GLY J 146 19.15 66.23 12.08
CA GLY J 146 18.57 66.83 10.90
C GLY J 146 19.58 66.96 9.78
N PHE J 147 19.22 67.78 8.79
CA PHE J 147 20.07 68.00 7.62
C PHE J 147 20.83 69.30 7.79
N HIS J 148 22.16 69.21 7.81
CA HIS J 148 22.98 70.42 7.72
C HIS J 148 22.79 71.03 6.34
N VAL J 149 22.58 72.35 6.32
CA VAL J 149 22.36 73.05 5.05
C VAL J 149 23.53 72.87 4.10
N GLU J 150 24.72 72.56 4.62
CA GLU J 150 25.86 72.27 3.76
C GLU J 150 25.61 71.02 2.93
N ALA J 151 24.95 70.02 3.52
CA ALA J 151 24.62 68.81 2.76
C ALA J 151 23.47 69.07 1.80
N ALA J 152 22.49 69.88 2.21
CA ALA J 152 21.39 70.23 1.31
C ALA J 152 21.92 70.95 0.07
N GLN J 153 22.94 71.80 0.25
CA GLN J 153 23.53 72.50 -0.89
C GLN J 153 24.34 71.55 -1.76
N MET J 154 24.92 70.51 -1.17
CA MET J 154 25.63 69.52 -1.97
C MET J 154 24.68 68.76 -2.89
N LEU J 155 23.49 68.44 -2.39
CA LEU J 155 22.53 67.69 -3.19
C LEU J 155 22.11 68.48 -4.43
N ILE J 156 21.94 69.80 -4.29
CA ILE J 156 21.56 70.62 -5.44
C ILE J 156 22.74 70.79 -6.38
N GLU J 157 23.97 70.74 -5.86
CA GLU J 157 25.14 70.99 -6.70
C GLU J 157 25.47 69.82 -7.60
N GLU J 158 25.36 68.58 -7.09
CA GLU J 158 25.87 67.43 -7.83
C GLU J 158 24.93 66.23 -7.82
N THR J 159 23.67 66.38 -7.40
CA THR J 159 22.71 65.28 -7.43
C THR J 159 21.44 65.72 -8.12
N GLY J 160 20.76 64.77 -8.74
CA GLY J 160 19.49 65.04 -9.39
C GLY J 160 18.31 64.66 -8.52
N ALA J 161 18.54 64.58 -7.21
CA ALA J 161 17.48 64.22 -6.28
C ALA J 161 16.41 65.30 -6.22
N VAL J 162 15.19 64.88 -5.90
CA VAL J 162 14.05 65.78 -5.85
C VAL J 162 13.36 65.81 -4.49
N ALA J 163 13.68 64.89 -3.59
CA ALA J 163 13.06 64.82 -2.28
C ALA J 163 14.12 64.63 -1.21
N MET J 164 13.84 65.18 -0.02
CA MET J 164 14.72 65.04 1.13
C MET J 164 13.85 64.59 2.31
N ALA J 165 14.07 63.36 2.77
CA ALA J 165 13.27 62.76 3.81
C ALA J 165 14.06 62.66 5.11
N VAL J 166 13.34 62.81 6.23
CA VAL J 166 13.92 62.65 7.55
C VAL J 166 12.97 61.82 8.40
N ASP J 167 13.52 61.15 9.40
CA ASP J 167 12.72 60.45 10.41
C ASP J 167 12.45 61.33 11.63
N THR J 168 12.58 62.65 11.48
CA THR J 168 12.36 63.57 12.60
C THR J 168 11.30 64.61 12.28
N LEU J 169 11.32 65.73 13.00
CA LEU J 169 10.29 66.75 12.86
C LEU J 169 10.59 67.70 11.70
N SER J 170 11.86 68.04 11.50
CA SER J 170 12.23 69.04 10.51
C SER J 170 13.42 68.55 9.69
N LEU J 171 13.63 69.21 8.56
CA LEU J 171 14.77 68.88 7.71
C LEU J 171 16.09 69.19 8.41
N ASP J 172 16.23 70.43 8.90
CA ASP J 172 17.39 70.78 9.69
C ASP J 172 17.27 70.17 11.08
N HIS J 173 18.37 70.24 11.84
CA HIS J 173 18.40 69.61 13.15
C HIS J 173 17.50 70.36 14.13
N GLY J 174 17.45 69.84 15.36
CA GLY J 174 16.56 70.35 16.38
C GLY J 174 16.79 71.81 16.75
N PRO J 175 18.00 72.13 17.23
CA PRO J 175 18.26 73.51 17.67
C PRO J 175 18.30 74.53 16.54
N SER J 176 17.94 74.14 15.33
CA SER J 176 17.91 75.08 14.21
C SER J 176 16.76 76.05 14.35
N ALA J 177 16.98 77.18 15.02
CA ALA J 177 15.99 78.23 15.11
C ALA J 177 15.94 79.11 13.86
N ASP J 178 16.82 78.85 12.88
CA ASP J 178 16.87 79.63 11.66
C ASP J 178 16.21 78.92 10.48
N PHE J 179 16.03 77.60 10.55
CA PHE J 179 15.41 76.83 9.48
C PHE J 179 16.13 77.03 8.16
N ALA J 180 17.45 76.84 8.18
CA ALA J 180 18.26 77.10 6.99
C ALA J 180 17.98 76.08 5.89
N THR J 181 17.74 74.83 6.26
CA THR J 181 17.53 73.79 5.25
C THR J 181 16.22 73.99 4.50
N HIS J 182 15.17 74.40 5.20
CA HIS J 182 13.88 74.63 4.55
C HIS J 182 14.01 75.71 3.47
N TYR J 183 14.61 76.85 3.82
CA TYR J 183 14.74 77.95 2.87
C TYR J 183 15.74 77.65 1.76
N ALA J 184 16.63 76.68 1.95
CA ALA J 184 17.64 76.33 0.96
C ALA J 184 17.28 75.10 0.13
N TRP J 185 16.09 74.54 0.34
CA TRP J 185 15.70 73.31 -0.36
C TRP J 185 14.31 73.45 -0.96
N LEU J 186 13.35 73.91 -0.18
CA LEU J 186 11.96 74.02 -0.61
C LEU J 186 11.76 75.02 -1.74
N PRO J 187 12.34 76.23 -1.69
CA PRO J 187 12.19 77.17 -2.82
C PRO J 187 12.71 76.65 -4.15
N THR J 188 13.44 75.53 -4.16
CA THR J 188 13.98 74.94 -5.38
C THR J 188 13.07 73.85 -5.94
N ASN J 189 11.75 73.98 -5.74
CA ASN J 189 10.74 73.04 -6.24
C ASN J 189 10.83 71.68 -5.56
N ARG J 190 12.01 71.31 -5.06
CA ARG J 190 12.17 70.05 -4.36
C ARG J 190 11.37 70.04 -3.08
N TYR J 191 10.62 68.97 -2.85
CA TYR J 191 9.79 68.85 -1.65
C TYR J 191 10.54 68.06 -0.57
N GLY J 192 9.96 68.08 0.64
CA GLY J 192 10.57 67.42 1.76
C GLY J 192 9.59 66.47 2.45
N ILE J 193 10.16 65.52 3.18
CA ILE J 193 9.40 64.51 3.91
C ILE J 193 9.92 64.49 5.35
N GLU J 194 8.99 64.50 6.31
CA GLU J 194 9.35 64.49 7.72
C GLU J 194 8.52 63.42 8.43
N ASN J 195 9.08 62.95 9.56
CA ASN J 195 8.46 61.90 10.37
C ASN J 195 8.35 60.58 9.60
N LEU J 196 9.39 60.27 8.83
CA LEU J 196 9.38 59.03 8.06
C LEU J 196 9.61 57.83 8.96
N ALA J 197 8.80 56.80 8.79
CA ALA J 197 8.81 55.63 9.66
C ALA J 197 9.44 54.44 8.96
N ASN J 198 9.93 53.50 9.78
CA ASN J 198 10.42 52.19 9.32
C ASN J 198 11.59 52.35 8.35
N LEU J 199 12.58 53.16 8.75
CA LEU J 199 13.77 53.32 7.94
C LEU J 199 14.82 52.23 8.20
N ASP J 200 14.68 51.49 9.28
CA ASP J 200 15.55 50.34 9.55
C ASP J 200 15.11 49.08 8.82
N LYS J 201 13.97 49.11 8.14
CA LYS J 201 13.44 47.97 7.42
C LYS J 201 13.76 48.00 5.93
N VAL J 202 14.53 48.99 5.47
CA VAL J 202 14.84 49.15 4.05
C VAL J 202 16.35 49.21 3.88
N PRO J 203 16.89 48.79 2.74
CA PRO J 203 18.33 48.90 2.51
C PRO J 203 18.74 50.32 2.17
N ALA J 204 20.06 50.55 2.14
CA ALA J 204 20.58 51.87 1.85
C ALA J 204 20.39 52.27 0.39
N SER J 205 20.19 51.30 -0.50
CA SER J 205 20.04 51.58 -1.92
C SER J 205 19.13 50.53 -2.54
N GLY J 206 18.82 50.73 -3.83
CA GLY J 206 18.01 49.79 -4.58
C GLY J 206 16.51 49.86 -4.33
N ALA J 207 16.08 50.38 -3.19
CA ALA J 207 14.66 50.48 -2.91
C ALA J 207 14.04 51.65 -3.68
N THR J 208 12.72 51.61 -3.83
CA THR J 208 11.96 52.63 -4.52
C THR J 208 10.91 53.19 -3.57
N LEU J 209 10.95 54.50 -3.35
CA LEU J 209 10.04 55.17 -2.43
C LEU J 209 8.78 55.63 -3.16
N ILE J 210 7.62 55.28 -2.60
CA ILE J 210 6.33 55.69 -3.14
C ILE J 210 5.69 56.63 -2.12
N VAL J 211 5.63 57.90 -2.46
CA VAL J 211 5.13 58.94 -1.55
C VAL J 211 3.68 59.22 -1.92
N GLY J 212 2.76 58.89 -1.02
CA GLY J 212 1.37 59.21 -1.22
C GLY J 212 1.03 60.60 -0.71
N ALA J 213 1.64 61.61 -1.33
CA ALA J 213 1.47 62.98 -0.86
C ALA J 213 0.04 63.45 -1.12
N PRO J 214 -0.54 64.23 -0.21
CA PRO J 214 -1.89 64.77 -0.45
C PRO J 214 -1.88 65.82 -1.55
N ASN J 215 -3.07 66.08 -2.09
CA ASN J 215 -3.24 67.06 -3.15
C ASN J 215 -4.56 67.81 -2.96
N HIS J 216 -4.59 68.67 -1.95
CA HIS J 216 -5.63 69.67 -1.83
C HIS J 216 -5.19 70.94 -2.54
N ARG J 217 -6.10 71.56 -3.28
CA ARG J 217 -5.74 72.68 -4.15
C ARG J 217 -5.18 73.85 -3.36
N GLY J 218 -3.87 74.04 -3.43
CA GLY J 218 -3.20 75.16 -2.80
C GLY J 218 -2.54 74.87 -1.48
N GLY J 219 -2.54 73.61 -1.03
CA GLY J 219 -1.94 73.29 0.25
C GLY J 219 -0.43 73.31 0.19
N SER J 220 0.19 73.62 1.33
CA SER J 220 1.64 73.65 1.48
C SER J 220 2.17 72.42 2.19
N GLY J 221 1.29 71.53 2.65
CA GLY J 221 1.73 70.34 3.36
C GLY J 221 0.51 69.51 3.71
N GLY J 222 0.78 68.33 4.25
CA GLY J 222 -0.28 67.43 4.65
C GLY J 222 0.22 66.01 4.86
N PRO J 223 -0.43 65.29 5.78
CA PRO J 223 -0.02 63.91 6.06
C PRO J 223 -0.08 63.05 4.80
N ALA J 224 0.84 62.10 4.72
CA ALA J 224 0.97 61.24 3.56
C ALA J 224 1.20 59.81 3.99
N ARG J 225 0.76 58.88 3.15
CA ARG J 225 1.04 57.46 3.34
C ARG J 225 2.17 57.07 2.40
N ILE J 226 3.30 56.65 2.97
CA ILE J 226 4.52 56.41 2.22
C ILE J 226 4.86 54.93 2.28
N PHE J 227 5.27 54.38 1.14
CA PHE J 227 5.64 52.97 1.00
C PHE J 227 7.06 52.88 0.44
N ALA J 228 7.54 51.63 0.31
CA ALA J 228 8.84 51.38 -0.26
C ALA J 228 8.92 49.91 -0.67
N MET J 229 9.64 49.64 -1.76
CA MET J 229 9.84 48.29 -2.25
C MET J 229 11.27 48.16 -2.77
N VAL J 230 11.89 47.02 -2.47
CA VAL J 230 13.27 46.77 -2.87
C VAL J 230 13.34 46.26 -4.30
ZN ZN K . 20.17 -1.19 22.16
ZN ZN K . 18.24 -2.57 22.62
ZN ZN L . 24.54 -5.76 -1.21
C1 BTB M . 26.77 9.25 33.80
O1 BTB M . 25.83 8.51 33.06
C2 BTB M . 27.32 10.44 33.00
C3 BTB M . 26.08 11.29 32.61
O3 BTB M . 26.39 12.50 31.99
C4 BTB M . 28.14 11.37 33.91
O4 BTB M . 27.68 11.38 35.25
N BTB M . 28.07 10.05 31.79
C5 BTB M . 27.32 9.83 30.57
C6 BTB M . 27.57 8.49 29.90
O6 BTB M . 27.71 8.66 28.49
C7 BTB M . 29.38 10.64 31.56
C8 BTB M . 30.56 9.69 31.69
O8 BTB M . 30.83 9.03 30.46
C1 BTB N . 8.90 10.19 31.75
O1 BTB N . 10.10 10.91 31.63
C2 BTB N . 7.98 10.45 30.54
C3 BTB N . 8.66 9.75 29.35
O3 BTB N . 10.06 9.86 29.35
C4 BTB N . 6.64 9.71 30.72
O4 BTB N . 5.99 9.46 29.49
N BTB N . 7.78 11.88 30.26
C5 BTB N . 6.54 12.48 30.73
C6 BTB N . 6.65 13.19 32.07
O6 BTB N . 5.34 13.42 32.60
C7 BTB N . 8.24 12.45 28.99
C8 BTB N . 8.69 13.90 29.05
O8 BTB N . 8.65 14.49 27.77
C1 EDO O . 11.30 15.79 34.69
O1 EDO O . 10.82 14.75 33.83
C2 EDO O . 12.54 15.30 35.43
O2 EDO O . 13.57 14.99 34.49
C1 EDO P . 30.10 -15.64 12.22
O1 EDO P . 30.25 -16.88 12.92
C2 EDO P . 31.48 -15.02 11.98
O2 EDO P . 31.33 -13.79 11.26
ZN ZN Q . -9.91 -14.77 24.07
ZN ZN R . -7.04 -13.73 24.70
ZN ZN S . -21.61 2.95 12.25
C TRS T . 3.09 -28.44 17.59
C1 TRS T . 3.93 -27.64 18.58
C2 TRS T . 2.83 -27.62 16.33
C3 TRS T . 3.78 -29.74 17.23
N TRS T . 1.79 -28.74 18.22
O1 TRS T . 3.22 -26.49 19.00
O2 TRS T . 2.10 -26.46 16.66
O3 TRS T . 3.00 -30.43 16.28
C1 BTB U . 8.51 -19.93 9.96
O1 BTB U . 9.44 -20.78 10.58
C2 BTB U . 7.46 -19.45 10.98
C3 BTB U . 8.19 -18.39 11.85
O3 BTB U . 9.25 -17.76 11.19
C4 BTB U . 7.08 -20.57 11.95
O4 BTB U . 7.99 -20.70 13.03
N BTB U . 6.27 -18.83 10.34
C5 BTB U . 6.20 -17.39 10.25
C6 BTB U . 6.62 -16.83 8.89
O6 BTB U . 8.04 -16.84 8.78
C7 BTB U . 4.99 -19.51 10.46
C8 BTB U . 4.34 -19.89 9.13
O8 BTB U . 4.96 -21.02 8.58
ZN ZN V . 10.28 -43.15 -38.34
ZN ZN V . 8.96 -45.26 -38.13
ZN ZN W . -3.19 -27.61 -50.85
C1 BTB X . 12.66 -47.40 -19.77
O1 BTB X . 12.88 -46.01 -19.88
C2 BTB X . 11.16 -47.73 -19.94
C3 BTB X . 10.40 -46.66 -19.14
O3 BTB X . 9.27 -46.17 -19.79
C4 BTB X . 10.72 -47.51 -21.40
O4 BTB X . 11.08 -48.58 -22.26
N BTB X . 10.79 -49.07 -19.46
C5 BTB X . 9.37 -49.37 -19.30
C6 BTB X . 8.95 -49.78 -17.89
O6 BTB X . 8.47 -48.64 -17.18
C7 BTB X . 11.69 -49.81 -18.59
C8 BTB X . 12.40 -50.99 -19.24
O8 BTB X . 11.69 -51.44 -20.38
C1 EDO Y . -13.18 -76.00 -43.36
O1 EDO Y . -14.02 -76.56 -42.34
C2 EDO Y . -13.99 -75.06 -44.24
O2 EDO Y . -13.17 -74.57 -45.31
C1 EDO Z . -18.29 -29.67 -40.18
O1 EDO Z . -18.36 -29.14 -38.85
C2 EDO Z . -19.35 -29.01 -41.04
O2 EDO Z . -19.16 -27.59 -41.03
C1 EDO AA . 3.44 -24.31 -24.48
O1 EDO AA . 2.98 -25.07 -23.36
C2 EDO AA . 4.97 -24.26 -24.45
O2 EDO AA . 5.43 -23.43 -25.53
O1 PG4 BA . 7.05 -60.95 -55.88
C1 PG4 BA . 6.17 -60.82 -54.77
C2 PG4 BA . 4.95 -61.67 -54.93
O2 PG4 BA . 4.41 -61.97 -53.66
C3 PG4 BA . 4.18 -63.35 -53.47
C4 PG4 BA . 4.61 -63.75 -52.09
O3 PG4 BA . 4.21 -65.08 -51.82
C5 PG4 BA . 3.84 -65.11 -50.45
C6 PG4 BA . 2.55 -64.38 -50.26
O4 PG4 BA . 2.50 -63.85 -48.95
C7 PG4 BA . 1.30 -63.10 -48.87
C8 PG4 BA . 0.53 -63.52 -47.65
O5 PG4 BA . -0.86 -63.32 -47.88
ZN ZN CA . -12.70 -62.84 -31.02
ZN ZN CA . -14.38 -64.22 -31.80
ZN ZN DA . -22.91 -51.15 -13.23
C TRS EA . -9.03 -85.89 -17.79
C1 TRS EA . -8.87 -85.08 -16.51
C2 TRS EA . -7.70 -85.93 -18.55
C3 TRS EA . -9.51 -87.29 -17.47
N TRS EA . -10.02 -85.23 -18.64
O1 TRS EA . -8.40 -83.78 -16.82
O2 TRS EA . -7.20 -84.62 -18.69
O3 TRS EA . -10.75 -87.22 -16.81
C1 BTB FA . -16.78 -60.18 -50.82
O1 BTB FA . -17.19 -58.89 -50.44
C2 BTB FA . -15.49 -60.60 -50.09
C3 BTB FA . -15.53 -59.87 -48.73
O3 BTB FA . -15.10 -60.66 -47.65
C4 BTB FA . -15.53 -62.09 -49.73
O4 BTB FA . -15.05 -62.93 -50.77
N BTB FA . -14.25 -60.24 -50.79
C5 BTB FA . -13.01 -60.33 -50.03
C6 BTB FA . -12.08 -61.46 -50.42
O6 BTB FA . -11.90 -61.49 -51.82
C7 BTB FA . -14.26 -59.12 -51.72
C8 BTB FA . -14.21 -59.47 -53.20
O8 BTB FA . -13.52 -60.68 -53.42
C1 EDO GA . -9.45 -32.34 -18.43
O1 EDO GA . -9.21 -31.04 -17.89
C2 EDO GA . -8.48 -33.34 -17.84
O2 EDO GA . -7.14 -32.97 -18.17
ZN ZN HA . 20.08 -31.75 -3.50
ZN ZN HA . 21.52 -30.03 -3.77
ZN ZN IA . 15.31 -20.75 -26.05
C TRS JA . 14.05 -25.68 13.91
C1 TRS JA . 13.61 -24.34 13.30
C2 TRS JA . 15.29 -26.19 13.20
C3 TRS JA . 14.31 -25.52 15.40
N TRS JA . 12.97 -26.65 13.73
O1 TRS JA . 13.47 -24.48 11.91
O2 TRS JA . 16.37 -25.31 13.45
O3 TRS JA . 13.15 -25.07 16.04
C1 EDO KA . 37.48 -25.48 -18.37
O1 EDO KA . 37.41 -26.35 -17.23
C2 EDO KA . 36.07 -25.16 -18.86
O2 EDO KA . 35.31 -24.60 -17.77
C1 EDO LA . 8.82 -66.64 -1.62
O1 EDO LA . 8.62 -65.40 -0.94
C2 EDO LA . 10.31 -66.88 -1.82
O2 EDO LA . 10.86 -65.84 -2.65
C1 EDO MA . 25.40 -23.73 -25.08
O1 EDO MA . 24.58 -22.62 -24.68
C2 EDO MA . 25.18 -24.90 -24.13
O2 EDO MA . 26.04 -25.98 -24.50
ZN ZN NA . -6.10 -47.38 2.55
ZN ZN NA . -4.05 -46.08 2.51
ZN ZN OA . -20.19 -28.11 6.93
C1 BTB PA . 1.85 -54.97 -11.17
O1 BTB PA . 2.91 -55.28 -10.28
C2 BTB PA . 2.28 -53.96 -12.23
C3 BTB PA . 2.74 -52.66 -11.57
O3 BTB PA . 3.73 -52.90 -10.58
C4 BTB PA . 3.44 -54.54 -13.06
O4 BTB PA . 4.66 -54.50 -12.35
N BTB PA . 1.11 -53.70 -13.13
C5 BTB PA . 1.17 -52.39 -13.86
C6 BTB PA . -0.01 -51.50 -13.57
O6 BTB PA . -1.20 -52.05 -14.08
C7 BTB PA . 0.81 -54.85 -14.04
C8 BTB PA . 0.46 -54.42 -15.44
O8 BTB PA . -0.91 -54.09 -15.55
C1 BTB QA . -25.65 -45.39 14.01
O1 BTB QA . -27.00 -45.61 14.36
C2 BTB QA . -24.88 -46.72 13.86
C3 BTB QA . -23.47 -46.43 14.43
O3 BTB QA . -23.49 -46.04 15.77
C4 BTB QA . -25.47 -47.78 14.82
O4 BTB QA . -26.69 -48.32 14.36
N BTB QA . -24.80 -47.21 12.49
C5 BTB QA . -23.47 -47.35 11.88
C6 BTB QA . -23.20 -46.41 10.71
O6 BTB QA . -23.18 -45.06 11.15
C7 BTB QA . -25.86 -46.91 11.55
C8 BTB QA . -26.73 -48.08 11.13
O8 BTB QA . -26.02 -49.30 11.20
C1 EDO RA . -4.41 -13.21 2.39
O1 EDO RA . -4.86 -14.44 2.96
C2 EDO RA . -4.93 -13.09 0.97
O2 EDO RA . -4.43 -11.88 0.38
C1 EDO SA . -15.79 -32.20 15.74
O1 EDO SA . -15.57 -33.43 16.42
C2 EDO SA . -15.80 -31.04 16.74
O2 EDO SA . -16.80 -31.29 17.74
C1 EDO TA . -27.48 -28.46 7.12
O1 EDO TA . -28.07 -29.26 8.16
C2 EDO TA . -27.10 -29.36 5.95
O2 EDO TA . -28.28 -29.97 5.40
ZN ZN UA . -14.66 24.87 24.46
ZN ZN VA . -17.03 23.08 23.47
ZN ZN WA . -21.48 31.41 1.25
C1 BTB XA . -6.77 10.48 31.85
O1 BTB XA . -7.11 11.77 32.29
C2 BTB XA . -5.80 10.56 30.65
C3 BTB XA . -6.17 9.38 29.73
O3 BTB XA . -5.85 9.58 28.38
C4 BTB XA . -6.09 11.83 29.82
O4 BTB XA . -5.45 11.82 28.56
N BTB XA . -4.38 10.48 31.03
C5 BTB XA . -3.65 9.27 30.70
C6 BTB XA . -2.58 9.44 29.63
O6 BTB XA . -3.16 9.96 28.45
C7 BTB XA . -3.96 11.08 32.29
C8 BTB XA . -3.54 12.52 32.22
O8 BTB XA . -3.20 12.89 30.90
C1 BTB YA . -1.03 13.29 5.83
O1 BTB YA . 0.36 13.46 5.75
C2 BTB YA . -1.51 13.31 7.29
C3 BTB YA . -2.74 12.38 7.35
O3 BTB YA . -3.48 12.33 6.16
C4 BTB YA . -0.46 12.63 8.19
O4 BTB YA . -1.00 12.24 9.45
N BTB YA . -1.85 14.65 7.79
C5 BTB YA . -3.11 15.25 7.37
C6 BTB YA . -4.13 15.46 8.48
O6 BTB YA . -5.22 16.25 8.02
C7 BTB YA . -0.76 15.60 7.97
C8 BTB YA . -0.67 16.71 6.94
O8 BTB YA . 0.67 16.99 6.61
C1 EDO ZA . -38.75 37.59 23.11
O1 EDO ZA . -39.19 38.94 23.30
C2 EDO ZA . -39.95 36.66 23.24
O2 EDO ZA . -39.51 35.30 23.07
ZN ZN AB . 13.02 37.07 25.99
ZN ZN BB . 10.25 36.05 26.76
ZN ZN CB . 24.99 21.12 11.72
C TRS DB . -0.74 51.65 21.17
C1 TRS DB . -0.67 52.63 20.00
C2 TRS DB . 0.66 51.37 21.70
C3 TRS DB . -1.40 50.35 20.73
N TRS DB . -1.54 52.26 22.23
O1 TRS DB . -0.08 53.83 20.43
O2 TRS DB . 0.60 50.33 22.64
O3 TRS DB . -1.49 49.47 21.83
C1 BTB EB . 32.28 36.32 27.12
O1 BTB EB . 32.85 36.97 28.23
C2 BTB EB . 32.21 34.80 27.34
C3 BTB EB . 31.07 34.59 28.36
O3 BTB EB . 31.31 35.19 29.59
C4 BTB EB . 31.74 34.08 26.06
O4 BTB EB . 32.43 34.49 24.90
N BTB EB . 33.44 34.22 27.87
C5 BTB EB . 33.36 32.84 28.35
C6 BTB EB . 33.97 32.61 29.73
O6 BTB EB . 35.39 32.58 29.65
C7 BTB EB . 34.71 34.56 27.23
C8 BTB EB . 35.43 33.45 26.49
O8 BTB EB . 36.41 32.84 27.30
C1 EDO FB . 15.31 44.72 4.03
O1 EDO FB . 14.73 44.79 2.72
C2 EDO FB . 16.74 45.24 3.99
O2 EDO FB . 17.49 44.46 3.04
C1 EDO GB . -21.54 19.56 44.29
O1 EDO GB . -20.51 18.65 44.70
C2 EDO GB . -20.93 20.60 43.35
O2 EDO GB . -19.85 21.27 44.02
C1 EDO HB . 2.96 26.52 23.78
O1 EDO HB . 4.03 25.89 24.48
C2 EDO HB . 1.63 26.15 24.45
O2 EDO HB . 0.56 26.88 23.81
ZN ZN IB . -19.04 55.21 0.90
ZN ZN JB . -17.06 57.29 1.78
ZN ZN KB . -14.21 51.13 -21.39
C TRS LB . -3.64 89.38 10.24
C1 TRS LB . -5.09 88.96 10.36
C2 TRS LB . -2.78 88.19 9.80
C3 TRS LB . -3.13 89.92 11.57
N TRS LB . -3.53 90.43 9.23
O1 TRS LB . -5.56 88.52 9.10
O2 TRS LB . -2.96 87.13 10.71
O3 TRS LB . -1.78 90.30 11.45
C1 BTB MB . -13.12 47.01 18.42
O1 BTB MB . -13.38 47.93 19.46
C2 BTB MB . -11.88 47.43 17.60
C3 BTB MB . -10.69 47.26 18.56
O3 BTB MB . -11.05 47.41 19.92
C4 BTB MB . -11.62 46.40 16.48
O4 BTB MB . -10.38 46.58 15.84
N BTB MB . -11.93 48.80 17.08
C5 BTB MB . -11.33 49.86 17.86
C6 BTB MB . -10.33 50.72 17.11
O6 BTB MB . -9.34 49.90 16.50
C7 BTB MB . -13.08 49.19 16.27
C8 BTB MB . -13.94 50.33 16.81
O8 BTB MB . -14.46 50.02 18.09
C1 EDO NB . -21.39 44.45 13.08
O1 EDO NB . -21.59 45.77 12.54
C2 EDO NB . -20.00 43.95 12.69
O2 EDO NB . -19.01 44.82 13.26
C1 EDO OB . -5.56 43.52 14.29
O1 EDO OB . -4.52 42.57 14.05
C2 EDO OB . -6.56 43.49 13.14
O2 EDO OB . -7.15 42.20 13.06
C1 BTB PB . -13.64 78.18 -1.80
O1 BTB PB . -12.54 77.37 -2.14
C2 BTB PB . -13.35 79.02 -0.55
C3 BTB PB . -13.05 78.03 0.60
O3 BTB PB . -11.82 77.37 0.46
C4 BTB PB . -12.04 79.82 -0.74
O4 BTB PB . -11.35 80.05 0.47
N BTB PB . -14.46 79.90 -0.15
C5 BTB PB . -15.58 79.25 0.52
C6 BTB PB . -15.93 79.84 1.88
O6 BTB PB . -14.79 79.82 2.74
C7 BTB PB . -14.83 80.98 -1.04
C8 BTB PB . -16.25 80.98 -1.58
O8 BTB PB . -17.11 81.78 -0.80
ZN ZN QB . 9.40 70.98 7.80
ZN ZN RB . 6.48 70.17 7.75
ZN ZN SB . 23.10 51.41 9.68
C TRS TB . -23.92 66.43 13.89
C1 TRS TB . -23.94 65.76 12.51
C2 TRS TB . -24.97 65.79 14.79
C3 TRS TB . -24.20 67.93 13.75
N TRS TB . -22.60 66.24 14.49
O1 TRS TB . -25.22 65.88 11.94
O2 TRS TB . -24.85 64.40 14.72
O3 TRS TB . -23.27 68.49 12.85
C1 BTB UB . 1.23 81.07 -5.11
O1 BTB UB . 1.47 80.92 -3.73
C2 BTB UB . 0.35 79.93 -5.64
C3 BTB UB . 0.93 78.62 -5.06
O3 BTB UB . 0.37 77.48 -5.62
C4 BTB UB . -1.06 80.03 -5.05
O4 BTB UB . -1.72 78.78 -4.95
N BTB UB . 0.35 79.82 -7.11
C5 BTB UB . 1.50 80.38 -7.80
C6 BTB UB . 2.44 79.35 -8.43
O6 BTB UB . 3.60 80.00 -8.92
C7 BTB UB . -0.90 79.96 -7.84
C8 BTB UB . -1.55 78.66 -8.31
O8 BTB UB . -2.29 78.06 -7.27
C1 BTB VB . 24.48 66.13 -14.49
O1 BTB VB . 25.31 66.07 -13.35
C2 BTB VB . 23.02 66.39 -14.09
C3 BTB VB . 22.81 65.61 -12.78
O3 BTB VB . 22.09 66.32 -11.81
C4 BTB VB . 22.81 67.87 -13.73
O4 BTB VB . 21.55 68.13 -13.14
N BTB VB . 22.04 65.95 -15.11
C5 BTB VB . 20.80 65.34 -14.64
C6 BTB VB . 19.53 65.84 -15.32
O6 BTB VB . 19.57 67.24 -15.46
C7 BTB VB . 22.52 65.43 -16.38
C8 BTB VB . 22.47 66.40 -17.55
O8 BTB VB . 21.40 67.31 -17.44
C1 EDO WB . 25.81 70.49 18.07
O1 EDO WB . 25.14 71.37 18.97
C2 EDO WB . 25.67 71.02 16.64
O2 EDO WB . 26.32 70.13 15.73
#